data_3R0H
#
_entry.id   3R0H
#
_cell.length_a   73.079
_cell.length_b   134.988
_cell.length_c   215.986
_cell.angle_alpha   90.000
_cell.angle_beta   90.000
_cell.angle_gamma   90.000
#
_symmetry.space_group_name_H-M   'P 21 21 21'
#
loop_
_entity.id
_entity.type
_entity.pdbx_description
1 polymer 'Inactivation-no-after-potential D protein'
2 polymer NG2
3 non-polymer 2,3-DIHYDROXY-1,4-DITHIOBUTANE
4 non-polymer (2S,3S)-1,4-DIMERCAPTOBUTANE-2,3-DIOL
5 non-polymer 'SULFATE ION'
6 water water
#
loop_
_entity_poly.entity_id
_entity_poly.type
_entity_poly.pdbx_seq_one_letter_code
_entity_poly.pdbx_strand_id
1 'polypeptide(L)'
;GPGSKPQEPATAEIKPNKKILIELKVEKKPMGVIVCGGKNNHVTTGCVITHVYPEGQVAADKRLKIFDHICDINGTPIHV
GSMTTLKVHQLFHTTYEKAVTLTVFRADPPELEKFNVDLMKKAGKELGLSLSPNEIGCTIADLIQGQYPEIDSKLQRGDI
ITKFNGDALEGLPFQVCYALFKGANGKVSMEVTRPKPTLRTEAPKA
;
A,B,C,D,E,F,G,H
2 'polypeptide(L)' ALRNGQYWV a,b,c,d,e,f,g,h
#
loop_
_chem_comp.id
_chem_comp.type
_chem_comp.name
_chem_comp.formula
DTT non-polymer 2,3-DIHYDROXY-1,4-DITHIOBUTANE 'C4 H10 O2 S2'
DTV non-polymer (2S,3S)-1,4-DIMERCAPTOBUTANE-2,3-DIOL 'C4 H10 O2 S2'
SO4 non-polymer 'SULFATE ION' 'O4 S -2'
#
# COMPACT_ATOMS: atom_id res chain seq x y z
CA GLN A 7 29.06 5.34 25.29
C GLN A 7 28.25 4.10 25.67
N GLU A 8 27.27 4.29 26.55
CA GLU A 8 26.36 3.23 26.95
C GLU A 8 25.72 2.57 25.72
N PRO A 9 25.79 1.21 25.64
CA PRO A 9 25.32 0.41 24.49
C PRO A 9 23.85 0.64 24.14
N ALA A 10 23.02 0.92 25.13
CA ALA A 10 21.59 1.14 24.94
C ALA A 10 21.29 2.32 24.01
N THR A 11 22.14 3.34 24.01
CA THR A 11 21.89 4.56 23.26
C THR A 11 23.05 4.98 22.35
N ALA A 12 24.10 4.16 22.30
CA ALA A 12 25.28 4.48 21.49
C ALA A 12 24.94 4.71 20.02
N GLU A 13 25.42 5.81 19.46
CA GLU A 13 25.29 6.10 18.03
C GLU A 13 26.15 5.12 17.23
N ILE A 14 25.86 4.94 15.95
CA ILE A 14 26.75 4.11 15.15
C ILE A 14 27.68 4.97 14.29
N LYS A 15 28.92 5.13 14.76
CA LYS A 15 29.96 5.76 13.98
C LYS A 15 30.39 4.78 12.88
N PRO A 16 30.63 5.31 11.68
CA PRO A 16 31.22 4.52 10.60
C PRO A 16 32.58 3.94 10.98
N ASN A 17 32.89 2.77 10.41
CA ASN A 17 34.22 2.19 10.55
C ASN A 17 34.72 2.12 12.00
N LYS A 18 33.85 1.64 12.89
CA LYS A 18 34.20 1.39 14.30
C LYS A 18 33.26 0.32 14.83
N LYS A 19 33.81 -0.78 15.35
CA LYS A 19 32.97 -1.79 15.98
C LYS A 19 32.26 -1.18 17.18
N ILE A 20 30.94 -1.19 17.13
CA ILE A 20 30.13 -0.64 18.22
C ILE A 20 29.37 -1.78 18.86
N LEU A 21 29.46 -1.86 20.18
CA LEU A 21 28.61 -2.76 20.94
C LEU A 21 27.34 -2.00 21.30
N ILE A 22 26.21 -2.56 20.88
CA ILE A 22 24.91 -1.96 21.17
C ILE A 22 24.00 -2.90 21.97
N GLU A 23 22.99 -2.33 22.59
CA GLU A 23 21.98 -3.10 23.25
C GLU A 23 20.61 -2.65 22.80
N LEU A 24 19.82 -3.61 22.33
CA LEU A 24 18.55 -3.38 21.67
C LEU A 24 17.36 -3.91 22.48
N LYS A 25 16.34 -3.09 22.66
CA LYS A 25 15.10 -3.52 23.29
C LYS A 25 14.36 -4.51 22.39
N VAL A 26 14.21 -5.76 22.84
CA VAL A 26 13.46 -6.76 22.03
C VAL A 26 12.11 -7.13 22.69
N GLU A 27 12.17 -7.53 23.95
CA GLU A 27 10.97 -7.76 24.75
C GLU A 27 9.90 -8.62 24.06
N LYS A 28 10.37 -9.76 23.55
CA LYS A 28 9.53 -10.84 22.99
C LYS A 28 8.88 -10.51 21.65
N LYS A 29 9.28 -9.39 21.03
CA LYS A 29 8.75 -9.02 19.72
C LYS A 29 9.78 -9.31 18.65
N PRO A 30 9.33 -9.61 17.42
CA PRO A 30 10.36 -10.02 16.47
C PRO A 30 11.38 -8.93 16.19
N MET A 31 12.63 -9.34 15.96
CA MET A 31 13.69 -8.47 15.44
C MET A 31 13.39 -7.94 14.04
N GLY A 32 12.83 -8.81 13.20
CA GLY A 32 12.44 -8.45 11.85
C GLY A 32 13.61 -7.95 11.03
N VAL A 33 14.62 -8.79 10.85
CA VAL A 33 15.67 -8.51 9.87
C VAL A 33 15.82 -9.64 8.85
N ILE A 34 16.36 -9.31 7.67
CA ILE A 34 16.83 -10.37 6.78
C ILE A 34 18.35 -10.38 6.79
N VAL A 35 18.92 -11.51 7.15
CA VAL A 35 20.38 -11.61 7.19
C VAL A 35 20.89 -12.66 6.21
N CYS A 36 22.18 -12.59 5.92
CA CYS A 36 22.81 -13.55 5.04
C CYS A 36 24.08 -13.96 5.72
N GLY A 37 24.66 -15.07 5.27
CA GLY A 37 25.91 -15.55 5.84
C GLY A 37 25.80 -16.98 6.34
N GLY A 38 26.87 -17.74 6.13
CA GLY A 38 26.95 -19.14 6.53
C GLY A 38 28.05 -19.89 5.81
N LYS A 39 28.30 -21.12 6.24
CA LYS A 39 29.39 -21.92 5.67
C LYS A 39 29.01 -22.56 4.34
N ASN A 40 27.71 -22.79 4.16
CA ASN A 40 27.16 -23.35 2.93
C ASN A 40 26.48 -22.22 2.14
N ASN A 41 26.66 -21.00 2.63
CA ASN A 41 26.03 -19.79 2.08
C ASN A 41 26.84 -19.20 0.92
N HIS A 42 26.23 -18.31 0.15
CA HIS A 42 26.99 -17.54 -0.85
C HIS A 42 27.82 -16.44 -0.19
N VAL A 43 27.39 -15.97 0.98
CA VAL A 43 28.20 -15.03 1.77
C VAL A 43 28.88 -15.80 2.89
N THR A 44 30.21 -15.90 2.82
CA THR A 44 30.96 -16.74 3.74
C THR A 44 31.94 -15.94 4.62
N THR A 45 31.75 -14.64 4.63
CA THR A 45 32.72 -13.71 5.19
C THR A 45 32.20 -12.92 6.40
N GLY A 46 30.89 -12.99 6.66
CA GLY A 46 30.25 -12.31 7.80
C GLY A 46 28.72 -12.37 7.78
N CYS A 47 28.10 -11.81 8.81
CA CYS A 47 26.65 -11.70 8.87
C CYS A 47 26.25 -10.26 8.62
N VAL A 48 25.37 -10.07 7.63
CA VAL A 48 25.01 -8.75 7.15
C VAL A 48 23.49 -8.61 7.00
N ILE A 49 22.97 -7.49 7.51
CA ILE A 49 21.55 -7.16 7.43
C ILE A 49 21.26 -6.71 6.00
N THR A 50 20.36 -7.39 5.29
CA THR A 50 19.96 -6.93 3.97
C THR A 50 18.53 -6.39 3.88
N HIS A 51 17.81 -6.42 5.00
CA HIS A 51 16.48 -5.80 5.08
C HIS A 51 16.07 -5.62 6.52
N VAL A 52 15.46 -4.47 6.80
CA VAL A 52 14.85 -4.16 8.10
C VAL A 52 13.33 -4.00 7.93
N TYR A 53 12.56 -4.89 8.57
CA TYR A 53 11.10 -4.74 8.61
C TYR A 53 10.66 -3.58 9.51
N PRO A 54 9.95 -2.61 8.91
CA PRO A 54 9.52 -1.43 9.67
C PRO A 54 8.76 -1.73 10.95
N GLU A 55 8.10 -2.89 11.02
CA GLU A 55 7.25 -3.30 12.16
C GLU A 55 8.00 -3.98 13.28
N GLY A 56 9.26 -4.32 13.04
CA GLY A 56 10.03 -5.11 13.99
C GLY A 56 10.79 -4.24 14.97
N GLN A 57 11.57 -4.90 15.81
CA GLN A 57 12.26 -4.21 16.89
C GLN A 57 13.53 -3.52 16.43
N VAL A 58 14.22 -4.08 15.43
CA VAL A 58 15.36 -3.37 14.88
C VAL A 58 14.94 -1.97 14.40
N ALA A 59 13.85 -1.91 13.64
CA ALA A 59 13.33 -0.61 13.21
C ALA A 59 12.94 0.26 14.39
N ALA A 60 12.32 -0.32 15.41
CA ALA A 60 11.87 0.45 16.58
C ALA A 60 13.06 1.05 17.35
N ASP A 61 14.23 0.43 17.18
CA ASP A 61 15.46 0.93 17.79
C ASP A 61 16.11 2.08 16.97
N LYS A 62 15.81 2.13 15.67
CA LYS A 62 16.18 3.24 14.77
C LYS A 62 17.65 3.31 14.37
N ARG A 63 18.50 2.45 14.92
CA ARG A 63 19.93 2.60 14.68
C ARG A 63 20.48 1.84 13.47
N LEU A 64 20.18 0.54 13.36
CA LEU A 64 20.76 -0.30 12.31
C LEU A 64 20.23 0.03 10.92
N LYS A 65 21.10 -0.10 9.93
CA LYS A 65 20.77 0.16 8.54
C LYS A 65 21.05 -1.10 7.74
N ILE A 66 20.63 -1.10 6.48
CA ILE A 66 21.04 -2.16 5.56
C ILE A 66 22.55 -2.10 5.35
N PHE A 67 23.18 -3.28 5.26
CA PHE A 67 24.63 -3.42 5.08
C PHE A 67 25.46 -3.43 6.37
N ASP A 68 24.82 -3.18 7.51
CA ASP A 68 25.51 -3.31 8.79
C ASP A 68 25.93 -4.77 8.98
N HIS A 69 27.17 -4.94 9.40
CA HIS A 69 27.80 -6.23 9.59
C HIS A 69 27.68 -6.60 11.07
N ILE A 70 26.98 -7.69 11.35
CA ILE A 70 26.78 -8.14 12.74
C ILE A 70 27.89 -9.10 13.13
N CYS A 71 28.64 -8.75 14.17
CA CYS A 71 29.81 -9.56 14.55
C CYS A 71 29.51 -10.51 15.69
N ASP A 72 28.76 -10.02 16.67
CA ASP A 72 28.45 -10.76 17.85
C ASP A 72 26.97 -10.58 18.12
N ILE A 73 26.31 -11.64 18.58
CA ILE A 73 24.94 -11.57 19.10
C ILE A 73 24.89 -12.26 20.47
N ASN A 74 24.60 -11.47 21.50
CA ASN A 74 24.69 -11.92 22.90
C ASN A 74 26.07 -12.46 23.27
N GLY A 75 26.15 -13.73 23.63
CA GLY A 75 27.44 -14.35 23.91
C GLY A 75 28.20 -14.62 22.61
N THR A 76 27.45 -14.97 21.58
CA THR A 76 27.99 -15.61 20.39
C THR A 76 28.61 -14.64 19.40
N PRO A 77 29.92 -14.78 19.15
CA PRO A 77 30.48 -14.11 17.98
C PRO A 77 30.01 -14.85 16.73
N ILE A 78 29.57 -14.11 15.73
CA ILE A 78 28.97 -14.69 14.53
C ILE A 78 29.98 -14.89 13.40
N HIS A 79 30.83 -15.89 13.56
CA HIS A 79 31.77 -16.30 12.52
C HIS A 79 31.06 -17.28 11.62
N VAL A 80 30.65 -16.81 10.45
CA VAL A 80 29.78 -17.60 9.55
C VAL A 80 30.52 -18.71 8.82
N GLY A 81 31.83 -18.54 8.67
CA GLY A 81 32.70 -19.62 8.19
C GLY A 81 32.49 -20.96 8.90
N SER A 82 32.15 -20.91 10.19
CA SER A 82 31.86 -22.14 10.95
C SER A 82 30.45 -22.19 11.57
N MET A 83 29.48 -21.54 10.92
CA MET A 83 28.04 -21.68 11.25
C MET A 83 27.22 -21.91 9.98
N THR A 84 26.18 -22.73 10.07
CA THR A 84 25.24 -22.90 8.94
C THR A 84 24.43 -21.63 8.65
N THR A 85 24.00 -21.49 7.40
CA THR A 85 23.08 -20.46 6.99
C THR A 85 21.86 -20.49 7.90
N LEU A 86 21.47 -21.71 8.28
CA LEU A 86 20.32 -21.90 9.13
C LEU A 86 20.59 -21.24 10.48
N LYS A 87 21.68 -21.65 11.12
CA LYS A 87 22.05 -21.17 12.44
C LYS A 87 22.12 -19.65 12.43
N VAL A 88 22.77 -19.10 11.40
CA VAL A 88 22.90 -17.65 11.31
C VAL A 88 21.52 -17.01 11.34
N HIS A 89 20.69 -17.37 10.37
CA HIS A 89 19.34 -16.82 10.24
C HIS A 89 18.52 -17.00 11.54
N GLN A 90 18.66 -18.16 12.15
CA GLN A 90 17.85 -18.56 13.30
C GLN A 90 18.18 -17.81 14.60
N LEU A 91 19.40 -17.29 14.69
CA LEU A 91 19.78 -16.41 15.79
C LEU A 91 18.99 -15.10 15.71
N PHE A 92 18.62 -14.69 14.50
CA PHE A 92 17.87 -13.46 14.34
C PHE A 92 16.35 -13.64 14.42
N HIS A 93 15.90 -14.88 14.30
CA HIS A 93 14.47 -15.15 14.32
C HIS A 93 13.95 -15.73 15.61
N THR A 94 14.87 -16.07 16.51
CA THR A 94 14.51 -16.41 17.90
C THR A 94 13.83 -15.20 18.53
N THR A 95 12.84 -15.44 19.39
CA THR A 95 12.26 -14.35 20.16
C THR A 95 12.93 -14.31 21.51
N TYR A 96 13.52 -13.17 21.82
CA TYR A 96 14.28 -12.99 23.04
C TYR A 96 13.45 -12.21 24.03
N GLU A 97 13.68 -12.49 25.32
CA GLU A 97 12.79 -12.02 26.38
C GLU A 97 13.00 -10.55 26.76
N LYS A 98 14.25 -10.09 26.76
CA LYS A 98 14.55 -8.75 27.26
C LYS A 98 15.23 -7.91 26.21
N ALA A 99 16.54 -7.77 26.36
CA ALA A 99 17.37 -6.97 25.48
C ALA A 99 18.48 -7.84 24.89
N VAL A 100 18.92 -7.48 23.70
CA VAL A 100 19.92 -8.27 22.99
C VAL A 100 21.14 -7.39 22.73
N THR A 101 22.32 -7.91 23.04
CA THR A 101 23.54 -7.17 22.76
C THR A 101 24.08 -7.61 21.41
N LEU A 102 24.63 -6.66 20.67
CA LEU A 102 25.15 -6.92 19.32
C LEU A 102 26.40 -6.09 19.13
N THR A 103 27.39 -6.62 18.41
CA THR A 103 28.47 -5.77 17.96
C THR A 103 28.37 -5.57 16.45
N VAL A 104 28.36 -4.29 16.05
CA VAL A 104 28.03 -3.89 14.69
C VAL A 104 29.19 -3.12 14.03
N PHE A 105 29.30 -3.25 12.71
CA PHE A 105 30.26 -2.48 11.95
C PHE A 105 29.61 -1.93 10.68
N ARG A 106 29.52 -0.61 10.60
CA ARG A 106 28.99 0.06 9.43
C ARG A 106 30.17 0.48 8.55
N ALA A 107 30.31 -0.21 7.43
CA ALA A 107 31.35 0.13 6.43
C ALA A 107 30.96 1.35 5.60
N ASP A 108 31.86 2.33 5.56
CA ASP A 108 31.74 3.48 4.67
C ASP A 108 33.05 3.75 3.91
N PRO A 109 33.04 3.57 2.58
CA PRO A 109 31.86 3.16 1.82
C PRO A 109 31.48 1.70 2.12
N PRO A 110 30.26 1.28 1.72
CA PRO A 110 29.85 -0.11 1.94
C PRO A 110 30.65 -1.11 1.11
N GLU A 111 30.53 -2.37 1.46
CA GLU A 111 31.36 -3.43 0.91
C GLU A 111 30.48 -4.48 0.24
N LEU A 112 30.43 -4.44 -1.07
CA LEU A 112 29.43 -5.20 -1.79
C LEU A 112 29.98 -5.94 -3.00
N GLU A 113 29.35 -7.06 -3.31
CA GLU A 113 29.49 -7.76 -4.59
C GLU A 113 28.30 -7.36 -5.48
N LYS A 114 28.53 -7.19 -6.78
CA LYS A 114 27.44 -6.86 -7.73
C LYS A 114 27.47 -7.73 -8.98
N PHE A 115 26.49 -8.61 -9.12
CA PHE A 115 26.41 -9.52 -10.27
C PHE A 115 25.06 -9.43 -11.04
N ASN A 116 24.98 -10.21 -12.12
CA ASN A 116 23.81 -10.26 -12.99
C ASN A 116 23.23 -11.66 -13.09
N VAL A 117 21.92 -11.74 -13.26
CA VAL A 117 21.25 -13.03 -13.40
C VAL A 117 20.26 -12.95 -14.54
N ASP A 118 20.44 -13.80 -15.55
CA ASP A 118 19.62 -13.76 -16.73
C ASP A 118 19.00 -15.10 -17.05
N LEU A 119 17.72 -15.08 -17.40
CA LEU A 119 17.00 -16.29 -17.77
C LEU A 119 15.91 -15.96 -18.78
N MET A 120 15.33 -17.00 -19.32
CA MET A 120 14.14 -16.89 -20.15
C MET A 120 13.03 -17.51 -19.31
N LYS A 121 12.20 -16.66 -18.70
CA LYS A 121 11.06 -17.11 -17.92
C LYS A 121 10.00 -17.75 -18.84
N LYS A 122 9.40 -18.84 -18.34
CA LYS A 122 8.28 -19.47 -19.01
C LYS A 122 6.95 -18.90 -18.47
N ALA A 123 6.03 -18.60 -19.38
CA ALA A 123 4.72 -18.01 -19.05
C ALA A 123 3.92 -18.84 -18.04
N GLY A 124 3.54 -18.20 -16.93
CA GLY A 124 2.87 -18.89 -15.82
C GLY A 124 3.74 -19.88 -15.05
N LYS A 125 5.04 -19.63 -15.00
CA LYS A 125 5.94 -20.39 -14.15
C LYS A 125 6.76 -19.37 -13.39
N GLU A 126 6.34 -19.11 -12.16
CA GLU A 126 6.92 -18.09 -11.30
C GLU A 126 8.42 -18.28 -11.06
N LEU A 127 9.09 -17.17 -10.78
CA LEU A 127 10.49 -17.18 -10.41
C LEU A 127 10.71 -17.94 -9.09
N GLY A 128 9.66 -17.99 -8.28
CA GLY A 128 9.71 -18.62 -6.96
C GLY A 128 10.34 -17.70 -5.93
N LEU A 129 10.11 -16.40 -6.07
CA LEU A 129 10.70 -15.38 -5.17
C LEU A 129 9.65 -14.52 -4.42
N SER A 130 9.93 -14.23 -3.15
CA SER A 130 9.08 -13.35 -2.34
C SER A 130 9.91 -12.17 -1.83
N LEU A 131 9.49 -10.96 -2.18
CA LEU A 131 10.39 -9.82 -2.13
C LEU A 131 10.03 -8.81 -1.08
N SER A 132 11.03 -8.14 -0.53
CA SER A 132 10.77 -7.05 0.38
C SER A 132 11.48 -5.80 -0.13
N PRO A 133 10.72 -4.76 -0.45
CA PRO A 133 11.30 -3.55 -1.07
C PRO A 133 11.97 -2.61 -0.06
N ASN A 134 13.05 -1.94 -0.47
CA ASN A 134 13.80 -1.01 0.41
C ASN A 134 14.66 -0.04 -0.40
N GLU A 135 15.44 0.80 0.28
CA GLU A 135 16.16 1.86 -0.40
C GLU A 135 17.19 1.36 -1.39
N ILE A 136 17.60 0.09 -1.24
CA ILE A 136 18.60 -0.47 -2.15
C ILE A 136 17.93 -1.16 -3.34
N GLY A 137 16.85 -1.87 -3.07
CA GLY A 137 16.14 -2.65 -4.09
C GLY A 137 15.18 -3.59 -3.42
N CYS A 138 14.96 -4.75 -4.03
CA CYS A 138 14.01 -5.73 -3.49
C CYS A 138 14.78 -6.88 -2.91
N THR A 139 14.87 -6.92 -1.58
CA THR A 139 15.56 -8.03 -0.92
C THR A 139 14.73 -9.29 -1.12
N ILE A 140 15.40 -10.41 -1.37
CA ILE A 140 14.72 -11.70 -1.48
C ILE A 140 14.43 -12.19 -0.08
N ALA A 141 13.15 -12.39 0.25
CA ALA A 141 12.77 -12.85 1.61
C ALA A 141 12.73 -14.35 1.73
N ASP A 142 12.37 -15.01 0.65
CA ASP A 142 12.25 -16.46 0.64
C ASP A 142 12.15 -16.92 -0.81
N LEU A 143 12.54 -18.17 -1.06
CA LEU A 143 12.49 -18.68 -2.42
C LEU A 143 12.27 -20.17 -2.50
N ILE A 144 11.48 -20.59 -3.48
CA ILE A 144 11.31 -22.00 -3.74
C ILE A 144 12.33 -22.43 -4.80
N GLN A 145 13.22 -23.32 -4.41
CA GLN A 145 14.22 -23.89 -5.32
C GLN A 145 13.51 -24.78 -6.33
N GLY A 146 14.10 -24.90 -7.52
CA GLY A 146 13.62 -25.82 -8.54
C GLY A 146 12.78 -25.17 -9.62
N GLN A 147 12.77 -23.85 -9.66
CA GLN A 147 12.01 -23.15 -10.69
C GLN A 147 12.87 -22.86 -11.93
N TYR A 148 14.04 -22.26 -11.71
CA TYR A 148 14.96 -21.92 -12.79
C TYR A 148 16.40 -22.21 -12.37
N PRO A 149 17.12 -23.02 -13.17
CA PRO A 149 18.49 -23.42 -12.81
C PRO A 149 19.35 -22.23 -12.42
N GLU A 150 19.17 -21.11 -13.10
CA GLU A 150 19.95 -19.89 -12.85
C GLU A 150 19.77 -19.32 -11.44
N ILE A 151 18.57 -19.44 -10.90
CA ILE A 151 18.24 -18.88 -9.59
C ILE A 151 18.88 -19.68 -8.46
N ASP A 152 18.82 -21.01 -8.58
CA ASP A 152 19.38 -21.93 -7.58
C ASP A 152 20.86 -21.71 -7.35
N SER A 153 21.59 -21.64 -8.47
CA SER A 153 23.04 -21.52 -8.45
C SER A 153 23.55 -20.10 -8.19
N LYS A 154 22.73 -19.09 -8.44
CA LYS A 154 23.22 -17.72 -8.33
C LYS A 154 22.51 -16.83 -7.30
N LEU A 155 21.34 -17.24 -6.82
CA LEU A 155 20.58 -16.45 -5.84
C LEU A 155 20.18 -17.17 -4.55
N GLN A 156 20.20 -16.41 -3.44
CA GLN A 156 19.76 -16.90 -2.15
C GLN A 156 18.97 -15.84 -1.40
N ARG A 157 18.27 -16.28 -0.34
CA ARG A 157 17.61 -15.37 0.62
C ARG A 157 18.63 -14.33 1.09
N GLY A 158 18.25 -13.06 1.08
CA GLY A 158 19.13 -12.02 1.55
C GLY A 158 19.74 -11.20 0.45
N ASP A 159 19.72 -11.72 -0.78
CA ASP A 159 20.22 -10.95 -1.91
C ASP A 159 19.27 -9.82 -2.22
N ILE A 160 19.78 -8.70 -2.74
CA ILE A 160 18.97 -7.54 -3.06
C ILE A 160 18.92 -7.33 -4.56
N ILE A 161 17.71 -7.40 -5.15
CA ILE A 161 17.60 -7.17 -6.60
C ILE A 161 17.44 -5.67 -6.88
N THR A 162 18.43 -5.12 -7.56
CA THR A 162 18.60 -3.69 -7.70
C THR A 162 17.90 -3.13 -8.92
N LYS A 163 17.74 -3.99 -9.93
CA LYS A 163 17.21 -3.59 -11.22
C LYS A 163 16.54 -4.78 -11.89
N PHE A 164 15.35 -4.57 -12.45
CA PHE A 164 14.63 -5.61 -13.15
C PHE A 164 14.26 -5.09 -14.54
N ASN A 165 14.57 -5.89 -15.55
CA ASN A 165 14.41 -5.52 -16.96
C ASN A 165 14.60 -4.03 -17.26
N GLY A 166 15.66 -3.44 -16.73
CA GLY A 166 15.97 -2.03 -16.97
C GLY A 166 15.54 -1.05 -15.89
N ASP A 167 14.50 -1.42 -15.13
CA ASP A 167 13.93 -0.54 -14.10
C ASP A 167 14.65 -0.63 -12.79
N ALA A 168 15.05 0.52 -12.25
CA ALA A 168 15.69 0.59 -10.94
C ALA A 168 14.67 0.34 -9.82
N LEU A 169 14.89 -0.71 -9.04
CA LEU A 169 13.99 -1.12 -7.96
C LEU A 169 14.10 -0.36 -6.65
N GLU A 170 15.13 0.48 -6.53
CA GLU A 170 15.39 1.20 -5.30
C GLU A 170 14.23 2.09 -4.88
N GLY A 171 13.83 1.99 -3.61
CA GLY A 171 12.78 2.82 -3.06
C GLY A 171 11.45 2.84 -3.80
N LEU A 172 11.00 1.69 -4.30
CA LEU A 172 9.73 1.62 -5.03
C LEU A 172 8.70 0.96 -4.14
N PRO A 173 7.40 1.37 -4.23
CA PRO A 173 6.30 0.68 -3.51
C PRO A 173 6.21 -0.78 -3.88
N PHE A 174 5.79 -1.63 -2.96
CA PHE A 174 5.64 -3.05 -3.28
C PHE A 174 4.71 -3.27 -4.50
N GLN A 175 3.58 -2.56 -4.57
CA GLN A 175 2.69 -2.73 -5.69
C GLN A 175 3.47 -2.56 -6.98
N VAL A 176 4.34 -1.55 -7.01
CA VAL A 176 5.10 -1.27 -8.23
C VAL A 176 6.05 -2.42 -8.54
N CYS A 177 6.80 -2.88 -7.54
CA CYS A 177 7.76 -3.98 -7.72
C CYS A 177 7.11 -5.26 -8.25
N TYR A 178 6.02 -5.65 -7.57
CA TYR A 178 5.27 -6.85 -7.88
C TYR A 178 4.73 -6.80 -9.31
N ALA A 179 4.19 -5.65 -9.70
CA ALA A 179 3.70 -5.49 -11.07
C ALA A 179 4.80 -5.61 -12.10
N LEU A 180 6.01 -5.14 -11.78
CA LEU A 180 7.14 -5.24 -12.75
C LEU A 180 7.54 -6.69 -13.00
N PHE A 181 7.63 -7.46 -11.92
CA PHE A 181 8.05 -8.87 -12.00
C PHE A 181 6.99 -9.72 -12.67
N LYS A 182 5.73 -9.51 -12.27
CA LYS A 182 4.60 -10.20 -12.86
C LYS A 182 4.29 -9.72 -14.27
N GLY A 183 4.92 -8.63 -14.70
CA GLY A 183 4.64 -8.07 -16.02
C GLY A 183 5.58 -8.55 -17.11
N ALA A 184 6.42 -9.51 -16.78
CA ALA A 184 7.40 -10.05 -17.71
C ALA A 184 7.12 -11.52 -17.94
N ASN A 185 7.16 -11.93 -19.21
CA ASN A 185 7.24 -13.32 -19.64
C ASN A 185 8.07 -13.37 -20.94
N GLY A 186 9.35 -13.68 -20.79
CA GLY A 186 10.32 -13.64 -21.89
C GLY A 186 11.71 -13.42 -21.28
N LYS A 187 12.45 -12.45 -21.81
CA LYS A 187 13.80 -12.16 -21.33
C LYS A 187 13.81 -11.49 -19.95
N VAL A 188 14.61 -12.04 -19.04
CA VAL A 188 14.77 -11.46 -17.69
C VAL A 188 16.21 -11.02 -17.43
N SER A 189 16.39 -9.72 -17.13
CA SER A 189 17.70 -9.16 -16.81
C SER A 189 17.74 -8.51 -15.42
N MET A 190 18.28 -9.25 -14.47
CA MET A 190 18.34 -8.84 -13.06
C MET A 190 19.74 -8.41 -12.59
N GLU A 191 19.83 -7.19 -12.07
CA GLU A 191 21.05 -6.68 -11.46
C GLU A 191 20.97 -6.84 -9.95
N VAL A 192 22.03 -7.38 -9.36
CA VAL A 192 21.98 -7.79 -7.96
C VAL A 192 23.14 -7.23 -7.12
N THR A 193 22.80 -6.71 -5.95
CA THR A 193 23.79 -6.25 -4.98
C THR A 193 23.79 -7.21 -3.79
N ARG A 194 24.97 -7.69 -3.43
CA ARG A 194 25.11 -8.57 -2.27
C ARG A 194 26.30 -8.12 -1.42
N PRO A 195 26.09 -8.11 -0.08
CA PRO A 195 27.14 -7.73 0.87
C PRO A 195 28.35 -8.65 0.77
N LYS A 196 29.53 -8.05 0.85
CA LYS A 196 30.75 -8.80 0.95
C LYS A 196 31.61 -8.08 1.98
N PRO A 197 31.30 -8.25 3.28
CA PRO A 197 32.11 -7.56 4.28
C PRO A 197 33.49 -8.20 4.31
N THR A 198 34.48 -7.49 4.84
CA THR A 198 35.78 -8.10 5.08
C THR A 198 35.73 -8.75 6.48
N LEU A 199 36.50 -9.83 6.64
CA LEU A 199 36.44 -10.69 7.81
C LEU A 199 36.80 -9.96 9.10
N ARG A 200 35.90 -10.00 10.07
CA ARG A 200 36.10 -9.35 11.37
C ARG A 200 35.80 -10.34 12.51
N THR A 201 35.87 -11.62 12.19
CA THR A 201 35.50 -12.67 13.14
C THR A 201 36.47 -13.83 13.09
N GLU A 202 36.83 -14.34 14.26
CA GLU A 202 37.67 -15.52 14.40
C GLU A 202 36.80 -16.73 14.73
N ALA A 203 37.31 -17.92 14.46
CA ALA A 203 36.59 -19.17 14.73
C ALA A 203 36.74 -19.61 16.18
N PRO A 204 35.73 -20.32 16.73
CA PRO A 204 35.80 -20.84 18.10
C PRO A 204 37.03 -21.71 18.32
N ALA B 1 1.45 -14.36 -7.04
CA ALA B 1 0.34 -15.01 -6.37
C ALA B 1 0.47 -14.89 -4.87
N LEU B 2 -0.64 -15.17 -4.17
CA LEU B 2 -0.65 -15.25 -2.73
C LEU B 2 -0.86 -16.70 -2.33
N ARG B 3 0.09 -17.22 -1.56
CA ARG B 3 0.09 -18.63 -1.17
C ARG B 3 0.75 -18.70 0.16
N ASN B 4 0.09 -19.39 1.10
CA ASN B 4 0.50 -19.48 2.51
C ASN B 4 0.94 -18.15 3.13
N GLY B 5 0.16 -17.09 2.88
CA GLY B 5 0.40 -15.79 3.50
C GLY B 5 1.47 -14.88 2.91
N GLN B 6 2.11 -15.31 1.82
CA GLN B 6 3.16 -14.53 1.17
C GLN B 6 2.83 -14.23 -0.31
N TYR B 7 3.43 -13.15 -0.86
CA TYR B 7 3.32 -12.78 -2.29
C TYR B 7 4.54 -13.20 -3.10
N TRP B 8 4.29 -14.01 -4.12
CA TRP B 8 5.31 -14.59 -4.99
C TRP B 8 5.33 -14.00 -6.38
N VAL B 9 6.55 -13.83 -6.89
CA VAL B 9 6.77 -13.49 -8.29
C VAL B 9 7.49 -14.66 -8.96
N GLU C 8 22.83 8.10 -30.68
CA GLU C 8 21.46 8.58 -30.35
C GLU C 8 21.42 9.34 -29.02
N PRO C 9 20.37 10.15 -28.80
CA PRO C 9 20.05 10.69 -27.49
C PRO C 9 18.83 10.00 -26.91
N ALA C 10 18.11 9.27 -27.78
CA ALA C 10 16.99 8.44 -27.35
C ALA C 10 17.46 7.36 -26.42
N THR C 11 18.71 6.93 -26.59
CA THR C 11 19.27 5.81 -25.81
C THR C 11 20.64 6.12 -25.17
N ALA C 12 21.10 7.37 -25.29
CA ALA C 12 22.36 7.81 -24.67
C ALA C 12 22.33 7.58 -23.18
N GLU C 13 23.32 6.85 -22.65
CA GLU C 13 23.38 6.56 -21.21
C GLU C 13 23.74 7.81 -20.42
N ILE C 14 23.28 7.88 -19.18
CA ILE C 14 23.68 8.97 -18.31
C ILE C 14 25.01 8.63 -17.64
N LYS C 15 26.09 9.12 -18.24
CA LYS C 15 27.43 8.98 -17.70
C LYS C 15 27.58 10.03 -16.62
N PRO C 16 28.34 9.72 -15.54
CA PRO C 16 28.55 10.72 -14.49
C PRO C 16 29.44 11.91 -14.90
N ASN C 17 29.11 13.06 -14.31
CA ASN C 17 29.90 14.31 -14.36
C ASN C 17 30.10 14.94 -15.73
N LYS C 18 29.17 14.65 -16.65
CA LYS C 18 29.17 15.30 -17.95
C LYS C 18 27.76 15.73 -18.38
N LYS C 19 27.69 16.73 -19.24
CA LYS C 19 26.43 17.14 -19.84
C LYS C 19 26.04 16.13 -20.91
N ILE C 20 24.84 15.56 -20.78
CA ILE C 20 24.35 14.57 -21.76
C ILE C 20 23.05 15.06 -22.40
N LEU C 21 23.00 14.96 -23.73
CA LEU C 21 21.79 15.23 -24.51
C LEU C 21 20.90 13.96 -24.61
N ILE C 22 19.66 14.05 -24.13
CA ILE C 22 18.72 12.92 -24.17
C ILE C 22 17.34 13.27 -24.72
N GLU C 23 16.60 12.23 -25.11
CA GLU C 23 15.29 12.36 -25.71
C GLU C 23 14.37 11.25 -25.21
N LEU C 24 13.35 11.61 -24.42
CA LEU C 24 12.39 10.61 -23.90
C LEU C 24 10.98 10.76 -24.48
N LYS C 25 10.35 9.61 -24.70
CA LYS C 25 8.93 9.51 -25.12
C LYS C 25 7.97 10.05 -24.05
N VAL C 26 7.42 11.24 -24.27
CA VAL C 26 6.39 11.79 -23.37
C VAL C 26 4.96 11.45 -23.88
N GLU C 27 4.70 11.76 -25.15
CA GLU C 27 3.47 11.36 -25.81
C GLU C 27 2.20 11.63 -25.00
N LYS C 28 2.04 12.89 -24.61
CA LYS C 28 0.83 13.43 -23.96
C LYS C 28 0.60 12.93 -22.54
N LYS C 29 1.51 12.12 -22.02
CA LYS C 29 1.41 11.62 -20.66
C LYS C 29 2.31 12.42 -19.73
N PRO C 30 2.05 12.37 -18.41
CA PRO C 30 2.84 13.17 -17.47
C PRO C 30 4.29 12.73 -17.37
N MET C 31 5.21 13.69 -17.44
CA MET C 31 6.60 13.37 -17.12
C MET C 31 6.75 12.79 -15.74
N GLY C 32 6.04 13.37 -14.77
CA GLY C 32 5.96 12.81 -13.42
C GLY C 32 7.26 12.89 -12.65
N VAL C 33 7.75 14.11 -12.46
CA VAL C 33 8.90 14.36 -11.56
C VAL C 33 8.60 15.50 -10.61
N ILE C 34 9.34 15.55 -9.50
CA ILE C 34 9.39 16.76 -8.67
C ILE C 34 10.75 17.42 -8.91
N VAL C 35 10.75 18.73 -9.11
CA VAL C 35 11.99 19.49 -9.35
C VAL C 35 11.97 20.73 -8.47
N CYS C 36 13.09 21.44 -8.44
CA CYS C 36 13.21 22.66 -7.65
C CYS C 36 14.20 23.58 -8.36
N GLY C 37 14.22 24.85 -7.95
CA GLY C 37 15.06 25.87 -8.60
C GLY C 37 14.30 27.16 -8.86
N GLY C 38 15.02 28.28 -8.82
CA GLY C 38 14.42 29.60 -9.08
C GLY C 38 15.14 30.76 -8.43
N LYS C 39 14.82 31.96 -8.91
CA LYS C 39 15.42 33.21 -8.42
C LYS C 39 14.92 33.49 -7.00
N ASN C 40 13.63 33.21 -6.79
CA ASN C 40 12.98 33.38 -5.50
C ASN C 40 12.81 32.01 -4.79
N ASN C 41 13.74 31.11 -5.05
CA ASN C 41 13.75 29.77 -4.48
C ASN C 41 14.86 29.67 -3.43
N HIS C 42 14.94 28.55 -2.72
CA HIS C 42 16.14 28.25 -1.92
C HIS C 42 17.25 27.77 -2.82
N VAL C 43 16.94 26.82 -3.71
CA VAL C 43 17.90 26.41 -4.72
C VAL C 43 17.91 27.49 -5.80
N THR C 44 19.01 28.24 -5.88
CA THR C 44 19.12 29.34 -6.85
C THR C 44 20.18 29.05 -7.91
N THR C 45 20.63 27.81 -7.92
CA THR C 45 21.82 27.46 -8.64
C THR C 45 21.61 26.49 -9.81
N GLY C 46 20.38 26.01 -9.97
CA GLY C 46 20.02 25.11 -11.06
C GLY C 46 18.76 24.29 -10.78
N CYS C 47 18.25 23.64 -11.82
CA CYS C 47 17.05 22.82 -11.73
C CYS C 47 17.42 21.35 -11.50
N VAL C 48 16.82 20.75 -10.47
CA VAL C 48 17.21 19.44 -9.98
C VAL C 48 16.01 18.56 -9.61
N ILE C 49 16.09 17.28 -9.94
CA ILE C 49 15.01 16.33 -9.66
C ILE C 49 15.08 15.86 -8.20
N THR C 50 13.96 15.94 -7.48
CA THR C 50 13.91 15.39 -6.14
C THR C 50 12.86 14.27 -5.93
N HIS C 51 12.17 13.86 -7.00
CA HIS C 51 11.32 12.66 -6.99
C HIS C 51 10.97 12.21 -8.40
N VAL C 52 10.89 10.89 -8.61
CA VAL C 52 10.40 10.31 -9.86
C VAL C 52 9.16 9.42 -9.61
N TYR C 53 7.99 9.88 -10.04
CA TYR C 53 6.75 9.10 -9.90
C TYR C 53 6.81 7.87 -10.78
N PRO C 54 6.69 6.66 -10.17
CA PRO C 54 6.75 5.40 -10.93
C PRO C 54 5.68 5.28 -12.03
N GLU C 55 4.71 6.20 -12.05
CA GLU C 55 3.60 6.18 -13.02
C GLU C 55 3.85 7.06 -14.22
N GLY C 56 4.83 7.95 -14.11
CA GLY C 56 5.13 8.91 -15.15
C GLY C 56 6.01 8.39 -16.28
N GLN C 57 6.29 9.27 -17.23
CA GLN C 57 7.06 8.93 -18.41
C GLN C 57 8.56 9.00 -18.18
N VAL C 58 9.01 9.81 -17.23
CA VAL C 58 10.42 9.82 -16.83
C VAL C 58 10.81 8.46 -16.26
N ALA C 59 10.00 7.94 -15.35
CA ALA C 59 10.15 6.56 -14.89
C ALA C 59 10.09 5.56 -16.05
N ALA C 60 9.23 5.80 -17.03
CA ALA C 60 9.06 4.87 -18.15
C ALA C 60 10.27 4.85 -19.08
N ASP C 61 10.97 5.98 -19.17
CA ASP C 61 12.20 6.08 -19.96
C ASP C 61 13.38 5.43 -19.24
N LYS C 62 13.32 5.38 -17.89
CA LYS C 62 14.20 4.56 -17.01
C LYS C 62 15.61 5.06 -16.67
N ARG C 63 15.99 6.23 -17.14
CA ARG C 63 17.38 6.63 -17.05
C ARG C 63 17.60 7.60 -15.91
N LEU C 64 16.68 8.54 -15.78
CA LEU C 64 16.86 9.60 -14.81
C LEU C 64 16.59 9.07 -13.41
N LYS C 65 17.06 9.80 -12.42
CA LYS C 65 16.96 9.37 -11.05
C LYS C 65 17.16 10.61 -10.20
N ILE C 66 16.91 10.50 -8.91
CA ILE C 66 16.95 11.67 -8.04
C ILE C 66 18.34 12.34 -8.02
N PHE C 67 18.30 13.68 -8.11
CA PHE C 67 19.45 14.59 -7.92
C PHE C 67 20.08 15.06 -9.24
N ASP C 68 19.56 14.55 -10.36
CA ASP C 68 20.02 14.97 -11.69
C ASP C 68 19.73 16.46 -11.95
N HIS C 69 20.71 17.12 -12.56
CA HIS C 69 20.62 18.52 -12.90
C HIS C 69 20.11 18.59 -14.34
N ILE C 70 18.96 19.24 -14.52
CA ILE C 70 18.46 19.48 -15.86
C ILE C 70 18.85 20.89 -16.28
N CYS C 71 19.69 20.99 -17.30
CA CYS C 71 20.22 22.28 -17.74
C CYS C 71 19.41 22.94 -18.84
N ASP C 72 18.82 22.13 -19.71
CA ASP C 72 18.04 22.59 -20.85
C ASP C 72 16.86 21.64 -21.11
N ILE C 73 15.73 22.20 -21.50
CA ILE C 73 14.57 21.42 -21.92
C ILE C 73 14.01 22.03 -23.21
N ASN C 74 13.92 21.19 -24.26
CA ASN C 74 13.37 21.61 -25.56
C ASN C 74 13.92 22.92 -26.12
N GLY C 75 15.22 23.15 -25.95
CA GLY C 75 15.84 24.37 -26.45
C GLY C 75 15.86 25.51 -25.44
N THR C 76 15.02 25.42 -24.40
CA THR C 76 15.02 26.40 -23.31
C THR C 76 16.12 26.04 -22.31
N PRO C 77 17.18 26.87 -22.22
CA PRO C 77 18.18 26.61 -21.19
C PRO C 77 17.64 27.07 -19.85
N ILE C 78 17.81 26.24 -18.83
CA ILE C 78 17.26 26.54 -17.50
C ILE C 78 18.28 27.19 -16.56
N HIS C 79 18.53 28.47 -16.76
CA HIS C 79 19.20 29.29 -15.78
C HIS C 79 18.16 29.78 -14.78
N VAL C 80 18.15 29.19 -13.58
CA VAL C 80 17.11 29.53 -12.60
C VAL C 80 17.33 30.90 -11.93
N GLY C 81 18.53 31.45 -12.11
CA GLY C 81 18.84 32.82 -11.70
C GLY C 81 17.83 33.84 -12.20
N SER C 82 17.25 33.61 -13.37
CA SER C 82 16.23 34.51 -13.91
C SER C 82 14.93 33.80 -14.34
N MET C 83 14.47 32.86 -13.51
CA MET C 83 13.21 32.14 -13.73
C MET C 83 12.52 31.97 -12.39
N THR C 84 11.28 32.41 -12.26
CA THR C 84 10.54 32.17 -11.02
C THR C 84 10.45 30.67 -10.80
N THR C 85 10.22 30.27 -9.54
CA THR C 85 10.12 28.86 -9.20
C THR C 85 9.00 28.26 -10.04
N LEU C 86 7.96 29.07 -10.20
CA LEU C 86 6.76 28.70 -10.93
C LEU C 86 7.06 28.32 -12.37
N LYS C 87 7.83 29.17 -13.06
CA LYS C 87 8.28 28.92 -14.43
C LYS C 87 9.06 27.61 -14.52
N VAL C 88 9.99 27.40 -13.60
CA VAL C 88 10.82 26.19 -13.65
C VAL C 88 9.99 24.91 -13.57
N HIS C 89 9.04 24.92 -12.64
CA HIS C 89 8.23 23.76 -12.33
C HIS C 89 7.26 23.46 -13.49
N GLN C 90 6.74 24.55 -14.06
CA GLN C 90 5.75 24.52 -15.12
C GLN C 90 6.27 23.84 -16.37
N LEU C 91 7.54 24.05 -16.65
CA LEU C 91 8.25 23.37 -17.73
C LEU C 91 8.26 21.87 -17.56
N PHE C 92 8.00 21.39 -16.35
CA PHE C 92 8.00 19.96 -16.12
C PHE C 92 6.61 19.32 -16.09
N HIS C 93 5.60 20.11 -15.72
CA HIS C 93 4.23 19.64 -15.66
C HIS C 93 3.42 19.98 -16.93
N THR C 94 4.07 20.66 -17.87
CA THR C 94 3.49 20.80 -19.20
C THR C 94 3.38 19.42 -19.83
N THR C 95 2.28 19.19 -20.54
CA THR C 95 2.13 17.91 -21.20
C THR C 95 2.55 18.09 -22.64
N TYR C 96 3.43 17.21 -23.10
CA TYR C 96 4.06 17.36 -24.39
C TYR C 96 3.60 16.31 -25.38
N GLU C 97 3.47 16.71 -26.64
CA GLU C 97 2.83 15.93 -27.68
C GLU C 97 3.60 14.66 -28.10
N LYS C 98 4.92 14.74 -28.17
CA LYS C 98 5.71 13.64 -28.75
C LYS C 98 6.90 13.29 -27.86
N ALA C 99 8.12 13.45 -28.35
CA ALA C 99 9.33 13.24 -27.55
C ALA C 99 9.84 14.58 -27.03
N VAL C 100 10.71 14.53 -26.02
CA VAL C 100 11.24 15.73 -25.37
C VAL C 100 12.76 15.66 -25.25
N THR C 101 13.43 16.79 -25.46
CA THR C 101 14.88 16.85 -25.29
C THR C 101 15.29 17.51 -23.98
N LEU C 102 16.24 16.89 -23.28
CA LEU C 102 16.76 17.44 -22.03
C LEU C 102 18.26 17.36 -22.08
N THR C 103 18.94 18.37 -21.55
CA THR C 103 20.37 18.23 -21.29
C THR C 103 20.61 18.02 -19.79
N VAL C 104 21.14 16.84 -19.45
CA VAL C 104 21.27 16.38 -18.06
C VAL C 104 22.72 16.35 -17.55
N PHE C 105 22.87 16.59 -16.25
CA PHE C 105 24.15 16.47 -15.58
C PHE C 105 23.94 15.69 -14.30
N ARG C 106 24.61 14.53 -14.18
CA ARG C 106 24.55 13.69 -12.96
C ARG C 106 25.86 13.79 -12.16
N ALA C 107 25.85 14.62 -11.12
CA ALA C 107 27.07 14.82 -10.33
C ALA C 107 27.35 13.62 -9.44
N ASP C 108 28.63 13.27 -9.39
CA ASP C 108 29.12 12.22 -8.53
C ASP C 108 30.38 12.77 -7.86
N PRO C 109 30.32 12.95 -6.51
CA PRO C 109 29.14 12.69 -5.66
C PRO C 109 28.03 13.75 -5.82
N PRO C 110 26.78 13.41 -5.42
CA PRO C 110 25.66 14.35 -5.50
C PRO C 110 25.94 15.71 -4.84
N GLU C 111 25.42 16.78 -5.44
CA GLU C 111 25.68 18.15 -4.94
C GLU C 111 24.58 18.59 -3.98
N LEU C 112 24.85 18.42 -2.68
CA LEU C 112 23.81 18.44 -1.66
C LEU C 112 24.04 19.43 -0.52
N GLU C 113 22.95 19.99 -0.03
CA GLU C 113 22.98 20.73 1.21
C GLU C 113 22.17 19.95 2.23
N LYS C 114 22.75 19.69 3.41
CA LYS C 114 22.10 18.92 4.48
C LYS C 114 21.87 19.75 5.74
N PHE C 115 20.61 20.05 6.02
CA PHE C 115 20.28 20.81 7.22
C PHE C 115 19.21 20.11 8.04
N ASN C 116 18.96 20.66 9.21
CA ASN C 116 17.98 20.16 10.14
C ASN C 116 16.85 21.15 10.24
N VAL C 117 15.63 20.65 10.41
CA VAL C 117 14.54 21.53 10.81
C VAL C 117 14.02 20.99 12.12
N ASP C 118 14.00 21.83 13.14
CA ASP C 118 13.49 21.43 14.42
C ASP C 118 12.40 22.40 14.81
N LEU C 119 11.24 21.86 15.17
CA LEU C 119 10.16 22.71 15.65
C LEU C 119 9.43 22.05 16.78
N MET C 120 8.50 22.78 17.40
CA MET C 120 7.62 22.23 18.42
C MET C 120 6.20 22.08 17.82
N LYS C 121 5.84 20.85 17.47
CA LYS C 121 4.55 20.59 16.85
C LYS C 121 3.42 20.80 17.83
N LYS C 122 2.39 21.51 17.41
CA LYS C 122 1.18 21.59 18.22
C LYS C 122 0.22 20.48 17.81
N ALA C 123 -0.30 19.80 18.82
CA ALA C 123 -1.32 18.78 18.67
C ALA C 123 -2.54 19.32 17.90
N GLY C 124 -2.97 18.56 16.90
CA GLY C 124 -4.08 18.96 16.05
C GLY C 124 -3.82 20.14 15.13
N LYS C 125 -2.55 20.38 14.83
CA LYS C 125 -2.19 21.39 13.83
C LYS C 125 -1.07 20.85 12.98
N GLU C 126 -1.42 20.36 11.79
CA GLU C 126 -0.50 19.59 10.96
C GLU C 126 0.67 20.42 10.45
N LEU C 127 1.77 19.73 10.15
CA LEU C 127 2.91 20.35 9.50
C LEU C 127 2.50 21.06 8.22
N GLY C 128 1.42 20.59 7.61
CA GLY C 128 0.94 21.13 6.34
C GLY C 128 1.80 20.67 5.18
N LEU C 129 2.19 19.40 5.21
CA LEU C 129 3.06 18.79 4.19
C LEU C 129 2.47 17.54 3.55
N SER C 130 2.75 17.38 2.27
CA SER C 130 2.35 16.22 1.52
C SER C 130 3.59 15.63 0.85
N LEU C 131 3.84 14.34 1.11
CA LEU C 131 5.14 13.72 0.84
C LEU C 131 5.12 12.57 -0.14
N SER C 132 6.24 12.37 -0.83
CA SER C 132 6.42 11.23 -1.71
C SER C 132 7.65 10.43 -1.31
N PRO C 133 7.49 9.14 -0.97
CA PRO C 133 8.65 8.34 -0.54
C PRO C 133 9.48 7.78 -1.68
N ASN C 134 10.78 7.71 -1.46
CA ASN C 134 11.73 7.20 -2.43
C ASN C 134 12.96 6.70 -1.69
N GLU C 135 14.00 6.33 -2.44
CA GLU C 135 15.20 5.74 -1.84
C GLU C 135 16.03 6.70 -1.02
N ILE C 136 15.78 8.00 -1.11
CA ILE C 136 16.48 9.04 -0.34
C ILE C 136 15.70 9.43 0.91
N GLY C 137 14.40 9.61 0.78
CA GLY C 137 13.50 9.84 1.91
C GLY C 137 12.13 10.23 1.42
N CYS C 138 11.53 11.21 2.07
CA CYS C 138 10.24 11.74 1.65
C CYS C 138 10.38 13.12 1.03
N THR C 139 10.22 13.18 -0.29
CA THR C 139 10.31 14.45 -0.99
C THR C 139 9.06 15.24 -0.68
N ILE C 140 9.21 16.50 -0.32
CA ILE C 140 8.03 17.37 -0.20
C ILE C 140 7.37 17.64 -1.58
N ALA C 141 6.19 17.07 -1.80
CA ALA C 141 5.43 17.30 -3.05
C ALA C 141 4.59 18.56 -3.05
N ASP C 142 4.12 18.96 -1.88
CA ASP C 142 3.32 20.16 -1.76
C ASP C 142 3.35 20.63 -0.31
N LEU C 143 3.10 21.92 -0.11
CA LEU C 143 3.33 22.60 1.16
C LEU C 143 2.18 23.57 1.38
N ILE C 144 1.54 23.54 2.55
CA ILE C 144 0.63 24.65 2.90
C ILE C 144 1.36 25.62 3.82
N GLN C 145 1.73 26.78 3.28
CA GLN C 145 2.41 27.81 4.05
C GLN C 145 1.57 28.33 5.22
N GLY C 146 2.27 28.75 6.28
CA GLY C 146 1.65 29.47 7.40
C GLY C 146 1.22 28.58 8.55
N GLN C 147 1.71 27.34 8.57
CA GLN C 147 1.41 26.44 9.68
C GLN C 147 2.39 26.69 10.82
N TYR C 148 3.69 26.58 10.51
CA TYR C 148 4.77 26.82 11.47
C TYR C 148 5.83 27.75 10.88
N PRO C 149 6.12 28.86 11.59
CA PRO C 149 7.17 29.80 11.16
C PRO C 149 8.46 29.11 10.69
N GLU C 150 8.86 28.02 11.36
CA GLU C 150 10.06 27.27 10.98
C GLU C 150 9.99 26.62 9.61
N ILE C 151 8.79 26.21 9.20
CA ILE C 151 8.60 25.55 7.92
C ILE C 151 8.73 26.53 6.77
N ASP C 152 8.02 27.65 6.87
CA ASP C 152 7.95 28.66 5.80
C ASP C 152 9.33 29.19 5.42
N SER C 153 10.19 29.33 6.42
CA SER C 153 11.53 29.83 6.16
C SER C 153 12.52 28.76 5.70
N LYS C 154 12.60 27.64 6.41
CA LYS C 154 13.67 26.68 6.13
C LYS C 154 13.35 25.63 5.04
N LEU C 155 12.05 25.40 4.76
CA LEU C 155 11.61 24.31 3.87
C LEU C 155 10.79 24.71 2.64
N GLN C 156 10.93 23.94 1.55
CA GLN C 156 10.15 24.19 0.33
C GLN C 156 9.79 22.92 -0.45
N ARG C 157 8.75 23.03 -1.27
CA ARG C 157 8.40 21.98 -2.21
C ARG C 157 9.69 21.53 -2.87
N GLY C 158 9.99 20.24 -2.84
CA GLY C 158 11.18 19.75 -3.51
C GLY C 158 12.27 19.22 -2.60
N ASP C 159 12.35 19.77 -1.39
CA ASP C 159 13.26 19.23 -0.36
C ASP C 159 12.95 17.75 -0.03
N ILE C 160 13.97 16.99 0.38
CA ILE C 160 13.77 15.59 0.80
C ILE C 160 13.98 15.43 2.30
N ILE C 161 12.94 15.00 3.01
CA ILE C 161 13.07 14.72 4.44
C ILE C 161 13.64 13.31 4.61
N THR C 162 14.76 13.25 5.31
CA THR C 162 15.64 12.09 5.34
C THR C 162 15.50 11.30 6.65
N LYS C 163 15.17 12.00 7.73
CA LYS C 163 15.08 11.40 9.04
C LYS C 163 14.06 12.21 9.82
N PHE C 164 13.17 11.52 10.51
CA PHE C 164 12.13 12.16 11.29
C PHE C 164 12.12 11.51 12.68
N ASN C 165 12.27 12.34 13.69
CA ASN C 165 12.52 11.93 15.08
C ASN C 165 13.36 10.67 15.26
N GLY C 166 14.50 10.62 14.58
CA GLY C 166 15.43 9.49 14.69
C GLY C 166 15.16 8.33 13.73
N ASP C 167 14.04 8.37 13.02
CA ASP C 167 13.70 7.32 12.06
C ASP C 167 14.22 7.61 10.65
N ALA C 168 15.00 6.68 10.11
CA ALA C 168 15.53 6.81 8.76
C ALA C 168 14.43 6.54 7.73
N LEU C 169 14.03 7.59 7.04
CA LEU C 169 12.90 7.58 6.13
C LEU C 169 13.19 7.03 4.74
N GLU C 170 14.44 6.68 4.45
CA GLU C 170 14.77 6.16 3.13
C GLU C 170 14.23 4.73 2.96
N GLY C 171 13.65 4.48 1.78
CA GLY C 171 13.21 3.15 1.38
C GLY C 171 11.95 2.63 2.05
N LEU C 172 11.10 3.52 2.51
CA LEU C 172 9.97 3.10 3.34
C LEU C 172 8.65 3.13 2.59
N PRO C 173 7.72 2.20 2.91
CA PRO C 173 6.38 2.35 2.32
C PRO C 173 5.71 3.62 2.85
N PHE C 174 4.81 4.20 2.05
CA PHE C 174 4.11 5.42 2.46
C PHE C 174 3.27 5.23 3.72
N GLN C 175 2.63 4.09 3.87
CA GLN C 175 1.80 3.83 5.06
C GLN C 175 2.63 4.08 6.32
N VAL C 176 3.88 3.61 6.29
CA VAL C 176 4.81 3.79 7.41
C VAL C 176 5.19 5.26 7.61
N CYS C 177 5.58 5.93 6.54
CA CYS C 177 5.88 7.37 6.58
C CYS C 177 4.73 8.19 7.14
N TYR C 178 3.53 7.89 6.66
CA TYR C 178 2.35 8.62 7.10
C TYR C 178 2.22 8.48 8.60
N ALA C 179 2.38 7.24 9.09
CA ALA C 179 2.24 6.92 10.50
C ALA C 179 3.34 7.55 11.37
N LEU C 180 4.59 7.49 10.92
CA LEU C 180 5.69 8.09 11.70
C LEU C 180 5.39 9.55 11.93
N PHE C 181 5.11 10.26 10.84
CA PHE C 181 4.84 11.71 10.90
C PHE C 181 3.66 12.03 11.81
N LYS C 182 2.63 11.19 11.71
CA LYS C 182 1.38 11.37 12.46
C LYS C 182 1.48 10.99 13.93
N GLY C 183 2.39 10.09 14.25
CA GLY C 183 2.55 9.63 15.62
C GLY C 183 3.58 10.46 16.37
N ALA C 184 3.39 11.78 16.34
CA ALA C 184 4.31 12.72 16.96
C ALA C 184 3.66 14.07 17.19
N ASN C 185 3.60 14.45 18.46
CA ASN C 185 3.23 15.79 18.89
C ASN C 185 4.25 16.26 19.94
N GLY C 186 4.51 17.57 19.98
CA GLY C 186 5.61 18.08 20.78
C GLY C 186 6.86 18.19 19.91
N LYS C 187 7.99 17.71 20.42
CA LYS C 187 9.30 17.87 19.78
C LYS C 187 9.38 17.18 18.42
N VAL C 188 9.81 17.93 17.42
CA VAL C 188 10.06 17.35 16.11
C VAL C 188 11.47 17.71 15.67
N SER C 189 12.16 16.72 15.10
CA SER C 189 13.49 16.91 14.56
C SER C 189 13.58 16.26 13.19
N MET C 190 13.60 17.10 12.16
CA MET C 190 13.75 16.66 10.77
C MET C 190 15.15 16.90 10.25
N GLU C 191 15.69 15.87 9.60
CA GLU C 191 16.93 16.01 8.82
C GLU C 191 16.54 16.04 7.35
N VAL C 192 17.16 16.97 6.61
CA VAL C 192 16.70 17.35 5.29
C VAL C 192 17.86 17.51 4.28
N THR C 193 17.67 16.93 3.10
CA THR C 193 18.60 17.06 1.98
C THR C 193 18.00 17.94 0.88
N ARG C 194 18.77 18.93 0.42
CA ARG C 194 18.36 19.84 -0.66
C ARG C 194 19.49 19.91 -1.67
N PRO C 195 19.18 19.84 -2.97
CA PRO C 195 20.27 20.00 -3.93
C PRO C 195 20.93 21.35 -3.83
N LYS C 196 22.25 21.37 -3.96
CA LYS C 196 22.98 22.60 -4.14
C LYS C 196 23.91 22.41 -5.34
N PRO C 197 23.34 22.37 -6.57
CA PRO C 197 24.13 22.15 -7.77
C PRO C 197 25.04 23.32 -8.03
N THR C 198 26.17 23.11 -8.69
CA THR C 198 27.01 24.25 -9.04
C THR C 198 26.51 24.83 -10.35
N LEU C 199 26.61 26.16 -10.47
CA LEU C 199 26.08 26.89 -11.61
C LEU C 199 26.72 26.39 -12.91
N ARG C 200 25.90 25.80 -13.77
CA ARG C 200 26.35 25.22 -15.05
C ARG C 200 25.61 25.79 -16.25
N THR C 201 24.99 26.95 -16.05
CA THR C 201 24.19 27.59 -17.08
C THR C 201 24.50 29.09 -17.13
N GLU C 202 24.29 29.71 -18.30
CA GLU C 202 24.48 31.14 -18.44
C GLU C 202 23.12 31.83 -18.59
N ALA C 203 23.04 33.08 -18.12
CA ALA C 203 21.82 33.88 -18.23
C ALA C 203 21.71 34.57 -19.59
N ALA D 1 -4.43 13.88 7.25
CA ALA D 1 -5.76 13.87 6.65
C ALA D 1 -5.70 13.63 5.13
N LEU D 2 -6.84 13.24 4.53
CA LEU D 2 -7.00 13.23 3.07
C LEU D 2 -7.81 14.46 2.67
N ARG D 3 -7.26 15.30 1.81
CA ARG D 3 -7.88 16.57 1.45
C ARG D 3 -7.51 16.99 0.05
N ASN D 4 -8.52 17.29 -0.76
CA ASN D 4 -8.33 17.66 -2.17
C ASN D 4 -7.55 16.62 -2.99
N GLY D 5 -7.75 15.33 -2.69
CA GLY D 5 -7.04 14.26 -3.37
C GLY D 5 -5.66 13.87 -2.83
N GLN D 6 -5.20 14.55 -1.77
CA GLN D 6 -3.83 14.39 -1.26
C GLN D 6 -3.73 14.00 0.24
N TYR D 7 -2.61 13.39 0.63
CA TYR D 7 -2.37 13.00 2.04
C TYR D 7 -1.47 13.98 2.77
N TRP D 8 -2.00 14.56 3.84
CA TRP D 8 -1.37 15.64 4.54
C TRP D 8 -0.90 15.22 5.89
N VAL D 9 0.32 15.64 6.19
CA VAL D 9 0.91 15.47 7.48
C VAL D 9 1.11 16.89 8.03
N GLU E 8 -16.86 -35.19 1.98
CA GLU E 8 -17.84 -34.08 1.82
C GLU E 8 -17.60 -32.86 2.72
N PRO E 9 -17.33 -33.07 4.03
CA PRO E 9 -17.18 -31.87 4.87
C PRO E 9 -15.97 -31.01 4.43
N ALA E 10 -14.99 -31.64 3.81
CA ALA E 10 -13.82 -30.94 3.27
C ALA E 10 -14.21 -29.88 2.25
N THR E 11 -15.29 -30.14 1.51
CA THR E 11 -15.71 -29.29 0.40
C THR E 11 -17.16 -28.79 0.42
N ALA E 12 -17.91 -29.11 1.48
CA ALA E 12 -19.33 -28.76 1.55
C ALA E 12 -19.57 -27.25 1.42
N GLU E 13 -20.63 -26.87 0.70
CA GLU E 13 -20.96 -25.45 0.52
C GLU E 13 -21.67 -24.85 1.73
N ILE E 14 -21.59 -23.53 1.90
CA ILE E 14 -22.23 -22.92 3.05
C ILE E 14 -23.58 -22.33 2.67
N LYS E 15 -24.57 -23.21 2.65
CA LYS E 15 -25.96 -22.86 2.43
C LYS E 15 -26.48 -22.09 3.66
N PRO E 16 -27.37 -21.11 3.43
CA PRO E 16 -27.85 -20.26 4.52
C PRO E 16 -28.71 -20.96 5.56
N ASN E 17 -28.83 -20.31 6.71
CA ASN E 17 -29.84 -20.63 7.72
C ASN E 17 -29.88 -22.06 8.25
N LYS E 18 -28.80 -22.81 8.09
CA LYS E 18 -28.64 -24.12 8.74
C LYS E 18 -27.21 -24.46 9.14
N LYS E 19 -27.09 -25.34 10.14
CA LYS E 19 -25.78 -25.78 10.62
C LYS E 19 -25.12 -26.70 9.59
N ILE E 20 -23.90 -26.31 9.19
CA ILE E 20 -23.14 -27.08 8.22
C ILE E 20 -21.83 -27.52 8.85
N LEU E 21 -21.48 -28.77 8.61
CA LEU E 21 -20.26 -29.33 9.14
C LEU E 21 -19.20 -29.31 8.04
N ILE E 22 -18.33 -28.30 8.12
CA ILE E 22 -17.23 -28.15 7.16
C ILE E 22 -15.91 -28.62 7.78
N GLU E 23 -14.92 -28.87 6.94
CA GLU E 23 -13.60 -29.30 7.39
C GLU E 23 -12.57 -28.47 6.65
N LEU E 24 -11.74 -27.75 7.41
CA LEU E 24 -10.88 -26.68 6.90
C LEU E 24 -9.40 -27.06 7.02
N LYS E 25 -8.63 -26.92 5.93
CA LYS E 25 -7.16 -27.07 5.98
C LYS E 25 -6.51 -25.94 6.78
N VAL E 26 -5.79 -26.28 7.84
CA VAL E 26 -5.07 -25.28 8.63
C VAL E 26 -3.54 -25.49 8.57
N GLU E 27 -3.11 -26.70 8.89
CA GLU E 27 -1.75 -27.15 8.58
C GLU E 27 -0.61 -26.29 9.13
N LYS E 28 -0.67 -26.05 10.44
CA LYS E 28 0.29 -25.25 11.20
C LYS E 28 0.21 -23.73 10.96
N LYS E 29 -0.65 -23.30 10.02
CA LYS E 29 -0.73 -21.89 9.66
C LYS E 29 -1.84 -21.17 10.41
N PRO E 30 -1.77 -19.82 10.49
CA PRO E 30 -2.79 -19.02 11.20
C PRO E 30 -4.18 -19.08 10.56
N MET E 31 -5.22 -19.32 11.34
CA MET E 31 -6.58 -19.28 10.79
C MET E 31 -6.94 -17.90 10.30
N GLY E 32 -6.47 -16.88 11.01
CA GLY E 32 -6.58 -15.52 10.55
C GLY E 32 -7.99 -14.98 10.43
N VAL E 33 -8.70 -14.95 11.55
CA VAL E 33 -10.02 -14.31 11.65
C VAL E 33 -10.09 -13.47 12.91
N ILE E 34 -10.95 -12.45 12.89
CA ILE E 34 -11.36 -11.79 14.11
C ILE E 34 -12.73 -12.29 14.53
N VAL E 35 -12.83 -12.72 15.79
CA VAL E 35 -14.12 -13.14 16.37
C VAL E 35 -14.56 -12.31 17.57
N CYS E 36 -15.86 -12.34 17.83
CA CYS E 36 -16.38 -11.78 19.08
C CYS E 36 -17.12 -12.87 19.86
N GLY E 37 -17.54 -12.56 21.09
CA GLY E 37 -18.30 -13.50 21.90
C GLY E 37 -17.63 -13.96 23.17
N GLY E 38 -18.40 -14.03 24.26
CA GLY E 38 -17.87 -14.44 25.57
C GLY E 38 -18.76 -14.09 26.76
N LYS E 39 -18.56 -14.81 27.87
CA LYS E 39 -19.32 -14.59 29.10
C LYS E 39 -19.23 -13.14 29.52
N ASN E 40 -18.02 -12.59 29.50
CA ASN E 40 -17.77 -11.18 29.81
C ASN E 40 -17.65 -10.28 28.56
N ASN E 41 -18.40 -10.60 27.50
CA ASN E 41 -18.40 -9.87 26.23
C ASN E 41 -19.71 -9.10 26.03
N HIS E 42 -19.74 -8.16 25.10
CA HIS E 42 -20.97 -7.47 24.75
C HIS E 42 -21.86 -8.40 23.94
N VAL E 43 -21.23 -9.35 23.25
CA VAL E 43 -21.91 -10.43 22.54
C VAL E 43 -21.88 -11.70 23.39
N THR E 44 -23.04 -12.02 23.99
CA THR E 44 -23.18 -13.10 24.94
C THR E 44 -23.95 -14.30 24.36
N THR E 45 -24.23 -14.22 23.07
CA THR E 45 -25.25 -15.07 22.48
C THR E 45 -24.69 -16.05 21.44
N GLY E 46 -23.42 -15.89 21.10
CA GLY E 46 -22.71 -16.83 20.24
C GLY E 46 -21.35 -16.30 19.81
N CYS E 47 -20.55 -17.15 19.15
CA CYS E 47 -19.27 -16.72 18.61
C CYS E 47 -19.38 -16.47 17.10
N VAL E 48 -19.02 -15.25 16.69
CA VAL E 48 -19.22 -14.80 15.31
C VAL E 48 -17.95 -14.13 14.73
N ILE E 49 -17.72 -14.38 13.43
CA ILE E 49 -16.60 -13.84 12.67
C ILE E 49 -16.89 -12.42 12.21
N THR E 50 -15.99 -11.49 12.52
CA THR E 50 -16.17 -10.11 12.06
C THR E 50 -15.03 -9.58 11.17
N HIS E 51 -14.10 -10.45 10.80
CA HIS E 51 -13.02 -10.12 9.88
C HIS E 51 -12.26 -11.36 9.46
N VAL E 52 -11.98 -11.44 8.18
CA VAL E 52 -11.19 -12.52 7.63
C VAL E 52 -9.92 -11.92 7.07
N TYR E 53 -8.78 -12.30 7.63
CA TYR E 53 -7.51 -11.83 7.06
C TYR E 53 -7.26 -12.57 5.75
N PRO E 54 -7.05 -11.83 4.64
CA PRO E 54 -6.81 -12.45 3.31
C PRO E 54 -5.63 -13.42 3.27
N GLU E 55 -4.67 -13.25 4.17
CA GLU E 55 -3.46 -14.08 4.15
C GLU E 55 -3.53 -15.31 5.04
N GLY E 56 -4.65 -15.50 5.74
CA GLY E 56 -4.81 -16.64 6.65
C GLY E 56 -5.53 -17.84 6.06
N GLN E 57 -5.75 -18.87 6.88
CA GLN E 57 -6.28 -20.13 6.37
C GLN E 57 -7.77 -20.11 6.03
N VAL E 58 -8.57 -19.48 6.88
CA VAL E 58 -9.99 -19.28 6.61
C VAL E 58 -10.25 -18.63 5.25
N ALA E 59 -9.45 -17.62 4.90
CA ALA E 59 -9.48 -17.00 3.57
C ALA E 59 -9.11 -17.97 2.45
N ALA E 60 -8.09 -18.80 2.69
CA ALA E 60 -7.62 -19.74 1.69
C ALA E 60 -8.65 -20.86 1.41
N ASP E 61 -9.35 -21.27 2.48
CA ASP E 61 -10.41 -22.25 2.36
C ASP E 61 -11.58 -21.67 1.56
N LYS E 62 -11.74 -20.34 1.62
CA LYS E 62 -12.63 -19.58 0.71
C LYS E 62 -14.09 -19.46 1.12
N ARG E 63 -14.57 -20.37 1.95
CA ARG E 63 -15.99 -20.48 2.21
C ARG E 63 -16.51 -19.47 3.20
N LEU E 64 -15.85 -19.34 4.36
CA LEU E 64 -16.38 -18.49 5.45
C LEU E 64 -16.46 -17.01 5.08
N LYS E 65 -17.21 -16.26 5.89
CA LYS E 65 -17.59 -14.87 5.63
C LYS E 65 -17.80 -14.21 6.96
N ILE E 66 -17.72 -12.88 6.94
CA ILE E 66 -18.08 -12.06 8.07
C ILE E 66 -19.54 -12.32 8.42
N PHE E 67 -19.78 -12.47 9.72
CA PHE E 67 -21.10 -12.69 10.35
C PHE E 67 -21.54 -14.17 10.46
N ASP E 68 -20.80 -15.09 9.83
CA ASP E 68 -20.97 -16.52 10.06
C ASP E 68 -20.86 -16.83 11.56
N HIS E 69 -21.77 -17.67 12.05
CA HIS E 69 -21.85 -18.03 13.47
C HIS E 69 -21.06 -19.33 13.65
N ILE E 70 -20.12 -19.35 14.58
CA ILE E 70 -19.32 -20.56 14.81
C ILE E 70 -19.81 -21.25 16.06
N CYS E 71 -20.40 -22.42 15.88
CA CYS E 71 -21.10 -23.09 16.96
C CYS E 71 -20.27 -24.15 17.64
N ASP E 72 -19.32 -24.71 16.89
CA ASP E 72 -18.45 -25.78 17.38
C ASP E 72 -17.11 -25.78 16.64
N ILE E 73 -16.04 -26.10 17.37
CA ILE E 73 -14.73 -26.30 16.76
C ILE E 73 -14.04 -27.52 17.36
N ASN E 74 -13.83 -28.55 16.52
CA ASN E 74 -13.39 -29.89 16.94
C ASN E 74 -14.45 -30.53 17.83
N GLY E 75 -14.08 -30.94 19.03
CA GLY E 75 -15.06 -31.50 19.96
C GLY E 75 -15.84 -30.37 20.62
N THR E 76 -15.11 -29.32 20.95
CA THR E 76 -15.60 -28.13 21.63
C THR E 76 -16.82 -27.48 20.98
N PRO E 77 -18.01 -27.58 21.61
CA PRO E 77 -19.08 -26.69 21.20
C PRO E 77 -18.76 -25.33 21.78
N ILE E 78 -18.97 -24.27 21.01
CA ILE E 78 -18.57 -22.96 21.45
C ILE E 78 -19.74 -22.24 22.10
N HIS E 79 -20.03 -22.64 23.34
CA HIS E 79 -21.06 -21.97 24.12
C HIS E 79 -20.47 -20.80 24.89
N VAL E 80 -20.73 -19.63 24.34
CA VAL E 80 -20.12 -18.41 24.79
C VAL E 80 -20.50 -18.04 26.22
N GLY E 81 -21.73 -18.36 26.62
CA GLY E 81 -22.18 -18.11 27.97
C GLY E 81 -21.36 -18.83 29.04
N SER E 82 -20.57 -19.83 28.67
CA SER E 82 -19.71 -20.48 29.67
C SER E 82 -18.21 -20.35 29.40
N MET E 83 -17.83 -19.48 28.46
CA MET E 83 -16.39 -19.17 28.25
C MET E 83 -16.00 -17.71 28.25
N THR E 84 -14.79 -17.41 28.72
CA THR E 84 -14.31 -16.03 28.69
C THR E 84 -13.99 -15.60 27.26
N THR E 85 -13.97 -14.28 27.06
CA THR E 85 -13.60 -13.66 25.78
C THR E 85 -12.26 -14.22 25.32
N LEU E 86 -11.31 -14.29 26.26
CA LEU E 86 -10.00 -14.81 25.98
C LEU E 86 -10.06 -16.24 25.43
N LYS E 87 -10.88 -17.11 26.05
CA LYS E 87 -10.96 -18.51 25.62
C LYS E 87 -11.49 -18.60 24.19
N VAL E 88 -12.57 -17.88 23.92
CA VAL E 88 -13.22 -17.95 22.62
C VAL E 88 -12.23 -17.55 21.56
N HIS E 89 -11.54 -16.45 21.81
CA HIS E 89 -10.62 -15.86 20.85
C HIS E 89 -9.46 -16.81 20.56
N GLN E 90 -8.94 -17.40 21.63
CA GLN E 90 -7.81 -18.30 21.60
C GLN E 90 -8.08 -19.62 20.86
N LEU E 91 -9.35 -20.01 20.76
CA LEU E 91 -9.66 -21.24 20.05
C LEU E 91 -9.38 -21.06 18.57
N PHE E 92 -9.35 -19.80 18.13
CA PHE E 92 -9.12 -19.46 16.74
C PHE E 92 -7.70 -19.00 16.47
N HIS E 93 -6.96 -18.65 17.52
CA HIS E 93 -5.62 -18.14 17.34
C HIS E 93 -4.62 -19.14 17.86
N THR E 94 -5.04 -20.40 17.91
CA THR E 94 -4.20 -21.50 18.36
C THR E 94 -3.78 -22.31 17.12
N THR E 95 -2.53 -22.78 17.09
CA THR E 95 -2.06 -23.50 15.89
C THR E 95 -2.47 -24.95 15.83
N TYR E 96 -3.20 -25.30 14.78
CA TYR E 96 -3.69 -26.66 14.56
C TYR E 96 -2.83 -27.39 13.55
N GLU E 97 -2.66 -28.69 13.75
CA GLU E 97 -1.71 -29.46 12.98
C GLU E 97 -2.14 -29.70 11.52
N LYS E 98 -3.40 -30.07 11.32
CA LYS E 98 -3.82 -30.52 9.98
C LYS E 98 -5.13 -29.88 9.56
N ALA E 99 -6.19 -30.66 9.46
CA ALA E 99 -7.51 -30.10 9.22
C ALA E 99 -8.19 -29.74 10.56
N VAL E 100 -9.28 -28.98 10.50
CA VAL E 100 -10.10 -28.66 11.68
C VAL E 100 -11.59 -28.66 11.31
N THR E 101 -12.41 -29.26 12.16
CA THR E 101 -13.84 -29.31 11.94
C THR E 101 -14.52 -28.12 12.59
N LEU E 102 -15.46 -27.50 11.87
CA LEU E 102 -16.23 -26.39 12.39
C LEU E 102 -17.69 -26.58 12.04
N THR E 103 -18.59 -26.27 12.99
CA THR E 103 -20.00 -26.17 12.67
C THR E 103 -20.36 -24.69 12.53
N VAL E 104 -20.94 -24.34 11.39
CA VAL E 104 -21.18 -22.95 10.96
C VAL E 104 -22.64 -22.69 10.59
N PHE E 105 -23.13 -21.49 10.89
CA PHE E 105 -24.47 -21.07 10.52
C PHE E 105 -24.41 -19.67 9.91
N ARG E 106 -24.73 -19.60 8.62
CA ARG E 106 -24.85 -18.33 7.92
C ARG E 106 -26.30 -17.89 7.95
N ALA E 107 -26.59 -16.87 8.73
CA ALA E 107 -27.95 -16.34 8.79
C ALA E 107 -28.17 -15.36 7.66
N ASP E 108 -29.21 -15.63 6.89
CA ASP E 108 -29.76 -14.66 5.95
C ASP E 108 -31.22 -14.42 6.40
N PRO E 109 -31.53 -13.18 6.81
CA PRO E 109 -30.64 -12.01 6.81
C PRO E 109 -29.63 -12.04 7.97
N PRO E 110 -28.63 -11.14 7.94
CA PRO E 110 -27.69 -11.19 9.06
C PRO E 110 -28.33 -10.66 10.33
N GLU E 111 -28.04 -11.33 11.45
CA GLU E 111 -28.53 -10.96 12.77
C GLU E 111 -27.60 -9.94 13.43
N LEU E 112 -27.99 -8.66 13.37
CA LEU E 112 -27.10 -7.55 13.73
C LEU E 112 -27.63 -6.61 14.82
N GLU E 113 -26.74 -5.78 15.35
CA GLU E 113 -27.04 -4.84 16.42
C GLU E 113 -26.25 -3.59 16.03
N LYS E 114 -26.96 -2.48 15.82
CA LYS E 114 -26.38 -1.22 15.35
C LYS E 114 -26.58 -0.13 16.38
N PHE E 115 -25.55 0.64 16.67
CA PHE E 115 -25.61 1.70 17.68
C PHE E 115 -24.64 2.81 17.31
N ASN E 116 -24.54 3.86 18.14
CA ASN E 116 -23.65 4.98 17.89
C ASN E 116 -22.67 5.23 19.03
N VAL E 117 -21.51 5.76 18.69
CA VAL E 117 -20.55 6.20 19.67
C VAL E 117 -20.12 7.61 19.30
N ASP E 118 -20.40 8.57 20.17
CA ASP E 118 -20.06 9.98 19.93
C ASP E 118 -19.23 10.51 21.10
N LEU E 119 -18.15 11.22 20.79
CA LEU E 119 -17.24 11.76 21.79
C LEU E 119 -16.47 12.94 21.25
N MET E 120 -15.82 13.65 22.17
CA MET E 120 -15.03 14.82 21.85
C MET E 120 -13.58 14.44 21.98
N LYS E 121 -12.89 14.34 20.85
CA LYS E 121 -11.49 13.94 20.81
C LYS E 121 -10.64 15.10 21.30
N LYS E 122 -9.75 14.84 22.25
CA LYS E 122 -8.71 15.81 22.60
C LYS E 122 -7.57 15.64 21.61
N ALA E 123 -7.01 16.77 21.18
CA ALA E 123 -5.92 16.78 20.21
C ALA E 123 -4.78 15.89 20.71
N GLY E 124 -4.30 15.01 19.84
CA GLY E 124 -3.19 14.12 20.18
C GLY E 124 -3.41 13.10 21.28
N LYS E 125 -4.66 12.88 21.69
CA LYS E 125 -4.97 11.74 22.52
C LYS E 125 -5.68 10.75 21.60
N GLU E 126 -4.94 9.77 21.12
CA GLU E 126 -5.47 8.81 20.14
C GLU E 126 -6.63 8.03 20.77
N LEU E 127 -7.50 7.48 19.93
CA LEU E 127 -8.67 6.74 20.40
C LEU E 127 -8.29 5.40 21.04
N GLY E 128 -7.16 4.83 20.60
CA GLY E 128 -6.70 3.55 21.12
C GLY E 128 -7.25 2.38 20.34
N LEU E 129 -7.35 2.53 19.02
CA LEU E 129 -7.91 1.47 18.17
C LEU E 129 -6.99 1.10 17.04
N SER E 130 -6.94 -0.19 16.77
CA SER E 130 -6.25 -0.69 15.61
C SER E 130 -7.31 -1.34 14.71
N LEU E 131 -7.37 -0.92 13.45
CA LEU E 131 -8.49 -1.26 12.57
C LEU E 131 -8.15 -2.18 11.40
N SER E 132 -9.04 -3.10 11.07
CA SER E 132 -8.93 -3.89 9.85
C SER E 132 -10.07 -3.60 8.90
N PRO E 133 -9.78 -3.10 7.68
CA PRO E 133 -10.88 -2.79 6.76
C PRO E 133 -11.43 -3.98 6.01
N ASN E 134 -12.72 -3.92 5.69
CA ASN E 134 -13.43 -4.98 4.94
C ASN E 134 -14.67 -4.41 4.29
N GLU E 135 -15.50 -5.27 3.68
CA GLU E 135 -16.72 -4.80 3.02
C GLU E 135 -17.81 -4.21 3.95
N ILE E 136 -17.76 -4.53 5.24
CA ILE E 136 -18.72 -3.93 6.17
C ILE E 136 -18.18 -2.59 6.69
N GLY E 137 -16.87 -2.54 6.94
CA GLY E 137 -16.22 -1.34 7.47
C GLY E 137 -14.91 -1.65 8.15
N CYS E 138 -14.60 -0.94 9.24
CA CYS E 138 -13.39 -1.19 9.96
C CYS E 138 -13.63 -1.97 11.23
N THR E 139 -13.18 -3.21 11.21
CA THR E 139 -13.31 -4.08 12.34
C THR E 139 -12.22 -3.68 13.30
N ILE E 140 -12.56 -3.62 14.58
CA ILE E 140 -11.59 -3.33 15.64
C ILE E 140 -10.83 -4.62 15.95
N ALA E 141 -9.52 -4.60 15.71
CA ALA E 141 -8.68 -5.78 15.92
C ALA E 141 -8.06 -5.76 17.30
N ASP E 142 -7.95 -4.56 17.87
CA ASP E 142 -7.31 -4.32 19.14
C ASP E 142 -7.71 -2.96 19.66
N LEU E 143 -7.66 -2.79 20.98
CA LEU E 143 -7.99 -1.51 21.57
C LEU E 143 -7.35 -1.35 22.93
N ILE E 144 -6.88 -0.14 23.23
CA ILE E 144 -6.23 0.15 24.51
C ILE E 144 -7.26 0.81 25.41
N GLN E 145 -7.52 0.18 26.55
CA GLN E 145 -8.52 0.70 27.49
C GLN E 145 -8.01 2.03 28.03
N GLY E 146 -8.94 2.90 28.39
CA GLY E 146 -8.62 4.04 29.24
C GLY E 146 -8.57 5.37 28.53
N GLN E 147 -8.53 5.33 27.19
CA GLN E 147 -8.40 6.56 26.42
C GLN E 147 -9.61 7.47 26.57
N TYR E 148 -10.79 6.92 26.31
CA TYR E 148 -12.03 7.66 26.40
C TYR E 148 -13.13 6.77 27.01
N PRO E 149 -13.83 7.27 28.04
CA PRO E 149 -14.91 6.55 28.70
C PRO E 149 -15.98 6.01 27.74
N GLU E 150 -16.35 6.80 26.72
CA GLU E 150 -17.36 6.36 25.76
C GLU E 150 -16.92 5.10 25.03
N ILE E 151 -15.66 5.09 24.61
CA ILE E 151 -15.05 3.92 23.98
C ILE E 151 -15.01 2.71 24.93
N ASP E 152 -14.49 2.93 26.15
CA ASP E 152 -14.39 1.86 27.16
C ASP E 152 -15.73 1.20 27.45
N SER E 153 -16.78 2.01 27.57
CA SER E 153 -18.11 1.47 27.86
C SER E 153 -18.84 0.89 26.66
N LYS E 154 -18.63 1.41 25.45
CA LYS E 154 -19.45 1.03 24.28
C LYS E 154 -18.78 0.16 23.19
N LEU E 155 -17.46 0.04 23.22
CA LEU E 155 -16.76 -0.63 22.13
C LEU E 155 -15.91 -1.78 22.59
N GLN E 156 -15.67 -2.72 21.69
CA GLN E 156 -14.81 -3.83 21.99
C GLN E 156 -14.11 -4.34 20.72
N ARG E 157 -13.08 -5.14 20.93
CA ARG E 157 -12.46 -5.91 19.87
C ARG E 157 -13.54 -6.73 19.15
N GLY E 158 -13.60 -6.61 17.83
CA GLY E 158 -14.54 -7.38 17.02
C GLY E 158 -15.73 -6.59 16.52
N ASP E 159 -15.90 -5.38 17.05
CA ASP E 159 -16.95 -4.50 16.55
C ASP E 159 -16.51 -3.93 15.21
N ILE E 160 -17.47 -3.59 14.35
CA ILE E 160 -17.21 -3.02 13.04
C ILE E 160 -17.68 -1.58 13.00
N ILE E 161 -16.75 -0.65 12.83
CA ILE E 161 -17.08 0.76 12.67
C ILE E 161 -17.39 0.94 11.21
N THR E 162 -18.55 1.50 10.89
CA THR E 162 -19.05 1.49 9.51
C THR E 162 -19.16 2.89 8.92
N LYS E 163 -19.13 3.89 9.78
CA LYS E 163 -19.24 5.28 9.34
C LYS E 163 -18.57 6.16 10.39
N PHE E 164 -17.69 7.03 9.92
CA PHE E 164 -16.91 7.92 10.79
C PHE E 164 -17.07 9.36 10.31
N ASN E 165 -17.66 10.22 11.16
CA ASN E 165 -18.01 11.60 10.80
C ASN E 165 -18.63 11.71 9.41
N GLY E 166 -19.64 10.90 9.14
CA GLY E 166 -20.37 10.99 7.88
C GLY E 166 -19.80 10.14 6.75
N ASP E 167 -18.56 9.71 6.89
CA ASP E 167 -17.88 8.94 5.85
C ASP E 167 -18.10 7.45 5.97
N ALA E 168 -18.75 6.87 4.97
CA ALA E 168 -19.05 5.43 4.94
C ALA E 168 -17.75 4.64 4.81
N LEU E 169 -17.46 3.76 5.77
CA LEU E 169 -16.17 3.05 5.76
C LEU E 169 -16.12 1.73 4.98
N GLU E 170 -17.25 1.20 4.57
CA GLU E 170 -17.25 -0.06 3.86
C GLU E 170 -16.43 0.01 2.57
N GLY E 171 -15.67 -1.04 2.27
CA GLY E 171 -14.90 -1.13 1.02
C GLY E 171 -13.76 -0.14 0.72
N LEU E 172 -13.18 0.41 1.78
CA LEU E 172 -12.12 1.40 1.65
C LEU E 172 -10.75 0.77 1.90
N PRO E 173 -9.70 1.29 1.22
CA PRO E 173 -8.32 0.88 1.50
C PRO E 173 -7.88 1.37 2.89
N PHE E 174 -6.99 0.63 3.55
CA PHE E 174 -6.49 1.02 4.87
C PHE E 174 -5.91 2.45 4.94
N GLN E 175 -5.22 2.86 3.87
CA GLN E 175 -4.62 4.16 3.85
C GLN E 175 -5.69 5.24 4.06
N VAL E 176 -6.83 5.08 3.41
CA VAL E 176 -7.90 6.06 3.49
C VAL E 176 -8.47 6.06 4.93
N CYS E 177 -8.77 4.87 5.45
CA CYS E 177 -9.32 4.76 6.79
C CYS E 177 -8.45 5.46 7.82
N TYR E 178 -7.17 5.13 7.79
CA TYR E 178 -6.19 5.69 8.69
C TYR E 178 -6.20 7.20 8.61
N ALA E 179 -6.29 7.71 7.40
CA ALA E 179 -6.29 9.13 7.17
C ALA E 179 -7.59 9.82 7.64
N LEU E 180 -8.73 9.15 7.55
CA LEU E 180 -9.97 9.76 8.03
C LEU E 180 -9.95 9.89 9.54
N PHE E 181 -9.49 8.84 10.22
CA PHE E 181 -9.44 8.84 11.68
C PHE E 181 -8.41 9.82 12.19
N LYS E 182 -7.21 9.73 11.64
CA LYS E 182 -6.13 10.65 12.00
C LYS E 182 -6.39 12.08 11.49
N GLY E 183 -7.39 12.24 10.63
CA GLY E 183 -7.70 13.56 10.08
C GLY E 183 -8.66 14.36 10.93
N ALA E 184 -9.37 13.68 11.83
CA ALA E 184 -10.35 14.33 12.68
C ALA E 184 -9.72 15.07 13.85
N ASN E 185 -10.26 16.25 14.14
CA ASN E 185 -10.17 16.80 15.48
C ASN E 185 -11.46 17.50 15.87
N GLY E 186 -11.81 17.37 17.14
CA GLY E 186 -13.07 17.85 17.64
C GLY E 186 -14.00 16.67 17.81
N LYS E 187 -15.19 16.79 17.24
CA LYS E 187 -16.24 15.81 17.43
C LYS E 187 -15.96 14.56 16.62
N VAL E 188 -16.03 13.42 17.30
CA VAL E 188 -15.90 12.12 16.66
C VAL E 188 -17.22 11.39 16.78
N SER E 189 -17.82 11.12 15.64
CA SER E 189 -19.15 10.56 15.60
C SER E 189 -19.07 9.25 14.84
N MET E 190 -19.28 8.12 15.52
CA MET E 190 -19.16 6.79 14.87
C MET E 190 -20.44 6.00 14.81
N GLU E 191 -20.64 5.31 13.69
CA GLU E 191 -21.74 4.36 13.53
C GLU E 191 -21.19 2.97 13.56
N VAL E 192 -21.74 2.13 14.45
CA VAL E 192 -21.17 0.80 14.73
C VAL E 192 -22.16 -0.37 14.54
N THR E 193 -21.63 -1.49 14.02
CA THR E 193 -22.36 -2.73 13.87
C THR E 193 -21.69 -3.80 14.70
N ARG E 194 -22.51 -4.57 15.43
CA ARG E 194 -22.03 -5.68 16.26
C ARG E 194 -22.90 -6.92 16.01
N PRO E 195 -22.28 -8.11 15.91
CA PRO E 195 -23.08 -9.33 15.77
C PRO E 195 -24.05 -9.55 16.93
N LYS E 196 -25.26 -10.00 16.59
CA LYS E 196 -26.23 -10.45 17.60
C LYS E 196 -26.88 -11.78 17.17
N PRO E 197 -26.09 -12.86 17.10
CA PRO E 197 -26.65 -14.17 16.71
C PRO E 197 -27.73 -14.60 17.68
N THR E 198 -28.71 -15.37 17.19
CA THR E 198 -29.63 -16.02 18.08
C THR E 198 -28.94 -17.27 18.65
N LEU E 199 -29.25 -17.60 19.90
CA LEU E 199 -28.58 -18.68 20.62
C LEU E 199 -28.78 -20.03 19.92
N ARG E 200 -27.67 -20.72 19.65
CA ARG E 200 -27.67 -22.00 18.92
C ARG E 200 -26.79 -23.04 19.58
N THR E 201 -26.40 -22.81 20.82
CA THR E 201 -25.56 -23.73 21.54
C THR E 201 -26.13 -23.93 22.94
N GLU E 202 -25.69 -24.96 23.64
CA GLU E 202 -26.11 -25.24 25.02
C GLU E 202 -24.86 -25.31 25.90
N ALA E 203 -25.03 -25.03 27.19
CA ALA E 203 -23.93 -25.16 28.16
C ALA E 203 -23.61 -26.63 28.43
N PRO E 204 -22.34 -26.95 28.74
CA PRO E 204 -22.03 -28.34 29.10
C PRO E 204 -22.71 -28.73 30.41
N LYS E 205 -23.29 -29.93 30.45
CA LYS E 205 -24.01 -30.42 31.63
C LYS E 205 -23.10 -31.19 32.57
N ALA F 1 -0.31 6.29 14.57
CA ALA F 1 1.03 5.87 14.94
C ALA F 1 1.28 4.41 14.60
N LEU F 2 2.54 4.06 14.41
CA LEU F 2 2.96 2.68 14.33
C LEU F 2 3.64 2.35 15.66
N ARG F 3 3.11 1.36 16.36
CA ARG F 3 3.59 0.98 17.69
C ARG F 3 3.40 -0.51 17.84
N ASN F 4 4.47 -1.18 18.28
CA ASN F 4 4.58 -2.64 18.38
C ASN F 4 4.04 -3.44 17.17
N GLY F 5 4.38 -3.00 15.96
CA GLY F 5 3.95 -3.67 14.73
C GLY F 5 2.54 -3.34 14.26
N GLN F 6 1.85 -2.49 15.00
CA GLN F 6 0.46 -2.18 14.70
C GLN F 6 0.22 -0.70 14.43
N TYR F 7 -0.83 -0.40 13.68
CA TYR F 7 -1.23 0.97 13.42
C TYR F 7 -2.39 1.38 14.30
N TRP F 8 -2.27 2.56 14.89
CA TRP F 8 -3.21 3.03 15.88
C TRP F 8 -3.75 4.42 15.54
N VAL F 9 -5.07 4.52 15.60
CA VAL F 9 -5.77 5.79 15.45
C VAL F 9 -6.27 6.26 16.83
N GLN G 7 -34.27 18.34 1.71
CA GLN G 7 -35.09 19.53 1.37
C GLN G 7 -34.28 20.61 0.64
N GLU G 8 -33.02 20.78 1.05
CA GLU G 8 -32.11 21.75 0.42
C GLU G 8 -31.01 21.00 -0.31
N PRO G 9 -30.88 21.22 -1.63
CA PRO G 9 -29.95 20.45 -2.45
C PRO G 9 -28.59 20.18 -1.78
N ALA G 10 -27.91 21.24 -1.35
CA ALA G 10 -26.57 21.14 -0.75
C ALA G 10 -26.43 20.06 0.31
N THR G 11 -27.46 19.90 1.15
CA THR G 11 -27.38 18.99 2.32
C THR G 11 -28.37 17.81 2.33
N ALA G 12 -29.30 17.78 1.38
CA ALA G 12 -30.34 16.74 1.34
C ALA G 12 -29.85 15.29 1.54
N GLU G 13 -30.47 14.59 2.49
CA GLU G 13 -30.26 13.14 2.65
C GLU G 13 -30.78 12.37 1.46
N ILE G 14 -30.18 11.23 1.18
CA ILE G 14 -30.67 10.37 0.11
C ILE G 14 -31.53 9.27 0.74
N LYS G 15 -32.83 9.51 0.76
CA LYS G 15 -33.76 8.51 1.24
C LYS G 15 -33.88 7.41 0.19
N PRO G 16 -34.02 6.15 0.62
CA PRO G 16 -34.18 5.07 -0.35
C PRO G 16 -35.53 5.10 -1.06
N ASN G 17 -35.52 4.67 -2.33
CA ASN G 17 -36.72 4.53 -3.18
C ASN G 17 -37.49 5.81 -3.51
N LYS G 18 -36.77 6.93 -3.51
CA LYS G 18 -37.33 8.23 -3.94
C LYS G 18 -36.27 8.99 -4.74
N LYS G 19 -36.71 9.84 -5.67
CA LYS G 19 -35.84 10.80 -6.37
C LYS G 19 -35.44 11.93 -5.44
N ILE G 20 -34.14 12.20 -5.34
CA ILE G 20 -33.65 13.32 -4.54
C ILE G 20 -32.79 14.22 -5.39
N LEU G 21 -33.03 15.53 -5.30
CA LEU G 21 -32.20 16.52 -5.99
C LEU G 21 -31.12 17.09 -5.08
N ILE G 22 -29.87 16.72 -5.33
CA ILE G 22 -28.74 17.23 -4.54
C ILE G 22 -27.85 18.22 -5.31
N GLU G 23 -27.03 18.96 -4.54
CA GLU G 23 -26.02 19.86 -5.07
C GLU G 23 -24.70 19.51 -4.42
N LEU G 24 -23.71 19.27 -5.26
CA LEU G 24 -22.45 18.69 -4.85
C LEU G 24 -21.28 19.58 -5.25
N LYS G 25 -20.38 19.83 -4.31
CA LYS G 25 -19.23 20.72 -4.55
C LYS G 25 -18.18 20.01 -5.39
N VAL G 26 -17.83 20.63 -6.51
CA VAL G 26 -16.85 20.06 -7.43
C VAL G 26 -15.62 20.94 -7.48
N GLU G 27 -15.84 22.24 -7.69
CA GLU G 27 -14.78 23.26 -7.67
C GLU G 27 -13.53 22.80 -8.40
N LYS G 28 -13.69 22.49 -9.69
CA LYS G 28 -12.58 22.16 -10.58
C LYS G 28 -11.76 20.88 -10.23
N LYS G 29 -12.32 20.00 -9.41
CA LYS G 29 -11.62 18.76 -9.01
C LYS G 29 -12.38 17.56 -9.55
N PRO G 30 -11.72 16.39 -9.68
CA PRO G 30 -12.42 15.28 -10.32
C PRO G 30 -13.61 14.78 -9.49
N MET G 31 -14.71 14.48 -10.15
CA MET G 31 -15.83 13.83 -9.48
C MET G 31 -15.47 12.45 -8.94
N GLY G 32 -14.64 11.71 -9.68
CA GLY G 32 -14.14 10.42 -9.23
C GLY G 32 -15.18 9.34 -9.09
N VAL G 33 -15.90 9.05 -10.16
CA VAL G 33 -16.79 7.89 -10.18
C VAL G 33 -16.56 7.06 -11.44
N ILE G 34 -16.94 5.80 -11.38
CA ILE G 34 -17.13 4.96 -12.54
C ILE G 34 -18.64 4.76 -12.76
N VAL G 35 -19.10 5.04 -13.97
CA VAL G 35 -20.51 4.90 -14.28
C VAL G 35 -20.69 3.91 -15.42
N CYS G 36 -21.92 3.46 -15.58
CA CYS G 36 -22.26 2.63 -16.71
C CYS G 36 -23.55 3.15 -17.35
N GLY G 37 -23.78 2.82 -18.61
CA GLY G 37 -24.95 3.28 -19.33
C GLY G 37 -24.65 3.79 -20.72
N GLY G 38 -25.61 3.64 -21.63
CA GLY G 38 -25.50 4.11 -23.01
C GLY G 38 -26.27 3.23 -23.99
N LYS G 39 -26.61 3.80 -25.15
CA LYS G 39 -27.30 3.05 -26.21
C LYS G 39 -26.50 1.80 -26.54
N ASN G 40 -25.22 2.01 -26.79
CA ASN G 40 -24.26 0.96 -27.15
C ASN G 40 -23.52 0.41 -25.94
N ASN G 41 -24.30 0.01 -24.94
CA ASN G 41 -23.82 -0.44 -23.64
C ASN G 41 -24.70 -1.61 -23.20
N HIS G 42 -24.23 -2.40 -22.24
CA HIS G 42 -25.04 -3.49 -21.70
C HIS G 42 -26.12 -2.94 -20.75
N VAL G 43 -25.93 -1.74 -20.22
CA VAL G 43 -26.91 -1.13 -19.33
C VAL G 43 -27.61 -0.04 -20.13
N THR G 44 -28.82 -0.32 -20.60
CA THR G 44 -29.52 0.59 -21.53
C THR G 44 -30.69 1.29 -20.90
N THR G 45 -30.87 1.03 -19.60
CA THR G 45 -32.00 1.52 -18.83
C THR G 45 -31.65 2.66 -17.87
N GLY G 46 -30.36 2.98 -17.70
CA GLY G 46 -29.97 4.10 -16.83
C GLY G 46 -28.49 4.34 -16.59
N CYS G 47 -28.17 5.46 -15.97
CA CYS G 47 -26.80 5.74 -15.56
C CYS G 47 -26.66 5.42 -14.09
N VAL G 48 -25.77 4.47 -13.78
CA VAL G 48 -25.63 4.01 -12.42
C VAL G 48 -24.16 4.05 -12.04
N ILE G 49 -23.88 4.48 -10.81
CA ILE G 49 -22.52 4.56 -10.31
C ILE G 49 -22.12 3.17 -9.89
N THR G 50 -20.95 2.70 -10.33
CA THR G 50 -20.44 1.40 -9.86
C THR G 50 -19.09 1.46 -9.13
N HIS G 51 -18.54 2.67 -8.96
CA HIS G 51 -17.37 2.87 -8.10
C HIS G 51 -17.21 4.31 -7.71
N VAL G 52 -16.93 4.55 -6.43
CA VAL G 52 -16.59 5.88 -5.95
C VAL G 52 -15.10 5.93 -5.59
N TYR G 53 -14.34 6.80 -6.24
CA TYR G 53 -12.93 6.92 -5.87
C TYR G 53 -12.80 7.71 -4.57
N PRO G 54 -12.06 7.18 -3.59
CA PRO G 54 -12.00 7.90 -2.30
C PRO G 54 -11.40 9.30 -2.41
N GLU G 55 -10.58 9.54 -3.44
CA GLU G 55 -9.83 10.77 -3.60
C GLU G 55 -10.62 11.91 -4.26
N GLY G 56 -11.81 11.59 -4.75
CA GLY G 56 -12.54 12.53 -5.59
C GLY G 56 -13.67 13.22 -4.90
N GLN G 57 -14.33 14.11 -5.62
CA GLN G 57 -15.35 14.99 -5.06
C GLN G 57 -16.66 14.30 -4.65
N VAL G 58 -16.97 13.16 -5.27
CA VAL G 58 -18.17 12.43 -4.91
C VAL G 58 -17.94 11.76 -3.55
N ALA G 59 -16.74 11.22 -3.32
CA ALA G 59 -16.35 10.76 -1.97
C ALA G 59 -16.38 11.88 -0.94
N ALA G 60 -15.90 13.08 -1.27
CA ALA G 60 -15.80 14.15 -0.29
C ALA G 60 -17.17 14.68 0.11
N ASP G 61 -18.10 14.71 -0.83
CA ASP G 61 -19.49 14.99 -0.51
C ASP G 61 -20.12 14.00 0.48
N LYS G 62 -19.61 12.76 0.55
CA LYS G 62 -20.07 11.77 1.54
C LYS G 62 -21.34 10.95 1.19
N ARG G 63 -22.28 11.54 0.45
CA ARG G 63 -23.63 10.97 0.32
C ARG G 63 -23.79 9.78 -0.63
N LEU G 64 -23.22 9.87 -1.83
CA LEU G 64 -23.50 8.88 -2.89
C LEU G 64 -22.90 7.52 -2.59
N LYS G 65 -23.47 6.50 -3.22
CA LYS G 65 -23.05 5.12 -3.09
C LYS G 65 -23.09 4.43 -4.45
N ILE G 66 -22.34 3.34 -4.56
CA ILE G 66 -22.45 2.37 -5.64
C ILE G 66 -23.91 1.93 -5.80
N PHE G 67 -24.35 1.80 -7.04
CA PHE G 67 -25.74 1.41 -7.38
C PHE G 67 -26.79 2.53 -7.33
N ASP G 68 -26.38 3.73 -6.89
CA ASP G 68 -27.17 4.94 -7.05
C ASP G 68 -27.34 5.23 -8.54
N HIS G 69 -28.56 5.62 -8.91
CA HIS G 69 -28.97 5.84 -10.27
C HIS G 69 -29.06 7.34 -10.51
N ILE G 70 -28.21 7.86 -11.39
CA ILE G 70 -28.19 9.29 -11.69
C ILE G 70 -29.11 9.63 -12.86
N CYS G 71 -30.22 10.30 -12.53
CA CYS G 71 -31.26 10.61 -13.52
C CYS G 71 -31.01 11.88 -14.30
N ASP G 72 -30.30 12.83 -13.67
CA ASP G 72 -30.04 14.12 -14.28
C ASP G 72 -28.78 14.77 -13.70
N ILE G 73 -28.02 15.44 -14.58
CA ILE G 73 -26.86 16.26 -14.20
C ILE G 73 -27.01 17.65 -14.85
N ASN G 74 -27.08 18.68 -14.03
CA ASN G 74 -27.40 20.06 -14.49
C ASN G 74 -28.79 20.20 -15.12
N GLY G 75 -28.84 20.57 -16.39
CA GLY G 75 -30.11 20.60 -17.11
C GLY G 75 -30.44 19.22 -17.65
N THR G 76 -29.45 18.59 -18.30
CA THR G 76 -29.66 17.38 -19.07
C THR G 76 -30.08 16.18 -18.23
N PRO G 77 -31.27 15.63 -18.51
CA PRO G 77 -31.60 14.33 -17.92
C PRO G 77 -30.74 13.25 -18.56
N ILE G 78 -30.28 12.30 -17.76
CA ILE G 78 -29.37 11.29 -18.30
C ILE G 78 -30.15 10.07 -18.80
N HIS G 79 -30.73 10.24 -19.98
CA HIS G 79 -31.43 9.16 -20.66
C HIS G 79 -30.47 8.42 -21.59
N VAL G 80 -29.96 7.28 -21.12
CA VAL G 80 -28.90 6.56 -21.84
C VAL G 80 -29.35 5.97 -23.20
N GLY G 81 -30.66 5.93 -23.42
CA GLY G 81 -31.21 5.49 -24.70
C GLY G 81 -30.81 6.41 -25.84
N SER G 82 -30.52 7.67 -25.51
CA SER G 82 -30.13 8.67 -26.49
C SER G 82 -28.65 9.06 -26.46
N MET G 83 -27.86 8.46 -25.58
CA MET G 83 -26.46 8.86 -25.47
C MET G 83 -25.51 7.66 -25.57
N THR G 84 -24.39 7.81 -26.28
CA THR G 84 -23.35 6.77 -26.29
C THR G 84 -22.75 6.56 -24.91
N THR G 85 -22.05 5.44 -24.73
CA THR G 85 -21.37 5.12 -23.49
C THR G 85 -20.32 6.22 -23.19
N LEU G 86 -19.59 6.62 -24.22
CA LEU G 86 -18.68 7.75 -24.10
C LEU G 86 -19.35 8.98 -23.51
N LYS G 87 -20.41 9.47 -24.14
CA LYS G 87 -21.04 10.71 -23.70
C LYS G 87 -21.44 10.62 -22.22
N VAL G 88 -22.08 9.51 -21.83
CA VAL G 88 -22.50 9.32 -20.44
C VAL G 88 -21.34 9.39 -19.47
N HIS G 89 -20.31 8.58 -19.73
CA HIS G 89 -19.07 8.63 -18.96
C HIS G 89 -18.51 10.06 -18.81
N GLN G 90 -18.52 10.78 -19.92
CA GLN G 90 -17.83 12.04 -20.03
C GLN G 90 -18.52 13.13 -19.22
N LEU G 91 -19.84 13.08 -19.11
CA LEU G 91 -20.59 13.99 -18.24
C LEU G 91 -20.08 13.94 -16.79
N PHE G 92 -19.55 12.79 -16.38
CA PHE G 92 -18.95 12.68 -15.06
C PHE G 92 -17.46 12.99 -15.01
N HIS G 93 -16.75 12.88 -16.15
CA HIS G 93 -15.30 13.10 -16.18
C HIS G 93 -14.93 14.42 -16.79
N THR G 94 -15.85 15.37 -16.71
CA THR G 94 -15.64 16.73 -17.17
C THR G 94 -15.43 17.56 -15.91
N THR G 95 -14.69 18.65 -16.01
CA THR G 95 -14.39 19.46 -14.84
C THR G 95 -15.33 20.65 -14.75
N TYR G 96 -16.10 20.67 -13.67
CA TYR G 96 -17.11 21.69 -13.43
C TYR G 96 -16.59 22.75 -12.46
N GLU G 97 -17.03 23.98 -12.65
CA GLU G 97 -16.38 25.14 -12.05
C GLU G 97 -16.60 25.31 -10.56
N LYS G 98 -17.87 25.38 -10.15
CA LYS G 98 -18.22 25.58 -8.74
C LYS G 98 -18.92 24.34 -8.27
N ALA G 99 -20.24 24.27 -8.46
CA ALA G 99 -21.00 23.10 -8.03
C ALA G 99 -21.84 22.49 -9.18
N VAL G 100 -22.42 21.32 -8.92
CA VAL G 100 -23.23 20.59 -9.89
C VAL G 100 -24.45 19.99 -9.21
N THR G 101 -25.62 20.13 -9.84
CA THR G 101 -26.84 19.50 -9.35
C THR G 101 -27.05 18.12 -9.97
N LEU G 102 -27.42 17.15 -9.13
CA LEU G 102 -27.77 15.83 -9.61
C LEU G 102 -29.12 15.42 -9.04
N THR G 103 -29.87 14.62 -9.79
CA THR G 103 -31.02 13.96 -9.17
C THR G 103 -30.81 12.45 -9.15
N VAL G 104 -30.92 11.89 -7.95
CA VAL G 104 -30.47 10.54 -7.63
C VAL G 104 -31.59 9.65 -7.08
N PHE G 105 -31.54 8.37 -7.42
CA PHE G 105 -32.47 7.36 -6.92
C PHE G 105 -31.69 6.14 -6.41
N ARG G 106 -31.78 5.90 -5.11
CA ARG G 106 -31.17 4.75 -4.44
C ARG G 106 -32.26 3.70 -4.22
N ALA G 107 -32.13 2.57 -4.92
CA ALA G 107 -33.14 1.51 -4.89
C ALA G 107 -32.85 0.56 -3.74
N ASP G 108 -33.90 0.21 -3.01
CA ASP G 108 -33.79 -0.74 -1.90
C ASP G 108 -34.94 -1.74 -2.03
N PRO G 109 -34.63 -3.00 -2.39
CA PRO G 109 -33.28 -3.53 -2.61
C PRO G 109 -32.70 -3.07 -3.96
N PRO G 110 -31.37 -3.22 -4.16
CA PRO G 110 -30.76 -2.70 -5.38
C PRO G 110 -31.23 -3.44 -6.61
N GLU G 111 -31.16 -2.76 -7.74
CA GLU G 111 -31.69 -3.27 -9.00
C GLU G 111 -30.58 -3.85 -9.85
N LEU G 112 -30.40 -5.16 -9.74
CA LEU G 112 -29.17 -5.81 -10.19
C LEU G 112 -29.34 -6.94 -11.19
N GLU G 113 -28.28 -7.18 -11.94
CA GLU G 113 -28.17 -8.38 -12.77
C GLU G 113 -26.87 -9.10 -12.41
N LYS G 114 -26.92 -10.43 -12.35
CA LYS G 114 -25.78 -11.27 -11.97
C LYS G 114 -25.55 -12.36 -13.02
N PHE G 115 -24.31 -12.67 -13.35
CA PHE G 115 -24.01 -13.72 -14.33
C PHE G 115 -22.59 -14.27 -14.16
N ASN G 116 -22.23 -15.20 -15.04
CA ASN G 116 -20.98 -15.93 -15.02
C ASN G 116 -20.21 -15.71 -16.31
N VAL G 117 -18.90 -15.47 -16.19
CA VAL G 117 -18.01 -15.54 -17.35
C VAL G 117 -16.98 -16.62 -17.05
N ASP G 118 -16.77 -17.51 -18.02
CA ASP G 118 -15.82 -18.63 -17.90
C ASP G 118 -14.92 -18.63 -19.12
N LEU G 119 -13.64 -18.93 -18.94
CA LEU G 119 -12.71 -18.95 -20.06
C LEU G 119 -11.46 -19.70 -19.69
N MET G 120 -10.67 -20.03 -20.70
CA MET G 120 -9.44 -20.77 -20.48
C MET G 120 -8.29 -19.79 -20.66
N LYS G 121 -7.71 -19.35 -19.55
CA LYS G 121 -6.69 -18.32 -19.60
C LYS G 121 -5.41 -18.92 -20.12
N LYS G 122 -4.85 -18.27 -21.13
CA LYS G 122 -3.57 -18.66 -21.70
C LYS G 122 -2.45 -18.01 -20.86
N ALA G 123 -1.55 -18.86 -20.37
CA ALA G 123 -0.35 -18.42 -19.67
C ALA G 123 0.33 -17.26 -20.38
N GLY G 124 0.47 -16.14 -19.68
CA GLY G 124 1.13 -14.97 -20.25
C GLY G 124 0.24 -13.95 -20.95
N LYS G 125 -0.97 -14.36 -21.32
CA LYS G 125 -1.90 -13.47 -22.00
C LYS G 125 -2.90 -12.94 -20.98
N GLU G 126 -2.69 -11.68 -20.58
CA GLU G 126 -3.46 -11.05 -19.52
C GLU G 126 -4.92 -10.89 -19.94
N LEU G 127 -5.82 -10.84 -18.97
CA LEU G 127 -7.24 -10.74 -19.27
C LEU G 127 -7.59 -9.43 -19.98
N GLY G 128 -6.74 -8.42 -19.80
CA GLY G 128 -6.97 -7.09 -20.32
C GLY G 128 -7.83 -6.22 -19.41
N LEU G 129 -7.78 -6.44 -18.10
CA LEU G 129 -8.63 -5.67 -17.18
C LEU G 129 -7.84 -4.84 -16.20
N SER G 130 -8.41 -3.71 -15.84
CA SER G 130 -7.89 -2.83 -14.80
C SER G 130 -9.03 -2.65 -13.80
N LEU G 131 -8.77 -2.98 -12.53
CA LEU G 131 -9.81 -3.15 -11.52
C LEU G 131 -9.70 -2.12 -10.42
N SER G 132 -10.84 -1.79 -9.81
CA SER G 132 -10.92 -0.91 -8.64
C SER G 132 -11.73 -1.57 -7.55
N PRO G 133 -11.08 -1.96 -6.43
CA PRO G 133 -11.82 -2.70 -5.41
C PRO G 133 -12.75 -1.84 -4.59
N ASN G 134 -13.83 -2.44 -4.07
CA ASN G 134 -14.80 -1.76 -3.19
C ASN G 134 -15.62 -2.76 -2.33
N GLU G 135 -16.66 -2.29 -1.64
CA GLU G 135 -17.40 -3.20 -0.79
C GLU G 135 -18.17 -4.28 -1.55
N ILE G 136 -18.41 -4.06 -2.84
CA ILE G 136 -19.11 -5.02 -3.66
C ILE G 136 -18.13 -5.96 -4.37
N GLY G 137 -17.15 -5.41 -5.06
CA GLY G 137 -16.12 -6.26 -5.64
C GLY G 137 -15.06 -5.45 -6.32
N CYS G 138 -14.63 -5.92 -7.47
CA CYS G 138 -13.71 -5.19 -8.31
C CYS G 138 -14.44 -4.70 -9.52
N THR G 139 -14.61 -3.38 -9.58
CA THR G 139 -15.26 -2.75 -10.71
C THR G 139 -14.24 -2.65 -11.82
N ILE G 140 -14.65 -2.97 -13.04
CA ILE G 140 -13.79 -2.80 -14.19
C ILE G 140 -13.70 -1.31 -14.54
N ALA G 141 -12.54 -0.74 -14.29
CA ALA G 141 -12.25 0.68 -14.60
C ALA G 141 -11.89 0.81 -16.05
N ASP G 142 -11.14 -0.16 -16.56
CA ASP G 142 -10.73 -0.13 -17.97
C ASP G 142 -10.58 -1.54 -18.54
N LEU G 143 -10.52 -1.65 -19.86
CA LEU G 143 -10.70 -2.92 -20.55
C LEU G 143 -10.09 -2.79 -21.93
N ILE G 144 -9.15 -3.68 -22.25
CA ILE G 144 -8.47 -3.66 -23.53
C ILE G 144 -9.05 -4.79 -24.36
N GLN G 145 -9.82 -4.43 -25.38
CA GLN G 145 -10.54 -5.41 -26.19
C GLN G 145 -9.59 -6.29 -27.01
N GLY G 146 -10.04 -7.51 -27.35
CA GLY G 146 -9.28 -8.43 -28.21
C GLY G 146 -8.51 -9.55 -27.52
N GLN G 147 -8.64 -9.64 -26.20
CA GLN G 147 -7.89 -10.61 -25.44
C GLN G 147 -8.60 -11.97 -25.44
N TYR G 148 -9.84 -11.99 -24.98
CA TYR G 148 -10.61 -13.24 -24.90
C TYR G 148 -12.05 -12.99 -25.38
N PRO G 149 -12.54 -13.84 -26.30
CA PRO G 149 -13.92 -13.64 -26.80
C PRO G 149 -14.98 -13.52 -25.70
N GLU G 150 -14.87 -14.35 -24.64
CA GLU G 150 -15.82 -14.34 -23.54
C GLU G 150 -15.94 -12.95 -22.87
N ILE G 151 -14.81 -12.27 -22.71
CA ILE G 151 -14.76 -10.92 -22.11
C ILE G 151 -15.38 -9.89 -23.07
N ASP G 152 -14.99 -9.96 -24.34
CA ASP G 152 -15.52 -9.05 -25.36
C ASP G 152 -17.05 -9.14 -25.52
N SER G 153 -17.61 -10.33 -25.36
CA SER G 153 -19.06 -10.46 -25.47
C SER G 153 -19.80 -10.20 -24.16
N LYS G 154 -19.19 -10.54 -23.03
CA LYS G 154 -19.92 -10.52 -21.75
C LYS G 154 -19.57 -9.42 -20.76
N LEU G 155 -18.36 -8.86 -20.86
CA LEU G 155 -17.98 -7.82 -19.90
C LEU G 155 -17.78 -6.42 -20.51
N GLN G 156 -17.92 -5.40 -19.67
CA GLN G 156 -17.67 -3.99 -20.00
C GLN G 156 -17.21 -3.17 -18.76
N ARG G 157 -16.69 -1.97 -19.00
CA ARG G 157 -16.36 -1.02 -17.93
C ARG G 157 -17.58 -0.84 -17.09
N GLY G 158 -17.40 -0.81 -15.76
CA GLY G 158 -18.50 -0.59 -14.87
C GLY G 158 -19.11 -1.85 -14.25
N ASP G 159 -18.88 -3.01 -14.87
CA ASP G 159 -19.30 -4.28 -14.28
C ASP G 159 -18.49 -4.52 -13.01
N ILE G 160 -19.06 -5.25 -12.05
CA ILE G 160 -18.36 -5.51 -10.82
C ILE G 160 -18.13 -6.99 -10.74
N ILE G 161 -16.86 -7.40 -10.79
CA ILE G 161 -16.53 -8.80 -10.57
C ILE G 161 -16.59 -9.07 -9.06
N THR G 162 -17.37 -10.07 -8.66
CA THR G 162 -17.68 -10.28 -7.24
C THR G 162 -17.05 -11.56 -6.68
N LYS G 163 -16.69 -12.47 -7.59
CA LYS G 163 -16.00 -13.68 -7.21
C LYS G 163 -15.11 -14.07 -8.37
N PHE G 164 -13.91 -14.56 -8.04
CA PHE G 164 -12.92 -15.03 -9.00
C PHE G 164 -12.38 -16.36 -8.48
N ASN G 165 -12.64 -17.44 -9.23
CA ASN G 165 -12.29 -18.81 -8.86
C ASN G 165 -12.56 -19.17 -7.41
N GLY G 166 -13.76 -18.84 -6.92
CA GLY G 166 -14.12 -19.18 -5.55
C GLY G 166 -13.79 -18.12 -4.51
N ASP G 167 -12.88 -17.20 -4.86
CA ASP G 167 -12.44 -16.14 -3.94
C ASP G 167 -13.34 -14.93 -4.07
N ALA G 168 -14.08 -14.65 -3.01
CA ALA G 168 -15.04 -13.56 -2.98
C ALA G 168 -14.25 -12.25 -2.90
N LEU G 169 -14.57 -11.32 -3.78
CA LEU G 169 -13.73 -10.13 -3.95
C LEU G 169 -14.11 -8.88 -3.16
N GLU G 170 -15.28 -8.89 -2.52
CA GLU G 170 -15.77 -7.74 -1.77
C GLU G 170 -14.88 -7.35 -0.57
N GLY G 171 -14.64 -6.06 -0.41
CA GLY G 171 -13.89 -5.55 0.71
C GLY G 171 -12.41 -5.89 0.78
N LEU G 172 -11.80 -6.27 -0.35
CA LEU G 172 -10.38 -6.70 -0.38
C LEU G 172 -9.41 -5.56 -0.69
N PRO G 173 -8.17 -5.63 -0.20
CA PRO G 173 -7.15 -4.65 -0.63
C PRO G 173 -6.75 -4.88 -2.08
N PHE G 174 -6.25 -3.86 -2.78
CA PHE G 174 -5.92 -4.05 -4.20
C PHE G 174 -4.76 -5.04 -4.40
N GLN G 175 -3.79 -5.01 -3.49
CA GLN G 175 -2.67 -5.92 -3.53
C GLN G 175 -3.20 -7.36 -3.62
N VAL G 176 -4.27 -7.63 -2.90
CA VAL G 176 -4.83 -8.97 -2.80
C VAL G 176 -5.59 -9.34 -4.08
N CYS G 177 -6.40 -8.43 -4.59
CA CYS G 177 -7.08 -8.68 -5.87
C CYS G 177 -6.06 -8.91 -6.98
N TYR G 178 -5.11 -7.98 -7.12
CA TYR G 178 -4.07 -8.09 -8.14
C TYR G 178 -3.43 -9.47 -8.11
N ALA G 179 -3.11 -9.95 -6.92
CA ALA G 179 -2.44 -11.24 -6.74
C ALA G 179 -3.33 -12.41 -7.10
N LEU G 180 -4.60 -12.34 -6.70
CA LEU G 180 -5.58 -13.37 -7.08
C LEU G 180 -5.70 -13.55 -8.59
N PHE G 181 -5.86 -12.48 -9.34
CA PHE G 181 -5.95 -12.57 -10.81
C PHE G 181 -4.65 -13.02 -11.46
N LYS G 182 -3.52 -12.79 -10.78
CA LYS G 182 -2.22 -13.13 -11.35
C LYS G 182 -1.77 -14.51 -10.92
N GLY G 183 -2.57 -15.18 -10.10
CA GLY G 183 -2.24 -16.53 -9.68
C GLY G 183 -2.76 -17.53 -10.68
N ALA G 184 -3.97 -17.28 -11.17
CA ALA G 184 -4.71 -18.23 -11.99
C ALA G 184 -4.18 -18.44 -13.40
N ASN G 185 -3.43 -19.53 -13.60
CA ASN G 185 -3.10 -20.02 -14.95
C ASN G 185 -3.78 -21.37 -15.16
N GLY G 186 -4.68 -21.40 -16.13
CA GLY G 186 -5.66 -22.47 -16.23
C GLY G 186 -7.02 -21.83 -16.39
N LYS G 187 -8.06 -22.53 -15.94
CA LYS G 187 -9.42 -22.04 -16.08
C LYS G 187 -9.71 -20.84 -15.19
N VAL G 188 -10.36 -19.84 -15.77
CA VAL G 188 -10.81 -18.66 -15.07
C VAL G 188 -12.34 -18.64 -15.08
N SER G 189 -12.91 -18.53 -13.87
CA SER G 189 -14.36 -18.54 -13.70
C SER G 189 -14.82 -17.38 -12.82
N MET G 190 -15.56 -16.44 -13.40
CA MET G 190 -15.88 -15.17 -12.72
C MET G 190 -17.37 -14.98 -12.48
N GLU G 191 -17.69 -14.45 -11.30
CA GLU G 191 -19.07 -14.08 -10.99
C GLU G 191 -19.20 -12.57 -11.02
N VAL G 192 -20.20 -12.08 -11.74
CA VAL G 192 -20.27 -10.64 -12.05
C VAL G 192 -21.64 -10.03 -11.75
N THR G 193 -21.61 -8.79 -11.25
CA THR G 193 -22.81 -8.03 -10.93
C THR G 193 -22.81 -6.79 -11.78
N ARG G 194 -23.98 -6.50 -12.38
CA ARG G 194 -24.17 -5.33 -13.22
C ARG G 194 -25.53 -4.68 -12.92
N PRO G 195 -25.56 -3.33 -12.88
CA PRO G 195 -26.83 -2.65 -12.59
C PRO G 195 -27.88 -2.92 -13.65
N LYS G 196 -29.13 -3.02 -13.21
CA LYS G 196 -30.28 -3.17 -14.10
C LYS G 196 -31.36 -2.25 -13.54
N PRO G 197 -31.18 -0.92 -13.67
CA PRO G 197 -32.18 -0.05 -13.06
C PRO G 197 -33.48 -0.06 -13.83
N THR G 198 -34.60 0.12 -13.13
CA THR G 198 -35.82 0.33 -13.87
C THR G 198 -35.72 1.74 -14.48
N LEU G 199 -36.27 1.86 -15.68
CA LEU G 199 -36.33 3.09 -16.43
C LEU G 199 -37.00 4.24 -15.67
N ARG G 200 -36.28 5.34 -15.45
CA ARG G 200 -36.83 6.52 -14.79
C ARG G 200 -36.55 7.84 -15.53
N THR G 201 -36.20 7.76 -16.81
CA THR G 201 -35.82 8.98 -17.54
C THR G 201 -36.58 9.00 -18.84
N GLU G 202 -36.75 10.18 -19.42
CA GLU G 202 -37.39 10.27 -20.73
C GLU G 202 -36.43 10.74 -21.81
N ALA G 203 -36.61 10.19 -23.01
CA ALA G 203 -35.91 10.63 -24.22
C ALA G 203 -36.24 12.09 -24.51
N PRO G 204 -35.25 12.87 -24.99
CA PRO G 204 -35.44 14.27 -25.40
C PRO G 204 -36.48 14.43 -26.52
N LYS G 205 -37.14 15.58 -26.55
CA LYS G 205 -38.17 15.87 -27.56
C LYS G 205 -37.86 17.14 -28.35
N ALA H 1 0.29 -6.12 -14.87
CA ALA H 1 1.40 -5.28 -15.32
C ALA H 1 1.12 -3.80 -15.04
N LEU H 2 2.16 -2.99 -15.09
CA LEU H 2 2.01 -1.56 -14.96
C LEU H 2 2.30 -0.93 -16.29
N ARG H 3 1.28 -0.30 -16.88
CA ARG H 3 1.37 0.36 -18.18
C ARG H 3 0.57 1.66 -18.13
N ASN H 4 1.21 2.76 -18.54
CA ASN H 4 0.69 4.14 -18.48
C ASN H 4 -0.11 4.53 -17.23
N GLY H 5 0.46 4.29 -16.05
CA GLY H 5 -0.20 4.71 -14.81
C GLY H 5 -1.26 3.76 -14.26
N GLN H 6 -1.58 2.68 -14.97
CA GLN H 6 -2.58 1.73 -14.47
C GLN H 6 -2.07 0.28 -14.36
N TYR H 7 -2.72 -0.47 -13.47
CA TYR H 7 -2.39 -1.86 -13.25
C TYR H 7 -3.33 -2.74 -14.02
N TRP H 8 -2.77 -3.73 -14.72
CA TRP H 8 -3.55 -4.65 -15.55
C TRP H 8 -3.45 -6.12 -15.11
N VAL H 9 -4.60 -6.80 -15.07
CA VAL H 9 -4.65 -8.26 -14.94
C VAL H 9 -5.04 -8.96 -16.24
N PRO I 6 40.32 -24.70 55.65
CA PRO I 6 38.95 -25.13 55.96
C PRO I 6 38.00 -23.93 56.20
N GLN I 7 37.50 -23.36 55.10
CA GLN I 7 36.50 -22.29 55.12
C GLN I 7 35.13 -22.80 55.61
N GLU I 8 34.32 -21.92 56.21
CA GLU I 8 32.95 -22.26 56.61
C GLU I 8 32.10 -22.77 55.43
N PRO I 9 31.48 -23.95 55.58
CA PRO I 9 30.71 -24.60 54.50
C PRO I 9 29.69 -23.69 53.81
N ALA I 10 28.96 -22.91 54.59
CA ALA I 10 27.97 -21.95 54.07
C ALA I 10 28.58 -20.98 53.06
N THR I 11 29.77 -20.45 53.37
CA THR I 11 30.40 -19.43 52.52
C THR I 11 31.58 -19.91 51.67
N ALA I 12 31.99 -21.16 51.88
CA ALA I 12 33.23 -21.65 51.29
C ALA I 12 33.30 -21.50 49.77
N GLU I 13 34.45 -20.98 49.33
CA GLU I 13 34.80 -20.88 47.91
C GLU I 13 35.05 -22.26 47.37
N ILE I 14 34.76 -22.47 46.09
CA ILE I 14 35.11 -23.74 45.45
C ILE I 14 36.44 -23.60 44.68
N LYS I 15 37.54 -23.94 45.35
CA LYS I 15 38.86 -23.85 44.75
C LYS I 15 39.14 -25.11 43.93
N PRO I 16 39.82 -24.96 42.78
CA PRO I 16 40.12 -26.10 41.89
C PRO I 16 40.98 -27.17 42.54
N ASN I 17 40.74 -28.42 42.16
CA ASN I 17 41.59 -29.57 42.52
C ASN I 17 41.69 -29.91 44.01
N LYS I 18 40.65 -29.56 44.75
CA LYS I 18 40.57 -29.81 46.18
C LYS I 18 39.15 -30.24 46.51
N LYS I 19 39.02 -31.27 47.35
CA LYS I 19 37.75 -31.58 47.97
C LYS I 19 37.29 -30.44 48.88
N ILE I 20 36.10 -29.90 48.65
CA ILE I 20 35.57 -28.80 49.44
C ILE I 20 34.26 -29.23 50.07
N LEU I 21 34.11 -29.02 51.37
CA LEU I 21 32.83 -29.23 52.02
C LEU I 21 32.06 -27.93 51.98
N ILE I 22 30.88 -27.97 51.38
CA ILE I 22 30.04 -26.80 51.36
C ILE I 22 28.66 -27.14 51.89
N GLU I 23 27.93 -26.14 52.39
CA GLU I 23 26.56 -26.33 52.84
C GLU I 23 25.62 -25.45 52.02
N LEU I 24 24.56 -26.06 51.51
CA LEU I 24 23.71 -25.39 50.55
C LEU I 24 22.25 -25.35 51.01
N LYS I 25 21.67 -24.13 51.04
CA LYS I 25 20.29 -23.93 51.51
C LYS I 25 19.28 -24.39 50.45
N VAL I 26 18.43 -25.33 50.84
CA VAL I 26 17.48 -25.95 49.91
C VAL I 26 16.04 -25.50 50.18
N GLU I 27 15.52 -25.80 51.37
CA GLU I 27 14.28 -25.19 51.86
C GLU I 27 13.04 -25.60 51.04
N LYS I 28 12.86 -26.90 50.85
CA LYS I 28 11.73 -27.49 50.08
C LYS I 28 11.61 -27.10 48.59
N LYS I 29 12.59 -26.36 48.08
CA LYS I 29 12.63 -26.00 46.67
C LYS I 29 13.53 -27.00 45.91
N PRO I 30 13.34 -27.14 44.60
CA PRO I 30 14.10 -28.16 43.88
C PRO I 30 15.57 -27.80 43.72
N MET I 31 16.43 -28.79 43.89
CA MET I 31 17.86 -28.60 43.68
C MET I 31 18.21 -28.19 42.26
N GLY I 32 17.50 -28.76 41.28
CA GLY I 32 17.56 -28.31 39.89
C GLY I 32 18.88 -28.55 39.20
N VAL I 33 19.37 -29.79 39.25
CA VAL I 33 20.56 -30.18 38.51
C VAL I 33 20.30 -31.45 37.72
N ILE I 34 21.10 -31.65 36.68
CA ILE I 34 21.14 -32.92 35.99
C ILE I 34 22.51 -33.51 36.30
N VAL I 35 22.51 -34.72 36.85
CA VAL I 35 23.76 -35.42 37.17
C VAL I 35 23.94 -36.66 36.28
N CYS I 36 25.13 -37.22 36.28
CA CYS I 36 25.33 -38.54 35.69
C CYS I 36 25.99 -39.45 36.72
N GLY I 37 26.04 -40.74 36.42
CA GLY I 37 26.69 -41.72 37.28
C GLY I 37 25.82 -42.89 37.67
N GLY I 38 26.44 -44.06 37.81
CA GLY I 38 25.72 -45.24 38.28
C GLY I 38 26.36 -46.47 37.70
N LYS I 39 26.06 -47.62 38.27
CA LYS I 39 26.69 -48.87 37.83
C LYS I 39 26.16 -49.34 36.45
N ASN I 40 24.97 -48.88 36.10
CA ASN I 40 24.38 -49.16 34.80
C ASN I 40 24.46 -47.94 33.88
N ASN I 41 25.17 -46.92 34.36
CA ASN I 41 25.38 -45.67 33.64
C ASN I 41 26.63 -45.77 32.76
N HIS I 42 26.79 -44.84 31.82
CA HIS I 42 28.08 -44.69 31.10
C HIS I 42 29.21 -44.12 31.96
N VAL I 43 28.87 -43.46 33.08
CA VAL I 43 29.85 -42.91 34.01
C VAL I 43 29.86 -43.76 35.29
N THR I 44 30.98 -44.43 35.55
CA THR I 44 31.03 -45.45 36.59
C THR I 44 32.00 -45.10 37.69
N THR I 45 32.61 -43.92 37.57
CA THR I 45 33.69 -43.53 38.46
C THR I 45 33.32 -42.33 39.31
N GLY I 46 32.03 -41.96 39.33
CA GLY I 46 31.54 -40.84 40.14
C GLY I 46 30.23 -40.19 39.72
N CYS I 47 29.70 -39.33 40.60
CA CYS I 47 28.50 -38.58 40.29
C CYS I 47 28.89 -37.15 39.95
N VAL I 48 28.56 -36.73 38.73
CA VAL I 48 28.94 -35.39 38.27
C VAL I 48 27.77 -34.57 37.70
N ILE I 49 27.78 -33.27 37.97
CA ILE I 49 26.79 -32.34 37.45
C ILE I 49 27.05 -32.00 35.98
N THR I 50 26.04 -32.18 35.13
CA THR I 50 26.14 -31.80 33.72
C THR I 50 25.11 -30.75 33.25
N HIS I 51 24.42 -30.13 34.21
CA HIS I 51 23.51 -29.01 33.97
C HIS I 51 23.02 -28.45 35.29
N VAL I 52 23.03 -27.12 35.41
CA VAL I 52 22.39 -26.43 36.53
C VAL I 52 21.19 -25.64 35.98
N TYR I 53 19.99 -25.98 36.46
CA TYR I 53 18.75 -25.25 36.12
C TYR I 53 18.67 -23.88 36.80
N PRO I 54 18.62 -22.81 35.99
CA PRO I 54 18.56 -21.37 36.36
C PRO I 54 17.76 -20.98 37.62
N GLU I 55 16.71 -21.73 37.93
CA GLU I 55 15.76 -21.34 38.98
C GLU I 55 15.70 -22.34 40.12
N GLY I 56 16.65 -23.28 40.15
CA GLY I 56 16.79 -24.22 41.27
C GLY I 56 17.75 -23.75 42.36
N GLN I 57 17.77 -24.45 43.47
CA GLN I 57 18.61 -24.00 44.59
C GLN I 57 20.10 -24.02 44.27
N VAL I 58 20.56 -24.98 43.47
CA VAL I 58 21.99 -25.03 43.14
C VAL I 58 22.48 -23.72 42.47
N ALA I 59 21.76 -23.27 41.44
CA ALA I 59 21.97 -21.92 40.87
C ALA I 59 21.87 -20.83 41.93
N ALA I 60 20.83 -20.87 42.76
CA ALA I 60 20.60 -19.81 43.72
C ALA I 60 21.81 -19.69 44.65
N ASP I 61 22.41 -20.83 44.97
CA ASP I 61 23.58 -20.89 45.84
C ASP I 61 24.82 -20.22 45.24
N LYS I 62 24.92 -20.17 43.91
CA LYS I 62 25.99 -19.41 43.23
C LYS I 62 27.36 -20.10 43.10
N ARG I 63 27.47 -21.35 43.54
CA ARG I 63 28.79 -21.98 43.63
C ARG I 63 29.04 -23.11 42.62
N LEU I 64 28.21 -24.15 42.65
CA LEU I 64 28.45 -25.32 41.81
C LEU I 64 28.25 -25.03 40.33
N LYS I 65 28.95 -25.79 39.50
CA LYS I 65 28.80 -25.69 38.06
C LYS I 65 29.00 -27.01 37.33
N ILE I 66 28.76 -27.00 36.03
CA ILE I 66 28.95 -28.17 35.19
C ILE I 66 30.37 -28.72 35.34
N PHE I 67 30.45 -30.05 35.55
CA PHE I 67 31.68 -30.84 35.68
C PHE I 67 32.25 -30.88 37.10
N ASP I 68 31.53 -30.30 38.05
CA ASP I 68 31.83 -30.51 39.45
C ASP I 68 31.48 -31.95 39.82
N HIS I 69 32.34 -32.57 40.62
CA HIS I 69 32.19 -33.95 41.06
C HIS I 69 31.62 -33.96 42.48
N ILE I 70 30.44 -34.55 42.66
CA ILE I 70 29.85 -34.64 43.98
C ILE I 70 30.29 -35.96 44.58
N CYS I 71 30.98 -35.88 45.70
CA CYS I 71 31.54 -37.07 46.32
C CYS I 71 30.71 -37.56 47.47
N ASP I 72 29.94 -36.66 48.05
CA ASP I 72 29.37 -36.90 49.37
C ASP I 72 28.11 -36.06 49.55
N ILE I 73 27.16 -36.60 50.29
CA ILE I 73 25.87 -35.98 50.46
C ILE I 73 25.39 -36.35 51.87
N ASN I 74 25.11 -35.35 52.70
CA ASN I 74 24.73 -35.60 54.09
C ASN I 74 25.61 -36.65 54.78
N GLY I 75 26.92 -36.59 54.61
CA GLY I 75 27.83 -37.59 55.20
C GLY I 75 27.95 -38.90 54.44
N THR I 76 26.93 -39.23 53.64
CA THR I 76 26.95 -40.44 52.82
C THR I 76 27.73 -40.22 51.51
N PRO I 77 28.74 -41.08 51.25
CA PRO I 77 29.45 -41.01 49.97
C PRO I 77 28.53 -41.33 48.79
N ILE I 78 28.85 -40.79 47.62
CA ILE I 78 28.17 -41.19 46.39
C ILE I 78 29.14 -42.04 45.55
N HIS I 79 29.24 -43.32 45.92
CA HIS I 79 30.07 -44.26 45.18
C HIS I 79 29.15 -44.91 44.17
N VAL I 80 29.25 -44.46 42.92
CA VAL I 80 28.27 -44.84 41.89
C VAL I 80 28.36 -46.31 41.50
N GLY I 81 29.52 -46.93 41.72
CA GLY I 81 29.68 -48.38 41.52
C GLY I 81 28.68 -49.25 42.26
N SER I 82 28.15 -48.72 43.36
CA SER I 82 27.28 -49.48 44.26
C SER I 82 25.82 -49.09 44.15
N MET I 83 25.50 -48.23 43.19
CA MET I 83 24.14 -47.72 43.04
C MET I 83 23.73 -47.49 41.58
N THR I 84 22.44 -47.67 41.30
CA THR I 84 21.91 -47.48 39.95
C THR I 84 21.78 -46.00 39.58
N THR I 85 21.98 -45.69 38.30
CA THR I 85 21.67 -44.40 37.72
C THR I 85 20.52 -43.72 38.45
N LEU I 86 19.41 -44.45 38.59
CA LEU I 86 18.21 -43.94 39.23
C LEU I 86 18.36 -43.55 40.72
N LYS I 87 19.05 -44.37 41.52
CA LYS I 87 19.31 -44.00 42.93
C LYS I 87 20.18 -42.74 43.03
N VAL I 88 21.22 -42.67 42.20
CA VAL I 88 22.10 -41.50 42.18
C VAL I 88 21.29 -40.27 41.77
N HIS I 89 20.46 -40.40 40.74
CA HIS I 89 19.69 -39.28 40.23
C HIS I 89 18.76 -38.76 41.33
N GLN I 90 18.23 -39.69 42.10
CA GLN I 90 17.20 -39.38 43.09
C GLN I 90 17.70 -38.69 44.37
N LEU I 91 19.01 -38.67 44.61
CA LEU I 91 19.57 -37.97 45.77
C LEU I 91 19.48 -36.46 45.59
N PHE I 92 19.28 -36.04 44.34
CA PHE I 92 19.20 -34.66 43.99
C PHE I 92 17.75 -34.26 43.71
N HIS I 93 16.85 -35.23 43.70
CA HIS I 93 15.46 -34.96 43.41
C HIS I 93 14.52 -35.22 44.60
N THR I 94 15.10 -35.58 45.74
CA THR I 94 14.36 -35.61 47.00
C THR I 94 14.21 -34.20 47.60
N THR I 95 13.19 -34.00 48.43
CA THR I 95 12.99 -32.73 49.11
C THR I 95 13.78 -32.72 50.41
N TYR I 96 14.54 -31.64 50.62
CA TYR I 96 15.31 -31.47 51.86
C TYR I 96 14.74 -30.31 52.66
N GLU I 97 14.54 -30.54 53.95
CA GLU I 97 13.88 -29.60 54.84
C GLU I 97 14.55 -28.23 54.84
N LYS I 98 15.78 -28.16 55.36
CA LYS I 98 16.52 -26.90 55.45
C LYS I 98 17.71 -26.87 54.49
N ALA I 99 18.86 -27.32 54.98
CA ALA I 99 20.12 -27.21 54.26
C ALA I 99 20.79 -28.56 54.11
N VAL I 100 21.72 -28.64 53.17
CA VAL I 100 22.31 -29.89 52.72
C VAL I 100 23.82 -29.78 52.58
N THR I 101 24.52 -30.86 52.93
CA THR I 101 25.96 -30.86 52.94
C THR I 101 26.47 -31.59 51.73
N LEU I 102 27.26 -30.91 50.91
CA LEU I 102 27.92 -31.57 49.77
C LEU I 102 29.41 -31.54 49.92
N THR I 103 30.07 -32.54 49.38
CA THR I 103 31.50 -32.49 49.28
C THR I 103 31.86 -32.54 47.81
N VAL I 104 32.43 -31.44 47.34
CA VAL I 104 32.60 -31.22 45.92
C VAL I 104 34.08 -31.34 45.55
N PHE I 105 34.33 -31.69 44.28
CA PHE I 105 35.67 -31.61 43.69
C PHE I 105 35.59 -31.02 42.28
N ARG I 106 36.24 -29.88 42.06
CA ARG I 106 36.30 -29.28 40.74
C ARG I 106 37.67 -29.48 40.09
N ALA I 107 37.73 -30.43 39.16
CA ALA I 107 38.96 -30.70 38.44
C ALA I 107 39.29 -29.60 37.44
N ASP I 108 40.56 -29.22 37.40
CA ASP I 108 41.07 -28.31 36.38
C ASP I 108 42.41 -28.88 35.82
N PRO I 109 42.43 -29.26 34.53
CA PRO I 109 41.32 -29.14 33.59
C PRO I 109 40.23 -30.15 33.89
N PRO I 110 39.06 -30.00 33.26
CA PRO I 110 37.99 -30.97 33.47
C PRO I 110 38.36 -32.37 33.00
N GLU I 111 37.82 -33.36 33.68
CA GLU I 111 37.99 -34.76 33.32
C GLU I 111 36.80 -35.19 32.48
N LEU I 112 37.03 -35.27 31.18
CA LEU I 112 35.98 -35.51 30.19
C LEU I 112 36.38 -36.58 29.19
N GLU I 113 35.39 -37.16 28.53
CA GLU I 113 35.57 -38.04 27.38
C GLU I 113 34.76 -37.43 26.24
N LYS I 114 35.33 -37.37 25.04
CA LYS I 114 34.63 -36.81 23.88
C LYS I 114 34.50 -37.82 22.76
N PHE I 115 33.36 -37.84 22.09
CA PHE I 115 33.11 -38.84 21.06
C PHE I 115 32.00 -38.39 20.08
N ASN I 116 31.72 -39.22 19.09
CA ASN I 116 30.75 -38.92 18.05
C ASN I 116 29.68 -39.99 17.97
N VAL I 117 28.42 -39.57 17.99
CA VAL I 117 27.32 -40.46 17.63
C VAL I 117 26.89 -40.17 16.20
N ASP I 118 26.84 -41.22 15.38
CA ASP I 118 26.45 -41.08 13.97
C ASP I 118 25.32 -42.02 13.62
N LEU I 119 24.25 -41.46 13.03
CA LEU I 119 23.10 -42.29 12.68
C LEU I 119 22.35 -41.72 11.49
N MET I 120 21.44 -42.52 10.94
CA MET I 120 20.53 -42.08 9.87
C MET I 120 19.13 -41.75 10.42
N LYS I 121 18.78 -40.46 10.44
CA LYS I 121 17.46 -40.04 10.93
C LYS I 121 16.40 -40.17 9.85
N LYS I 122 15.42 -41.04 10.10
CA LYS I 122 14.28 -41.19 9.20
C LYS I 122 13.26 -40.09 9.49
N ALA I 123 12.75 -39.47 8.42
CA ALA I 123 11.74 -38.41 8.51
C ALA I 123 10.49 -38.99 9.15
N GLY I 124 10.00 -38.34 10.21
CA GLY I 124 8.87 -38.86 10.96
C GLY I 124 9.21 -39.32 12.37
N LYS I 125 10.31 -40.06 12.53
CA LYS I 125 10.72 -40.52 13.86
C LYS I 125 11.80 -39.66 14.52
N GLU I 126 11.39 -38.93 15.55
CA GLU I 126 12.29 -38.06 16.31
C GLU I 126 13.36 -38.90 16.99
N LEU I 127 14.45 -38.24 17.33
CA LEU I 127 15.52 -38.83 18.10
C LEU I 127 15.04 -39.21 19.52
N GLY I 128 14.06 -38.45 20.02
CA GLY I 128 13.54 -38.65 21.36
C GLY I 128 14.35 -38.02 22.49
N LEU I 129 14.86 -36.81 22.26
CA LEU I 129 15.66 -36.09 23.26
C LEU I 129 14.95 -34.80 23.71
N SER I 130 15.14 -34.49 24.98
CA SER I 130 14.66 -33.27 25.59
C SER I 130 15.90 -32.51 25.99
N LEU I 131 16.16 -31.36 25.37
CA LEU I 131 17.46 -30.71 25.54
C LEU I 131 17.44 -29.51 26.48
N SER I 132 18.51 -29.35 27.24
CA SER I 132 18.67 -28.19 28.10
C SER I 132 19.97 -27.51 27.70
N PRO I 133 19.88 -26.32 27.10
CA PRO I 133 21.14 -25.70 26.67
C PRO I 133 21.82 -25.07 27.85
N ASN I 134 23.13 -24.90 27.73
CA ASN I 134 23.95 -24.22 28.72
C ASN I 134 25.19 -23.79 27.99
N GLU I 135 26.20 -23.37 28.76
CA GLU I 135 27.43 -22.78 28.20
C GLU I 135 28.38 -23.82 27.58
N ILE I 136 28.05 -25.10 27.73
CA ILE I 136 28.85 -26.15 27.11
C ILE I 136 28.17 -26.68 25.84
N GLY I 137 26.87 -26.92 25.92
CA GLY I 137 26.11 -27.46 24.81
C GLY I 137 24.72 -27.80 25.28
N CYS I 138 24.10 -28.78 24.63
CA CYS I 138 22.78 -29.22 25.06
C CYS I 138 22.89 -30.47 25.85
N THR I 139 22.67 -30.35 27.16
CA THR I 139 22.61 -31.53 28.02
C THR I 139 21.32 -32.27 27.74
N ILE I 140 21.42 -33.59 27.55
CA ILE I 140 20.22 -34.43 27.40
C ILE I 140 19.54 -34.48 28.78
N ALA I 141 18.36 -33.89 28.88
CA ALA I 141 17.60 -33.92 30.14
C ALA I 141 16.78 -35.18 30.20
N ASP I 142 16.49 -35.74 29.04
CA ASP I 142 15.64 -36.90 28.95
C ASP I 142 15.78 -37.54 27.58
N LEU I 143 15.78 -38.87 27.54
CA LEU I 143 15.70 -39.58 26.27
C LEU I 143 14.78 -40.78 26.34
N ILE I 144 14.01 -40.96 25.28
CA ILE I 144 13.06 -42.06 25.18
C ILE I 144 13.73 -43.29 24.57
N GLN I 145 13.78 -44.38 25.35
CA GLN I 145 14.41 -45.63 24.89
C GLN I 145 13.64 -46.17 23.72
N GLY I 146 14.37 -46.69 22.74
CA GLY I 146 13.77 -47.46 21.64
C GLY I 146 13.60 -46.73 20.32
N GLN I 147 14.17 -45.54 20.18
CA GLN I 147 14.02 -44.76 18.96
C GLN I 147 15.10 -45.10 17.92
N TYR I 148 16.35 -45.21 18.36
CA TYR I 148 17.49 -45.44 17.48
C TYR I 148 18.56 -46.32 18.15
N PRO I 149 18.94 -47.43 17.49
CA PRO I 149 20.03 -48.27 17.99
C PRO I 149 21.22 -47.45 18.48
N GLU I 150 21.67 -46.50 17.66
CA GLU I 150 22.89 -45.73 17.96
C GLU I 150 22.76 -44.89 19.23
N ILE I 151 21.54 -44.42 19.51
CA ILE I 151 21.25 -43.63 20.70
C ILE I 151 21.08 -44.53 21.91
N ASP I 152 20.39 -45.65 21.76
CA ASP I 152 20.14 -46.55 22.89
C ASP I 152 21.42 -47.13 23.54
N SER I 153 22.50 -47.24 22.77
CA SER I 153 23.70 -47.84 23.34
C SER I 153 24.85 -46.89 23.65
N LYS I 154 24.88 -45.71 23.02
CA LYS I 154 25.96 -44.74 23.25
C LYS I 154 25.55 -43.45 23.97
N LEU I 155 24.25 -43.17 24.06
CA LEU I 155 23.80 -41.93 24.70
C LEU I 155 22.99 -42.15 25.97
N GLN I 156 23.04 -41.17 26.87
CA GLN I 156 22.21 -41.21 28.07
C GLN I 156 21.82 -39.82 28.51
N ARG I 157 20.80 -39.76 29.36
CA ARG I 157 20.47 -38.58 30.14
C ARG I 157 21.76 -38.14 30.84
N GLY I 158 21.99 -36.85 30.88
CA GLY I 158 23.23 -36.35 31.47
C GLY I 158 24.36 -36.05 30.49
N ASP I 159 24.25 -36.54 29.26
CA ASP I 159 25.29 -36.25 28.24
C ASP I 159 25.16 -34.84 27.67
N ILE I 160 26.26 -34.27 27.20
CA ILE I 160 26.20 -32.93 26.62
C ILE I 160 26.57 -32.94 25.13
N ILE I 161 25.53 -32.80 24.29
CA ILE I 161 25.73 -32.71 22.86
C ILE I 161 26.35 -31.36 22.58
N THR I 162 27.50 -31.40 21.93
CA THR I 162 28.38 -30.25 21.88
C THR I 162 28.39 -29.66 20.48
N LYS I 163 27.90 -30.44 19.52
CA LYS I 163 27.96 -30.07 18.13
C LYS I 163 26.97 -30.94 17.40
N PHE I 164 26.22 -30.33 16.50
CA PHE I 164 25.25 -31.06 15.72
C PHE I 164 25.43 -30.63 14.27
N ASN I 165 25.61 -31.62 13.41
CA ASN I 165 25.93 -31.40 11.99
C ASN I 165 26.81 -30.17 11.70
N GLY I 166 27.91 -30.05 12.44
CA GLY I 166 28.90 -28.99 12.21
C GLY I 166 28.59 -27.63 12.82
N ASP I 167 27.42 -27.50 13.44
CA ASP I 167 27.10 -26.33 14.26
C ASP I 167 27.48 -26.59 15.70
N ALA I 168 28.27 -25.70 16.27
CA ALA I 168 28.55 -25.68 17.70
C ALA I 168 27.25 -25.35 18.47
N LEU I 169 27.02 -26.01 19.59
CA LEU I 169 25.78 -25.83 20.34
C LEU I 169 25.91 -25.06 21.65
N GLU I 170 27.12 -24.60 21.99
CA GLU I 170 27.30 -23.89 23.27
C GLU I 170 26.70 -22.48 23.31
N GLY I 171 26.08 -22.16 24.46
CA GLY I 171 25.56 -20.83 24.73
C GLY I 171 24.53 -20.32 23.74
N LEU I 172 23.58 -21.16 23.36
CA LEU I 172 22.51 -20.79 22.42
C LEU I 172 21.12 -20.78 23.08
N PRO I 173 20.17 -20.02 22.49
CA PRO I 173 18.78 -20.13 22.91
C PRO I 173 18.20 -21.48 22.54
N PHE I 174 17.26 -22.00 23.34
CA PHE I 174 16.63 -23.28 23.03
C PHE I 174 16.00 -23.30 21.63
N GLN I 175 15.41 -22.17 21.23
CA GLN I 175 14.81 -22.01 19.90
C GLN I 175 15.76 -22.33 18.77
N VAL I 176 16.94 -21.71 18.80
CA VAL I 176 18.01 -21.99 17.86
C VAL I 176 18.36 -23.47 17.87
N CYS I 177 18.71 -24.01 19.05
CA CYS I 177 19.01 -25.44 19.20
C CYS I 177 17.93 -26.32 18.60
N TYR I 178 16.68 -25.98 18.87
CA TYR I 178 15.55 -26.77 18.38
C TYR I 178 15.46 -26.79 16.86
N ALA I 179 15.70 -25.63 16.23
CA ALA I 179 15.64 -25.53 14.77
C ALA I 179 16.76 -26.33 14.12
N LEU I 180 17.90 -26.40 14.79
CA LEU I 180 19.05 -27.11 14.24
C LEU I 180 18.76 -28.60 14.19
N PHE I 181 18.23 -29.13 15.29
CA PHE I 181 17.88 -30.53 15.34
C PHE I 181 16.76 -30.86 14.36
N LYS I 182 15.82 -29.95 14.18
CA LYS I 182 14.72 -30.16 13.24
C LYS I 182 15.16 -29.98 11.78
N GLY I 183 16.20 -29.19 11.57
CA GLY I 183 16.70 -28.88 10.22
C GLY I 183 17.47 -30.01 9.57
N ALA I 184 17.53 -31.16 10.23
CA ALA I 184 18.26 -32.28 9.69
C ALA I 184 17.39 -33.51 9.65
N ASN I 185 17.00 -33.91 8.45
CA ASN I 185 16.37 -35.20 8.21
C ASN I 185 17.22 -35.96 7.19
N GLY I 186 18.01 -36.91 7.70
CA GLY I 186 19.03 -37.63 6.91
C GLY I 186 20.20 -38.08 7.78
N LYS I 187 21.42 -37.88 7.29
CA LYS I 187 22.63 -38.22 8.05
C LYS I 187 22.81 -37.27 9.23
N VAL I 188 22.94 -37.85 10.41
CA VAL I 188 23.12 -37.08 11.64
C VAL I 188 24.50 -37.35 12.25
N SER I 189 25.25 -36.28 12.46
CA SER I 189 26.58 -36.34 13.05
C SER I 189 26.68 -35.45 14.30
N MET I 190 26.76 -36.08 15.48
CA MET I 190 26.80 -35.35 16.77
C MET I 190 28.12 -35.57 17.50
N GLU I 191 28.61 -34.51 18.13
CA GLU I 191 29.78 -34.60 18.98
C GLU I 191 29.32 -34.45 20.41
N VAL I 192 29.85 -35.28 21.29
CA VAL I 192 29.33 -35.37 22.65
C VAL I 192 30.47 -35.27 23.70
N THR I 193 30.15 -34.73 24.87
CA THR I 193 31.04 -34.69 26.03
C THR I 193 30.35 -35.34 27.22
N ARG I 194 31.13 -36.06 28.02
CA ARG I 194 30.64 -36.81 29.16
C ARG I 194 31.74 -36.78 30.22
N PRO I 195 31.35 -36.61 31.50
CA PRO I 195 32.35 -36.62 32.56
C PRO I 195 33.00 -37.99 32.64
N LYS I 196 34.27 -37.99 33.03
CA LYS I 196 34.98 -39.21 33.31
C LYS I 196 35.91 -38.91 34.49
N PRO I 197 35.31 -38.74 35.68
CA PRO I 197 36.06 -38.33 36.84
C PRO I 197 36.99 -39.41 37.32
N THR I 198 38.13 -39.00 37.84
CA THR I 198 38.89 -39.83 38.77
C THR I 198 38.01 -40.33 39.93
N LEU I 199 38.22 -41.57 40.32
CA LEU I 199 37.67 -42.12 41.57
C LEU I 199 38.08 -41.34 42.79
N ARG I 200 37.08 -40.83 43.53
CA ARG I 200 37.30 -40.05 44.76
C ARG I 200 36.35 -40.48 45.87
N THR I 201 35.86 -41.71 45.78
CA THR I 201 34.90 -42.27 46.76
C THR I 201 35.24 -43.72 47.08
N GLU I 202 34.70 -44.20 48.20
CA GLU I 202 34.82 -45.61 48.57
C GLU I 202 33.44 -46.22 48.84
N ALA I 203 33.29 -47.52 48.59
CA ALA I 203 32.03 -48.23 48.82
C ALA I 203 31.69 -48.32 50.31
N PRO I 204 30.38 -48.45 50.65
CA PRO I 204 29.96 -48.66 52.04
C PRO I 204 30.57 -49.90 52.72
N ALA J 1 8.73 -31.81 17.76
CA ALA J 1 7.32 -31.87 18.11
C ALA J 1 7.14 -31.29 19.49
N LEU J 2 5.93 -30.79 19.75
CA LEU J 2 5.52 -30.32 21.06
C LEU J 2 4.50 -31.32 21.63
N ARG J 3 4.81 -31.89 22.79
CA ARG J 3 3.93 -32.89 23.40
C ARG J 3 3.52 -32.46 24.80
N ASN J 4 2.24 -32.17 24.96
CA ASN J 4 1.75 -31.34 26.07
C ASN J 4 2.44 -29.99 25.98
N GLY J 5 3.32 -29.67 26.93
CA GLY J 5 4.09 -28.43 26.86
C GLY J 5 5.60 -28.58 26.72
N GLN J 6 6.10 -29.78 26.40
CA GLN J 6 7.55 -29.98 26.17
C GLN J 6 7.89 -30.18 24.68
N TYR J 7 8.97 -29.53 24.24
CA TYR J 7 9.50 -29.69 22.88
C TYR J 7 10.48 -30.86 22.80
N TRP J 8 10.20 -31.79 21.90
CA TRP J 8 11.10 -32.91 21.65
C TRP J 8 11.77 -32.83 20.27
N VAL J 9 13.06 -33.15 20.22
CA VAL J 9 13.78 -33.28 18.95
C VAL J 9 13.95 -34.76 18.61
N GLN K 7 17.73 37.86 -58.61
CA GLN K 7 17.34 36.49 -58.12
C GLN K 7 15.90 36.11 -58.39
N GLU K 8 15.70 34.83 -58.72
CA GLU K 8 14.38 34.27 -59.04
C GLU K 8 13.42 34.38 -57.85
N PRO K 9 12.32 35.15 -58.01
CA PRO K 9 11.33 35.39 -56.96
C PRO K 9 10.73 34.13 -56.33
N ALA K 10 10.67 33.02 -57.06
CA ALA K 10 10.15 31.78 -56.49
C ALA K 10 11.10 31.16 -55.46
N THR K 11 12.40 31.41 -55.62
CA THR K 11 13.46 30.72 -54.88
C THR K 11 14.31 31.66 -54.01
N ALA K 12 14.12 32.97 -54.21
CA ALA K 12 15.01 34.02 -53.69
C ALA K 12 15.27 34.00 -52.18
N GLU K 13 16.52 34.21 -51.83
CA GLU K 13 16.91 34.28 -50.44
C GLU K 13 16.51 35.63 -49.85
N ILE K 14 16.13 35.65 -48.57
CA ILE K 14 15.92 36.96 -47.93
C ILE K 14 17.23 37.41 -47.31
N LYS K 15 17.98 38.16 -48.11
CA LYS K 15 19.24 38.76 -47.69
C LYS K 15 18.93 40.01 -46.89
N PRO K 16 19.66 40.20 -45.77
CA PRO K 16 19.42 41.33 -44.87
C PRO K 16 19.62 42.69 -45.50
N ASN K 17 18.81 43.65 -45.07
CA ASN K 17 19.00 45.06 -45.44
C ASN K 17 18.92 45.39 -46.93
N LYS K 18 18.32 44.52 -47.72
CA LYS K 18 17.90 44.86 -49.09
C LYS K 18 16.41 44.60 -49.26
N LYS K 19 15.78 45.32 -50.18
CA LYS K 19 14.46 44.94 -50.66
C LYS K 19 14.60 43.69 -51.50
N ILE K 20 13.72 42.73 -51.25
CA ILE K 20 13.73 41.45 -51.95
C ILE K 20 12.34 41.17 -52.48
N LEU K 21 12.24 41.03 -53.80
CA LEU K 21 11.00 40.60 -54.43
C LEU K 21 10.87 39.06 -54.36
N ILE K 22 9.84 38.57 -53.68
CA ILE K 22 9.54 37.13 -53.68
C ILE K 22 8.14 36.82 -54.19
N GLU K 23 7.97 35.58 -54.62
CA GLU K 23 6.68 35.06 -55.09
C GLU K 23 6.33 33.84 -54.25
N LEU K 24 5.10 33.79 -53.77
CA LEU K 24 4.72 32.84 -52.74
C LEU K 24 3.42 32.09 -53.07
N LYS K 25 3.53 30.76 -53.23
CA LYS K 25 2.38 29.90 -53.53
C LYS K 25 1.32 29.98 -52.43
N VAL K 26 0.13 30.49 -52.76
CA VAL K 26 -0.94 30.61 -51.77
C VAL K 26 -2.02 29.56 -51.98
N GLU K 27 -2.52 29.48 -53.22
CA GLU K 27 -3.50 28.47 -53.61
C GLU K 27 -4.70 28.42 -52.67
N LYS K 28 -5.38 29.57 -52.53
CA LYS K 28 -6.59 29.70 -51.71
C LYS K 28 -6.50 29.20 -50.26
N LYS K 29 -5.28 29.01 -49.78
CA LYS K 29 -5.06 28.61 -48.38
C LYS K 29 -4.69 29.84 -47.54
N PRO K 30 -4.75 29.72 -46.20
CA PRO K 30 -4.45 30.92 -45.42
C PRO K 30 -2.96 31.23 -45.32
N MET K 31 -2.62 32.52 -45.38
CA MET K 31 -1.24 32.94 -45.20
C MET K 31 -0.77 32.71 -43.77
N GLY K 32 -1.68 32.90 -42.81
CA GLY K 32 -1.39 32.56 -41.41
C GLY K 32 -0.27 33.37 -40.77
N VAL K 33 -0.41 34.69 -40.80
CA VAL K 33 0.50 35.59 -40.07
C VAL K 33 -0.29 36.57 -39.22
N ILE K 34 0.36 37.08 -38.16
CA ILE K 34 -0.10 38.29 -37.49
C ILE K 34 0.81 39.45 -37.94
N VAL K 35 0.21 40.52 -38.45
CA VAL K 35 0.96 41.69 -38.85
C VAL K 35 0.50 42.87 -38.01
N CYS K 36 1.23 43.98 -38.10
CA CYS K 36 0.83 45.20 -37.46
C CYS K 36 1.01 46.36 -38.46
N GLY K 37 0.52 47.54 -38.08
CA GLY K 37 0.75 48.74 -38.88
C GLY K 37 -0.55 49.34 -39.36
N GLY K 38 -0.62 50.67 -39.38
CA GLY K 38 -1.85 51.34 -39.78
C GLY K 38 -2.00 52.76 -39.29
N LYS K 39 -2.69 53.56 -40.11
CA LYS K 39 -3.10 54.91 -39.78
C LYS K 39 -3.53 55.04 -38.31
N ASN K 40 -4.30 54.07 -37.81
CA ASN K 40 -4.79 54.10 -36.44
C ASN K 40 -4.13 53.05 -35.52
N ASN K 41 -2.99 52.54 -35.96
CA ASN K 41 -2.17 51.59 -35.22
C ASN K 41 -1.14 52.29 -34.33
N HIS K 42 -0.38 51.52 -33.56
CA HIS K 42 0.76 52.05 -32.80
C HIS K 42 2.01 52.07 -33.68
N VAL K 43 1.96 51.31 -34.78
CA VAL K 43 2.99 51.27 -35.83
C VAL K 43 2.45 52.02 -37.04
N THR K 44 3.14 53.10 -37.42
CA THR K 44 2.60 53.99 -38.43
C THR K 44 3.54 54.14 -39.62
N THR K 45 4.60 53.33 -39.66
CA THR K 45 5.61 53.51 -40.69
C THR K 45 5.79 52.30 -41.59
N GLY K 46 5.03 51.24 -41.33
CA GLY K 46 5.16 50.04 -42.14
C GLY K 46 4.42 48.81 -41.64
N CYS K 47 4.06 47.96 -42.58
CA CYS K 47 3.49 46.66 -42.27
C CYS K 47 4.57 45.65 -41.90
N VAL K 48 4.52 45.15 -40.68
CA VAL K 48 5.51 44.17 -40.20
C VAL K 48 4.88 42.88 -39.61
N ILE K 49 5.49 41.74 -39.95
CA ILE K 49 5.11 40.42 -39.44
C ILE K 49 5.57 40.22 -38.00
N THR K 50 4.63 39.87 -37.13
CA THR K 50 4.92 39.62 -35.72
C THR K 50 4.61 38.19 -35.25
N HIS K 51 4.02 37.36 -36.12
CA HIS K 51 3.89 35.93 -35.83
C HIS K 51 3.64 35.16 -37.09
N VAL K 52 4.22 33.98 -37.19
CA VAL K 52 3.99 33.11 -38.33
C VAL K 52 3.44 31.80 -37.81
N TYR K 53 2.19 31.50 -38.17
CA TYR K 53 1.54 30.26 -37.75
C TYR K 53 2.05 29.11 -38.61
N PRO K 54 2.43 27.97 -37.98
CA PRO K 54 3.04 26.83 -38.71
C PRO K 54 2.17 26.15 -39.77
N GLU K 55 0.85 26.21 -39.62
CA GLU K 55 -0.07 25.61 -40.60
C GLU K 55 -0.19 26.45 -41.88
N GLY K 56 0.12 27.74 -41.77
CA GLY K 56 -0.10 28.72 -42.86
C GLY K 56 0.80 28.63 -44.10
N GLN K 57 0.49 29.42 -45.11
CA GLN K 57 1.26 29.36 -46.36
C GLN K 57 2.60 30.06 -46.29
N VAL K 58 2.70 31.05 -45.41
CA VAL K 58 3.96 31.71 -45.18
C VAL K 58 4.98 30.75 -44.55
N ALA K 59 4.52 29.93 -43.61
CA ALA K 59 5.36 28.88 -43.03
C ALA K 59 5.81 27.92 -44.10
N ALA K 60 4.85 27.45 -44.91
CA ALA K 60 5.12 26.51 -46.01
C ALA K 60 6.13 27.03 -47.03
N ASP K 61 6.06 28.32 -47.36
CA ASP K 61 7.02 28.92 -48.27
C ASP K 61 8.44 28.93 -47.69
N LYS K 62 8.56 29.01 -46.37
CA LYS K 62 9.80 28.77 -45.64
C LYS K 62 10.76 29.95 -45.53
N ARG K 63 10.36 31.13 -45.94
CA ARG K 63 11.30 32.25 -45.99
C ARG K 63 11.12 33.34 -44.95
N LEU K 64 9.89 33.85 -44.86
CA LEU K 64 9.61 35.03 -44.06
C LEU K 64 9.68 34.73 -42.58
N LYS K 65 10.04 35.74 -41.79
CA LYS K 65 9.99 35.62 -40.33
C LYS K 65 9.58 36.89 -39.59
N ILE K 66 9.40 36.74 -38.28
CA ILE K 66 9.08 37.85 -37.40
C ILE K 66 10.02 39.03 -37.62
N PHE K 67 9.41 40.21 -37.82
CA PHE K 67 10.07 41.52 -38.03
C PHE K 67 10.39 41.85 -39.49
N ASP K 68 9.92 41.00 -40.41
CA ASP K 68 10.06 41.27 -41.84
C ASP K 68 9.08 42.37 -42.27
N HIS K 69 9.62 43.43 -42.89
CA HIS K 69 8.82 44.54 -43.37
C HIS K 69 8.27 44.22 -44.73
N ILE K 70 6.96 44.09 -44.82
CA ILE K 70 6.28 43.83 -46.09
C ILE K 70 5.96 45.18 -46.73
N CYS K 71 6.73 45.51 -47.77
CA CYS K 71 6.61 46.81 -48.41
C CYS K 71 5.49 46.87 -49.44
N ASP K 72 5.16 45.72 -50.03
CA ASP K 72 4.34 45.68 -51.24
C ASP K 72 3.75 44.28 -51.44
N ILE K 73 2.45 44.23 -51.70
CA ILE K 73 1.79 42.97 -51.96
C ILE K 73 1.21 43.04 -53.36
N ASN K 74 1.37 41.95 -54.11
CA ASN K 74 1.08 41.93 -55.54
C ASN K 74 1.58 43.18 -56.23
N GLY K 75 0.66 44.03 -56.67
CA GLY K 75 1.01 45.28 -57.33
C GLY K 75 1.16 46.45 -56.38
N THR K 76 0.20 46.57 -55.46
CA THR K 76 0.06 47.77 -54.64
C THR K 76 0.91 47.76 -53.36
N PRO K 77 1.74 48.82 -53.17
CA PRO K 77 2.62 48.95 -51.99
C PRO K 77 1.80 49.10 -50.71
N ILE K 78 2.37 48.69 -49.58
CA ILE K 78 1.63 48.73 -48.31
C ILE K 78 2.02 49.93 -47.45
N HIS K 79 1.47 51.08 -47.81
CA HIS K 79 1.72 52.32 -47.07
C HIS K 79 0.68 52.46 -45.97
N VAL K 80 1.07 52.10 -44.75
CA VAL K 80 0.11 52.02 -43.64
C VAL K 80 -0.52 53.36 -43.25
N GLY K 81 0.22 54.45 -43.46
CA GLY K 81 -0.29 55.77 -43.10
C GLY K 81 -1.59 56.13 -43.80
N SER K 82 -1.85 55.49 -44.92
CA SER K 82 -3.05 55.82 -45.67
C SER K 82 -4.08 54.70 -45.57
N MET K 83 -3.90 53.81 -44.60
CA MET K 83 -4.84 52.72 -44.38
C MET K 83 -5.03 52.30 -42.89
N THR K 84 -6.23 51.86 -42.57
CA THR K 84 -6.58 51.38 -41.22
C THR K 84 -5.93 50.03 -40.88
N THR K 85 -5.68 49.80 -39.58
CA THR K 85 -5.20 48.52 -39.07
C THR K 85 -5.89 47.33 -39.77
N LEU K 86 -7.22 47.40 -39.80
CA LEU K 86 -8.07 46.36 -40.33
C LEU K 86 -7.92 46.16 -41.84
N LYS K 87 -7.66 47.24 -42.58
CA LYS K 87 -7.49 47.11 -44.03
C LYS K 87 -6.13 46.49 -44.39
N VAL K 88 -5.14 46.77 -43.55
CA VAL K 88 -3.82 46.18 -43.67
C VAL K 88 -3.93 44.71 -43.34
N HIS K 89 -4.61 44.42 -42.22
CA HIS K 89 -4.89 43.06 -41.79
C HIS K 89 -5.62 42.29 -42.90
N GLN K 90 -6.53 42.97 -43.60
CA GLN K 90 -7.31 42.34 -44.66
C GLN K 90 -6.48 41.77 -45.79
N LEU K 91 -5.34 42.40 -46.07
CA LEU K 91 -4.44 41.97 -47.15
C LEU K 91 -3.86 40.55 -46.94
N PHE K 92 -3.84 40.08 -45.69
CA PHE K 92 -3.28 38.77 -45.36
C PHE K 92 -4.34 37.71 -45.02
N HIS K 93 -5.60 38.13 -44.99
CA HIS K 93 -6.73 37.23 -44.73
C HIS K 93 -7.72 37.24 -45.90
N THR K 94 -7.26 37.64 -47.08
CA THR K 94 -8.00 37.45 -48.30
C THR K 94 -7.56 36.12 -48.87
N THR K 95 -8.48 35.37 -49.47
CA THR K 95 -8.07 34.15 -50.16
C THR K 95 -7.44 34.58 -51.49
N TYR K 96 -6.42 33.85 -51.96
CA TYR K 96 -5.65 34.32 -53.11
C TYR K 96 -5.54 33.37 -54.30
N GLU K 97 -5.31 33.97 -55.47
CA GLU K 97 -5.17 33.29 -56.78
C GLU K 97 -4.41 31.95 -56.74
N LYS K 98 -3.20 31.95 -57.29
CA LYS K 98 -2.27 30.83 -57.15
C LYS K 98 -1.06 31.36 -56.39
N ALA K 99 -0.27 32.20 -57.06
CA ALA K 99 0.87 32.84 -56.45
C ALA K 99 0.54 34.26 -56.04
N VAL K 100 1.31 34.78 -55.11
CA VAL K 100 1.22 36.18 -54.69
C VAL K 100 2.62 36.77 -54.60
N THR K 101 2.74 38.04 -54.96
CA THR K 101 4.00 38.76 -55.00
C THR K 101 4.18 39.51 -53.70
N LEU K 102 5.41 39.51 -53.19
CA LEU K 102 5.73 40.27 -52.00
C LEU K 102 7.06 40.99 -52.15
N THR K 103 7.14 42.20 -51.59
CA THR K 103 8.41 42.89 -51.45
C THR K 103 8.71 43.00 -49.97
N VAL K 104 9.87 42.47 -49.58
CA VAL K 104 10.22 42.16 -48.21
C VAL K 104 11.56 42.82 -47.86
N PHE K 105 11.64 43.34 -46.64
CA PHE K 105 12.87 43.95 -46.14
C PHE K 105 13.21 43.42 -44.74
N ARG K 106 14.30 42.67 -44.62
CA ARG K 106 14.78 42.15 -43.33
C ARG K 106 15.90 43.00 -42.76
N ALA K 107 15.55 43.85 -41.79
CA ALA K 107 16.52 44.75 -41.13
C ALA K 107 17.40 43.96 -40.18
N ASP K 108 18.70 44.09 -40.35
CA ASP K 108 19.68 43.52 -39.44
C ASP K 108 20.58 44.68 -39.02
N PRO K 109 20.56 45.04 -37.71
CA PRO K 109 19.69 44.49 -36.66
C PRO K 109 18.22 44.93 -36.84
N PRO K 110 17.27 44.19 -36.22
CA PRO K 110 15.84 44.51 -36.37
C PRO K 110 15.45 45.90 -35.84
N GLU K 111 14.38 46.46 -36.40
CA GLU K 111 14.00 47.83 -36.07
C GLU K 111 12.84 47.78 -35.09
N LEU K 112 13.18 48.05 -33.83
CA LEU K 112 12.30 47.73 -32.71
C LEU K 112 12.13 48.89 -31.76
N GLU K 113 10.98 48.90 -31.10
CA GLU K 113 10.72 49.76 -29.95
C GLU K 113 10.52 48.84 -28.74
N LYS K 114 11.25 49.06 -27.64
CA LYS K 114 11.01 48.31 -26.39
C LYS K 114 10.54 49.22 -25.26
N PHE K 115 9.54 48.73 -24.53
CA PHE K 115 8.93 49.51 -23.46
C PHE K 115 8.22 48.59 -22.46
N ASN K 116 7.64 49.18 -21.43
CA ASN K 116 6.91 48.42 -20.41
C ASN K 116 5.44 48.83 -20.29
N VAL K 117 4.60 47.87 -19.94
CA VAL K 117 3.24 48.18 -19.50
C VAL K 117 3.14 47.70 -18.07
N ASP K 118 2.65 48.59 -17.21
CA ASP K 118 2.46 48.30 -15.79
C ASP K 118 1.05 48.63 -15.38
N LEU K 119 0.46 47.75 -14.58
CA LEU K 119 -0.93 47.89 -14.17
C LEU K 119 -1.17 47.11 -12.89
N MET K 120 -2.30 47.39 -12.22
CA MET K 120 -2.76 46.60 -11.11
C MET K 120 -3.87 45.64 -11.55
N LYS K 121 -3.57 44.35 -11.65
CA LYS K 121 -4.58 43.37 -12.03
C LYS K 121 -5.45 42.98 -10.84
N LYS K 122 -6.75 43.12 -11.02
CA LYS K 122 -7.73 42.75 -9.99
C LYS K 122 -8.20 41.31 -10.19
N ALA K 123 -8.33 40.57 -9.09
CA ALA K 123 -8.73 39.17 -9.10
C ALA K 123 -10.04 38.94 -9.86
N GLY K 124 -10.03 37.99 -10.79
CA GLY K 124 -11.21 37.65 -11.58
C GLY K 124 -11.49 38.57 -12.76
N LYS K 125 -10.60 39.53 -12.99
CA LYS K 125 -10.73 40.42 -14.14
C LYS K 125 -9.58 40.20 -15.11
N GLU K 126 -9.86 39.45 -16.18
CA GLU K 126 -8.86 39.10 -17.17
C GLU K 126 -8.22 40.31 -17.84
N LEU K 127 -7.00 40.13 -18.31
CA LEU K 127 -6.31 41.13 -19.12
C LEU K 127 -7.03 41.29 -20.45
N GLY K 128 -7.64 40.20 -20.90
CA GLY K 128 -8.36 40.15 -22.17
C GLY K 128 -7.45 39.81 -23.32
N LEU K 129 -6.41 39.02 -23.06
CA LEU K 129 -5.42 38.72 -24.09
C LEU K 129 -5.41 37.25 -24.53
N SER K 130 -5.20 37.05 -25.83
CA SER K 130 -5.05 35.73 -26.43
C SER K 130 -3.67 35.66 -27.08
N LEU K 131 -2.86 34.72 -26.62
CA LEU K 131 -1.42 34.73 -26.89
C LEU K 131 -0.97 33.60 -27.78
N SER K 132 -0.02 33.92 -28.65
CA SER K 132 0.61 32.95 -29.52
C SER K 132 2.12 32.94 -29.26
N PRO K 133 2.59 31.93 -28.51
CA PRO K 133 4.01 31.92 -28.21
C PRO K 133 4.85 31.67 -29.45
N ASN K 134 6.07 32.20 -29.45
CA ASN K 134 7.03 32.01 -30.53
C ASN K 134 8.45 32.27 -30.02
N GLU K 135 9.41 32.32 -30.93
CA GLU K 135 10.81 32.38 -30.53
C GLU K 135 11.26 33.75 -29.96
N ILE K 136 10.37 34.74 -29.99
CA ILE K 136 10.62 36.08 -29.41
C ILE K 136 9.80 36.31 -28.13
N GLY K 137 8.59 35.75 -28.06
CA GLY K 137 7.70 35.96 -26.93
C GLY K 137 6.26 35.61 -27.26
N CYS K 138 5.31 36.28 -26.62
CA CYS K 138 3.91 35.99 -26.86
C CYS K 138 3.26 37.11 -27.61
N THR K 139 2.93 36.86 -28.86
CA THR K 139 2.31 37.87 -29.70
C THR K 139 0.82 37.95 -29.38
N ILE K 140 0.27 39.16 -29.27
CA ILE K 140 -1.13 39.31 -28.99
C ILE K 140 -1.89 38.95 -30.24
N ALA K 141 -2.58 37.81 -30.19
CA ALA K 141 -3.34 37.31 -31.33
C ALA K 141 -4.65 38.05 -31.36
N ASP K 142 -5.05 38.55 -30.20
CA ASP K 142 -6.36 39.13 -30.03
C ASP K 142 -6.49 39.72 -28.65
N LEU K 143 -7.24 40.83 -28.56
CA LEU K 143 -7.40 41.56 -27.31
C LEU K 143 -8.85 41.95 -27.12
N ILE K 144 -9.33 41.87 -25.88
CA ILE K 144 -10.68 42.31 -25.57
C ILE K 144 -10.58 43.74 -25.09
N GLN K 145 -11.03 44.64 -25.96
CA GLN K 145 -11.00 46.07 -25.67
C GLN K 145 -11.80 46.34 -24.42
N GLY K 146 -11.26 47.17 -23.54
CA GLY K 146 -12.02 47.66 -22.38
C GLY K 146 -11.91 46.92 -21.05
N GLN K 147 -10.82 46.20 -20.82
CA GLN K 147 -10.57 45.58 -19.52
C GLN K 147 -9.83 46.55 -18.60
N TYR K 148 -8.66 47.02 -19.04
CA TYR K 148 -7.85 47.94 -18.26
C TYR K 148 -7.49 49.17 -19.07
N PRO K 149 -7.57 50.36 -18.45
CA PRO K 149 -7.12 51.58 -19.10
C PRO K 149 -5.72 51.47 -19.73
N GLU K 150 -4.78 50.83 -19.02
CA GLU K 150 -3.39 50.74 -19.47
C GLU K 150 -3.29 49.93 -20.75
N ILE K 151 -4.01 48.81 -20.81
CA ILE K 151 -3.97 47.97 -21.99
C ILE K 151 -4.53 48.72 -23.19
N ASP K 152 -5.77 49.21 -23.08
CA ASP K 152 -6.43 49.95 -24.16
C ASP K 152 -5.59 51.06 -24.81
N SER K 153 -4.81 51.77 -24.01
CA SER K 153 -4.09 52.92 -24.53
C SER K 153 -2.68 52.58 -24.97
N LYS K 154 -2.10 51.52 -24.40
CA LYS K 154 -0.68 51.19 -24.65
C LYS K 154 -0.38 49.96 -25.51
N LEU K 155 -1.31 48.99 -25.54
CA LEU K 155 -1.07 47.70 -26.19
C LEU K 155 -2.07 47.40 -27.30
N GLN K 156 -1.68 46.53 -28.22
CA GLN K 156 -2.55 46.16 -29.31
C GLN K 156 -2.29 44.74 -29.81
N ARG K 157 -3.22 44.21 -30.61
CA ARG K 157 -2.98 43.01 -31.38
C ARG K 157 -1.73 43.24 -32.19
N GLY K 158 -0.85 42.24 -32.20
CA GLY K 158 0.35 42.31 -33.01
C GLY K 158 1.57 42.61 -32.20
N ASP K 159 1.39 43.24 -31.04
CA ASP K 159 2.51 43.48 -30.13
C ASP K 159 3.04 42.14 -29.64
N ILE K 160 4.28 42.12 -29.16
CA ILE K 160 4.90 40.90 -28.68
C ILE K 160 5.33 41.08 -27.22
N ILE K 161 4.69 40.36 -26.31
CA ILE K 161 5.08 40.38 -24.90
C ILE K 161 6.32 39.49 -24.71
N THR K 162 7.42 40.10 -24.27
CA THR K 162 8.69 39.37 -24.17
C THR K 162 9.08 39.01 -22.74
N LYS K 163 8.40 39.62 -21.77
CA LYS K 163 8.68 39.40 -20.37
C LYS K 163 7.41 39.62 -19.55
N PHE K 164 7.23 38.86 -18.48
CA PHE K 164 6.06 39.02 -17.61
C PHE K 164 6.46 38.83 -16.15
N ASN K 165 6.37 39.91 -15.36
CA ASN K 165 6.82 39.86 -13.98
C ASN K 165 8.12 39.07 -13.84
N GLY K 166 9.13 39.51 -14.60
CA GLY K 166 10.48 38.98 -14.50
C GLY K 166 10.68 37.60 -15.11
N ASP K 167 9.73 37.16 -15.94
CA ASP K 167 9.88 35.92 -16.65
C ASP K 167 9.94 36.15 -18.16
N ALA K 168 11.01 35.68 -18.81
CA ALA K 168 11.10 35.71 -20.26
C ALA K 168 10.05 34.76 -20.89
N LEU K 169 9.54 35.14 -22.06
CA LEU K 169 8.50 34.37 -22.71
C LEU K 169 8.97 33.73 -24.03
N GLU K 170 10.24 33.94 -24.37
CA GLU K 170 10.89 33.37 -25.57
C GLU K 170 10.73 31.85 -25.69
N GLY K 171 10.19 31.37 -26.80
CA GLY K 171 10.23 29.93 -27.13
C GLY K 171 9.68 28.97 -26.08
N LEU K 172 8.52 29.31 -25.53
CA LEU K 172 7.94 28.53 -24.45
C LEU K 172 6.63 27.92 -24.86
N PRO K 173 6.32 26.72 -24.36
CA PRO K 173 5.01 26.14 -24.61
C PRO K 173 3.91 27.10 -24.16
N PHE K 174 2.79 27.07 -24.86
CA PHE K 174 1.66 27.88 -24.40
C PHE K 174 1.31 27.63 -22.92
N GLN K 175 1.36 26.38 -22.48
CA GLN K 175 0.98 26.09 -21.09
C GLN K 175 1.79 26.87 -20.09
N VAL K 176 3.10 26.82 -20.24
CA VAL K 176 4.00 27.57 -19.38
C VAL K 176 3.63 29.06 -19.39
N CYS K 177 3.52 29.65 -20.57
CA CYS K 177 3.13 31.06 -20.69
C CYS K 177 1.82 31.32 -19.94
N TYR K 178 0.84 30.43 -20.12
CA TYR K 178 -0.47 30.59 -19.46
C TYR K 178 -0.36 30.61 -17.94
N ALA K 179 0.40 29.68 -17.39
CA ALA K 179 0.52 29.54 -15.96
C ALA K 179 1.21 30.75 -15.37
N LEU K 180 2.14 31.35 -16.13
CA LEU K 180 2.86 32.51 -15.64
C LEU K 180 1.94 33.71 -15.51
N PHE K 181 1.06 33.89 -16.49
CA PHE K 181 0.10 34.98 -16.45
C PHE K 181 -0.91 34.83 -15.31
N LYS K 182 -1.45 33.63 -15.16
CA LYS K 182 -2.39 33.34 -14.08
C LYS K 182 -1.68 33.28 -12.72
N GLY K 183 -0.37 33.04 -12.75
CA GLY K 183 0.42 32.90 -11.53
C GLY K 183 0.79 34.21 -10.85
N ALA K 184 0.03 35.26 -11.15
CA ALA K 184 0.25 36.56 -10.54
C ALA K 184 -1.05 37.34 -10.45
N ASN K 185 -1.50 37.58 -9.22
CA ASN K 185 -2.59 38.52 -8.92
C ASN K 185 -2.08 39.68 -8.05
N GLY K 186 -2.32 40.92 -8.52
CA GLY K 186 -1.68 42.11 -7.97
C GLY K 186 -0.98 42.91 -9.06
N LYS K 187 0.16 43.52 -8.69
CA LYS K 187 0.96 44.36 -9.61
C LYS K 187 1.46 43.58 -10.83
N VAL K 188 1.31 44.18 -12.00
CA VAL K 188 1.69 43.53 -13.27
C VAL K 188 2.76 44.31 -14.03
N SER K 189 3.77 43.59 -14.52
CA SER K 189 4.90 44.21 -15.20
C SER K 189 5.36 43.42 -16.44
N MET K 190 4.87 43.83 -17.60
CA MET K 190 5.32 43.22 -18.85
C MET K 190 6.14 44.16 -19.70
N GLU K 191 7.14 43.57 -20.35
CA GLU K 191 7.95 44.22 -21.36
C GLU K 191 7.40 43.84 -22.70
N VAL K 192 7.44 44.76 -23.65
CA VAL K 192 6.81 44.55 -24.94
C VAL K 192 7.73 45.05 -26.04
N THR K 193 7.86 44.26 -27.10
CA THR K 193 8.62 44.61 -28.30
C THR K 193 7.64 44.90 -29.43
N ARG K 194 7.89 45.99 -30.14
CA ARG K 194 7.00 46.41 -31.23
C ARG K 194 7.89 46.81 -32.40
N PRO K 195 7.49 46.43 -33.63
CA PRO K 195 8.22 46.87 -34.80
C PRO K 195 8.13 48.38 -34.95
N LYS K 196 9.22 48.97 -35.40
CA LYS K 196 9.26 50.39 -35.67
C LYS K 196 10.08 50.58 -36.94
N PRO K 197 9.54 50.11 -38.08
CA PRO K 197 10.31 50.12 -39.31
C PRO K 197 10.56 51.51 -39.87
N THR K 198 11.69 51.66 -40.54
CA THR K 198 11.97 52.81 -41.37
C THR K 198 10.92 52.84 -42.49
N LEU K 199 10.50 54.04 -42.90
CA LEU K 199 9.61 54.19 -44.06
C LEU K 199 10.26 53.74 -45.37
N ARG K 200 9.62 52.80 -46.03
CA ARG K 200 10.11 52.28 -47.31
C ARG K 200 8.97 52.16 -48.33
N THR K 201 7.91 52.92 -48.10
CA THR K 201 6.72 52.90 -48.94
C THR K 201 6.32 54.34 -49.26
N GLU K 202 5.52 54.51 -50.31
CA GLU K 202 4.93 55.80 -50.64
C GLU K 202 3.42 55.73 -50.88
N ALA K 203 2.75 56.84 -50.60
CA ALA K 203 1.30 56.93 -50.75
C ALA K 203 0.85 56.72 -52.19
N PRO K 204 -0.32 56.08 -52.40
CA PRO K 204 -0.91 55.82 -53.72
C PRO K 204 -0.85 57.02 -54.67
N ALA L 1 -8.99 32.24 -18.26
CA ALA L 1 -9.87 31.09 -18.20
C ALA L 1 -10.09 30.53 -19.59
N LEU L 2 -10.65 29.33 -19.63
CA LEU L 2 -11.06 28.72 -20.87
C LEU L 2 -12.46 29.21 -21.22
N ARG L 3 -12.59 29.85 -22.37
CA ARG L 3 -13.88 30.32 -22.86
C ARG L 3 -14.13 29.79 -24.24
N ASN L 4 -15.26 29.10 -24.39
CA ASN L 4 -15.45 28.12 -25.45
C ASN L 4 -14.28 27.12 -25.44
N GLY L 5 -13.37 27.17 -26.41
CA GLY L 5 -12.16 26.34 -26.35
C GLY L 5 -10.84 27.10 -26.24
N GLN L 6 -10.92 28.41 -26.09
CA GLN L 6 -9.71 29.26 -26.09
C GLN L 6 -9.34 29.66 -24.66
N TYR L 7 -8.06 29.57 -24.33
CA TYR L 7 -7.56 30.00 -23.04
C TYR L 7 -7.24 31.48 -23.10
N TRP L 8 -7.94 32.29 -22.31
CA TRP L 8 -7.63 33.71 -22.22
C TRP L 8 -6.90 34.02 -20.92
N VAL L 9 -5.99 34.99 -20.97
CA VAL L 9 -5.32 35.49 -19.76
C VAL L 9 -5.89 36.83 -19.36
N THR M 11 -35.35 49.32 -26.14
CA THR M 11 -36.20 48.31 -25.45
C THR M 11 -37.36 47.80 -26.34
N ALA M 12 -37.18 47.87 -27.66
CA ALA M 12 -38.12 47.27 -28.60
C ALA M 12 -38.02 45.76 -28.43
N GLU M 13 -39.10 45.06 -28.73
CA GLU M 13 -39.17 43.61 -28.49
C GLU M 13 -39.17 42.86 -29.83
N ILE M 14 -38.36 41.82 -29.97
CA ILE M 14 -38.34 41.09 -31.24
C ILE M 14 -39.49 40.10 -31.36
N LYS M 15 -40.47 40.46 -32.17
CA LYS M 15 -41.59 39.57 -32.42
C LYS M 15 -41.33 38.76 -33.69
N PRO M 16 -41.89 37.55 -33.77
CA PRO M 16 -41.62 36.65 -34.90
C PRO M 16 -42.23 37.10 -36.23
N ASN M 17 -41.45 36.91 -37.31
CA ASN M 17 -41.89 37.11 -38.71
C ASN M 17 -42.18 38.54 -39.17
N LYS M 18 -41.63 39.54 -38.48
CA LYS M 18 -41.75 40.96 -38.88
C LYS M 18 -40.41 41.66 -38.77
N LYS M 19 -40.03 42.41 -39.81
CA LYS M 19 -38.83 43.23 -39.77
C LYS M 19 -38.89 44.21 -38.59
N ILE M 20 -37.93 44.12 -37.68
CA ILE M 20 -37.91 45.00 -36.50
C ILE M 20 -36.57 45.77 -36.39
N LEU M 21 -36.68 47.08 -36.17
CA LEU M 21 -35.53 47.96 -35.97
C LEU M 21 -35.10 47.98 -34.50
N ILE M 22 -33.84 47.66 -34.23
CA ILE M 22 -33.30 47.69 -32.86
C ILE M 22 -31.97 48.40 -32.80
N GLU M 23 -31.74 49.17 -31.74
CA GLU M 23 -30.44 49.79 -31.53
C GLU M 23 -29.64 48.97 -30.52
N LEU M 24 -28.37 48.72 -30.81
CA LEU M 24 -27.50 48.01 -29.87
C LEU M 24 -26.47 48.94 -29.21
N LYS M 25 -26.38 48.88 -27.88
CA LYS M 25 -25.36 49.56 -27.12
C LYS M 25 -24.03 48.83 -27.34
N VAL M 26 -23.11 49.43 -28.10
CA VAL M 26 -21.86 48.73 -28.41
C VAL M 26 -20.70 49.30 -27.58
N GLU M 27 -20.59 50.63 -27.55
CA GLU M 27 -19.58 51.34 -26.76
C GLU M 27 -18.20 50.71 -26.84
N LYS M 28 -17.69 50.59 -28.06
CA LYS M 28 -16.35 50.04 -28.37
C LYS M 28 -16.01 48.64 -27.84
N LYS M 29 -17.00 47.88 -27.36
CA LYS M 29 -16.77 46.52 -26.88
C LYS M 29 -17.16 45.46 -27.91
N PRO M 30 -16.53 44.27 -27.86
CA PRO M 30 -16.82 43.22 -28.85
C PRO M 30 -18.32 42.89 -28.98
N MET M 31 -18.77 42.64 -30.20
CA MET M 31 -20.16 42.30 -30.39
C MET M 31 -20.43 40.85 -30.01
N GLY M 32 -19.46 39.98 -30.32
CA GLY M 32 -19.47 38.61 -29.86
C GLY M 32 -20.55 37.75 -30.46
N VAL M 33 -20.59 37.71 -31.80
CA VAL M 33 -21.45 36.78 -32.52
C VAL M 33 -20.68 36.09 -33.62
N ILE M 34 -21.16 34.93 -34.05
CA ILE M 34 -20.73 34.36 -35.31
C ILE M 34 -21.88 34.51 -36.28
N VAL M 35 -21.57 35.06 -37.45
CA VAL M 35 -22.55 35.17 -38.52
C VAL M 35 -22.06 34.49 -39.81
N CYS M 36 -22.99 34.17 -40.69
CA CYS M 36 -22.63 33.61 -41.99
C CYS M 36 -23.16 34.51 -43.10
N GLY M 37 -22.60 34.35 -44.30
CA GLY M 37 -23.04 35.08 -45.50
C GLY M 37 -21.87 35.60 -46.28
N GLY M 38 -22.02 35.69 -47.61
CA GLY M 38 -20.95 36.19 -48.48
C GLY M 38 -21.13 35.80 -49.93
N LYS M 39 -20.31 36.38 -50.80
CA LYS M 39 -20.38 36.17 -52.26
C LYS M 39 -19.71 34.84 -52.66
N ASN M 40 -18.99 34.26 -51.72
CA ASN M 40 -18.19 33.05 -51.93
C ASN M 40 -18.52 32.04 -50.81
N ASN M 41 -19.79 32.02 -50.42
CA ASN M 41 -20.27 31.39 -49.20
C ASN M 41 -21.40 30.41 -49.53
N HIS M 42 -21.65 29.46 -48.62
CA HIS M 42 -22.77 28.53 -48.80
C HIS M 42 -24.11 29.19 -48.47
N VAL M 43 -24.09 30.17 -47.58
CA VAL M 43 -25.28 30.94 -47.24
C VAL M 43 -25.24 32.26 -48.04
N THR M 44 -26.06 32.31 -49.08
CA THR M 44 -25.86 33.26 -50.16
C THR M 44 -27.05 34.23 -50.24
N THR M 45 -27.95 34.05 -49.29
CA THR M 45 -29.31 34.53 -49.34
C THR M 45 -29.62 35.47 -48.16
N GLY M 46 -28.65 35.70 -47.28
CA GLY M 46 -28.80 36.63 -46.15
C GLY M 46 -27.76 36.49 -45.07
N CYS M 47 -27.82 37.38 -44.07
CA CYS M 47 -26.87 37.38 -42.96
C CYS M 47 -27.57 36.94 -41.70
N VAL M 48 -27.06 35.87 -41.09
CA VAL M 48 -27.75 35.18 -40.01
C VAL M 48 -26.80 34.81 -38.88
N ILE M 49 -27.25 35.11 -37.66
CA ILE M 49 -26.52 34.77 -36.45
C ILE M 49 -26.59 33.27 -36.16
N THR M 50 -25.44 32.63 -36.01
CA THR M 50 -25.42 31.21 -35.60
C THR M 50 -24.69 30.93 -34.28
N HIS M 51 -24.13 31.96 -33.67
CA HIS M 51 -23.63 31.84 -32.32
C HIS M 51 -23.54 33.19 -31.65
N VAL M 52 -23.91 33.21 -30.37
CA VAL M 52 -23.74 34.38 -29.53
C VAL M 52 -22.78 34.05 -28.37
N TYR M 53 -21.69 34.80 -28.28
CA TYR M 53 -20.78 34.67 -27.16
C TYR M 53 -21.37 35.39 -25.95
N PRO M 54 -21.42 34.68 -24.80
CA PRO M 54 -21.97 35.19 -23.54
C PRO M 54 -21.36 36.52 -23.09
N GLU M 55 -20.16 36.83 -23.56
CA GLU M 55 -19.43 37.99 -23.02
C GLU M 55 -19.45 39.22 -23.95
N GLY M 56 -20.13 39.12 -25.08
CA GLY M 56 -20.20 40.23 -26.04
C GLY M 56 -21.43 41.08 -25.87
N GLN M 57 -21.53 42.14 -26.66
CA GLN M 57 -22.59 43.12 -26.44
C GLN M 57 -23.97 42.61 -26.86
N VAL M 58 -23.99 41.78 -27.90
CA VAL M 58 -25.22 41.17 -28.36
C VAL M 58 -25.86 40.37 -27.21
N ALA M 59 -25.05 39.57 -26.52
CA ALA M 59 -25.51 38.87 -25.31
C ALA M 59 -25.98 39.82 -24.22
N ALA M 60 -25.25 40.92 -24.00
CA ALA M 60 -25.66 41.95 -23.02
C ALA M 60 -27.00 42.62 -23.33
N ASP M 61 -27.28 42.87 -24.62
CA ASP M 61 -28.57 43.40 -25.01
C ASP M 61 -29.71 42.39 -24.80
N LYS M 62 -29.36 41.10 -24.80
CA LYS M 62 -30.28 40.00 -24.43
C LYS M 62 -31.40 39.68 -25.43
N ARG M 63 -31.47 40.35 -26.57
CA ARG M 63 -32.63 40.24 -27.45
C ARG M 63 -32.40 39.33 -28.64
N LEU M 64 -31.23 39.44 -29.26
CA LEU M 64 -30.89 38.63 -30.42
C LEU M 64 -30.65 37.16 -30.07
N LYS M 65 -30.95 36.29 -31.03
CA LYS M 65 -30.83 34.85 -30.85
C LYS M 65 -30.23 34.25 -32.09
N ILE M 66 -29.80 32.99 -31.95
CA ILE M 66 -29.37 32.17 -33.07
C ILE M 66 -30.49 32.01 -34.13
N PHE M 67 -30.15 32.31 -35.38
CA PHE M 67 -31.04 32.22 -36.56
C PHE M 67 -31.73 33.52 -36.94
N ASP M 68 -31.59 34.56 -36.10
CA ASP M 68 -32.04 35.90 -36.45
C ASP M 68 -31.34 36.37 -37.73
N HIS M 69 -32.16 36.86 -38.67
CA HIS M 69 -31.71 37.38 -39.96
C HIS M 69 -31.43 38.88 -39.85
N ILE M 70 -30.16 39.26 -39.96
CA ILE M 70 -29.80 40.67 -39.89
C ILE M 70 -29.90 41.27 -41.28
N CYS M 71 -30.94 42.06 -41.50
CA CYS M 71 -31.28 42.59 -42.83
C CYS M 71 -30.55 43.86 -43.26
N ASP M 72 -30.44 44.82 -42.36
CA ASP M 72 -29.79 46.11 -42.67
C ASP M 72 -29.01 46.59 -41.45
N ILE M 73 -27.84 47.17 -41.71
CA ILE M 73 -26.98 47.75 -40.68
C ILE M 73 -27.01 49.27 -40.80
N ASN M 74 -27.36 49.93 -39.69
CA ASN M 74 -27.75 51.34 -39.70
C ASN M 74 -28.72 51.52 -40.86
N GLY M 75 -28.46 52.46 -41.75
CA GLY M 75 -29.32 52.50 -42.93
C GLY M 75 -29.22 51.39 -43.98
N THR M 76 -28.03 50.82 -44.17
CA THR M 76 -27.73 50.16 -45.44
C THR M 76 -27.91 48.64 -45.42
N PRO M 77 -28.64 48.11 -46.42
CA PRO M 77 -28.92 46.68 -46.49
C PRO M 77 -27.69 45.79 -46.44
N ILE M 78 -27.83 44.65 -45.76
CA ILE M 78 -26.80 43.64 -45.72
C ILE M 78 -27.07 42.59 -46.82
N HIS M 79 -26.94 43.02 -48.07
CA HIS M 79 -27.11 42.12 -49.22
C HIS M 79 -25.85 41.27 -49.42
N VAL M 80 -25.80 40.11 -48.77
CA VAL M 80 -24.61 39.23 -48.82
C VAL M 80 -24.26 38.75 -50.23
N GLY M 81 -25.28 38.60 -51.08
CA GLY M 81 -25.09 38.27 -52.50
C GLY M 81 -24.15 39.17 -53.29
N SER M 82 -23.82 40.34 -52.73
CA SER M 82 -22.90 41.29 -53.38
C SER M 82 -21.83 41.88 -52.42
N MET M 83 -21.28 41.05 -51.54
CA MET M 83 -20.12 41.41 -50.72
C MET M 83 -19.44 40.17 -50.16
N THR M 84 -18.12 40.22 -50.01
CA THR M 84 -17.32 39.07 -49.58
C THR M 84 -17.73 38.51 -48.22
N THR M 85 -17.33 37.28 -47.93
CA THR M 85 -17.54 36.68 -46.60
C THR M 85 -16.82 37.51 -45.55
N LEU M 86 -15.63 37.98 -45.93
CA LEU M 86 -14.83 38.86 -45.11
C LEU M 86 -15.59 40.12 -44.67
N LYS M 87 -16.16 40.83 -45.62
CA LYS M 87 -16.85 42.07 -45.33
C LYS M 87 -18.08 41.86 -44.43
N VAL M 88 -18.79 40.75 -44.64
CA VAL M 88 -20.00 40.49 -43.86
C VAL M 88 -19.63 40.25 -42.39
N HIS M 89 -18.53 39.55 -42.17
CA HIS M 89 -18.04 39.33 -40.81
C HIS M 89 -17.51 40.64 -40.18
N GLN M 90 -16.90 41.50 -41.01
CA GLN M 90 -16.38 42.80 -40.59
C GLN M 90 -17.41 43.62 -39.84
N LEU M 91 -18.61 43.65 -40.41
CA LEU M 91 -19.71 44.45 -39.92
C LEU M 91 -20.07 44.15 -38.49
N PHE M 92 -19.59 43.03 -37.96
CA PHE M 92 -19.92 42.63 -36.60
C PHE M 92 -18.69 42.54 -35.70
N HIS M 93 -17.55 42.98 -36.24
CA HIS M 93 -16.30 43.05 -35.50
C HIS M 93 -16.07 44.48 -35.03
N THR M 94 -16.26 44.72 -33.73
CA THR M 94 -16.15 46.08 -33.18
C THR M 94 -14.77 46.68 -33.32
N THR M 95 -14.71 47.83 -33.97
CA THR M 95 -13.55 48.73 -33.85
C THR M 95 -14.02 50.09 -33.32
N TYR M 96 -14.59 50.91 -34.20
CA TYR M 96 -14.96 52.31 -33.89
C TYR M 96 -16.37 52.42 -33.32
N GLU M 97 -17.17 51.37 -33.51
CA GLU M 97 -18.62 51.47 -33.32
C GLU M 97 -19.05 51.68 -31.87
N LYS M 98 -19.88 52.70 -31.67
CA LYS M 98 -20.42 53.04 -30.35
C LYS M 98 -21.84 52.53 -30.21
N ALA M 99 -22.54 52.50 -31.33
CA ALA M 99 -23.86 51.93 -31.42
C ALA M 99 -24.06 51.35 -32.82
N VAL M 100 -25.11 50.55 -32.97
CA VAL M 100 -25.44 49.98 -34.27
C VAL M 100 -26.95 49.78 -34.28
N THR M 101 -27.59 50.35 -35.28
CA THR M 101 -29.02 50.17 -35.45
C THR M 101 -29.23 49.06 -36.49
N LEU M 102 -29.91 47.99 -36.10
CA LEU M 102 -30.12 46.83 -36.97
C LEU M 102 -31.60 46.59 -37.25
N THR M 103 -31.89 46.15 -38.47
CA THR M 103 -33.23 45.66 -38.77
C THR M 103 -33.20 44.13 -38.84
N VAL M 104 -34.08 43.53 -38.05
CA VAL M 104 -33.99 42.11 -37.72
C VAL M 104 -35.25 41.34 -38.13
N PHE M 105 -35.06 40.19 -38.75
CA PHE M 105 -36.15 39.28 -39.06
C PHE M 105 -35.89 37.97 -38.32
N ARG M 106 -36.83 37.62 -37.44
CA ARG M 106 -36.80 36.34 -36.72
C ARG M 106 -37.88 35.43 -37.31
N ALA M 107 -37.47 34.48 -38.14
CA ALA M 107 -38.43 33.54 -38.76
C ALA M 107 -38.92 32.54 -37.76
N ASP M 108 -40.21 32.26 -37.83
CA ASP M 108 -40.79 31.11 -37.14
C ASP M 108 -41.84 30.47 -38.06
N PRO M 109 -41.59 29.23 -38.50
CA PRO M 109 -40.44 28.35 -38.17
C PRO M 109 -39.13 28.85 -38.78
N PRO M 110 -37.99 28.54 -38.13
CA PRO M 110 -36.67 28.94 -38.64
C PRO M 110 -36.39 28.39 -40.03
N GLU M 111 -35.62 29.15 -40.81
CA GLU M 111 -35.33 28.81 -42.19
C GLU M 111 -33.94 28.21 -42.28
N LEU M 112 -33.93 26.89 -42.49
CA LEU M 112 -32.74 26.08 -42.28
C LEU M 112 -32.50 25.10 -43.41
N GLU M 113 -31.23 24.78 -43.62
CA GLU M 113 -30.82 23.75 -44.53
C GLU M 113 -30.11 22.73 -43.66
N LYS M 114 -30.54 21.47 -43.75
CA LYS M 114 -29.94 20.41 -42.96
C LYS M 114 -29.28 19.37 -43.87
N PHE M 115 -28.07 18.95 -43.49
CA PHE M 115 -27.35 17.96 -44.29
C PHE M 115 -26.43 17.11 -43.43
N ASN M 116 -25.79 16.12 -44.04
CA ASN M 116 -24.82 15.27 -43.39
C ASN M 116 -23.42 15.41 -43.99
N VAL M 117 -22.42 15.11 -43.17
CA VAL M 117 -21.03 15.01 -43.59
C VAL M 117 -20.49 13.71 -43.00
N ASP M 118 -20.16 12.75 -43.86
CA ASP M 118 -19.58 11.48 -43.46
C ASP M 118 -18.17 11.34 -44.00
N LEU M 119 -17.29 10.73 -43.22
CA LEU M 119 -15.90 10.56 -43.62
C LEU M 119 -15.25 9.45 -42.80
N MET M 120 -14.04 9.07 -43.17
CA MET M 120 -13.26 8.11 -42.40
C MET M 120 -12.14 8.88 -41.73
N LYS M 121 -12.12 8.89 -40.39
CA LYS M 121 -11.12 9.65 -39.65
C LYS M 121 -9.85 8.85 -39.33
N LYS M 122 -8.73 9.24 -39.95
CA LYS M 122 -7.41 8.66 -39.65
C LYS M 122 -6.90 9.12 -38.27
N ALA M 123 -6.11 8.27 -37.61
CA ALA M 123 -5.69 8.51 -36.22
C ALA M 123 -4.64 9.64 -36.07
N GLY M 124 -4.94 10.61 -35.22
CA GLY M 124 -4.07 11.77 -35.06
C GLY M 124 -4.13 12.77 -36.21
N LYS M 125 -5.13 12.60 -37.08
CA LYS M 125 -5.43 13.60 -38.11
C LYS M 125 -6.77 14.26 -37.74
N GLU M 126 -6.67 15.38 -37.05
CA GLU M 126 -7.83 16.16 -36.60
C GLU M 126 -8.67 16.64 -37.77
N LEU M 127 -9.97 16.80 -37.53
CA LEU M 127 -10.88 17.35 -38.52
C LEU M 127 -10.48 18.76 -38.91
N GLY M 128 -9.94 19.49 -37.95
CA GLY M 128 -9.48 20.85 -38.18
C GLY M 128 -10.56 21.85 -37.87
N LEU M 129 -11.34 21.58 -36.82
CA LEU M 129 -12.47 22.43 -36.45
C LEU M 129 -12.30 23.08 -35.09
N SER M 130 -12.65 24.38 -35.01
CA SER M 130 -12.74 25.11 -33.75
C SER M 130 -14.22 25.33 -33.42
N LEU M 131 -14.68 24.78 -32.31
CA LEU M 131 -16.12 24.73 -32.05
C LEU M 131 -16.55 25.65 -30.93
N SER M 132 -17.72 26.27 -31.09
CA SER M 132 -18.36 27.06 -30.05
C SER M 132 -19.73 26.48 -29.66
N PRO M 133 -19.81 25.82 -28.49
CA PRO M 133 -21.05 25.16 -28.07
C PRO M 133 -22.17 26.13 -27.72
N ASN M 134 -23.41 25.73 -28.02
CA ASN M 134 -24.61 26.49 -27.67
C ASN M 134 -25.84 25.58 -27.53
N GLU M 135 -27.04 26.16 -27.51
CA GLU M 135 -28.25 25.38 -27.21
C GLU M 135 -28.75 24.58 -28.41
N ILE M 136 -28.20 24.86 -29.59
CA ILE M 136 -28.50 24.11 -30.80
C ILE M 136 -27.40 23.05 -31.10
N GLY M 137 -26.15 23.35 -30.77
CA GLY M 137 -25.05 22.44 -31.04
C GLY M 137 -23.72 23.14 -31.03
N CYS M 138 -22.82 22.74 -31.94
CA CYS M 138 -21.51 23.38 -32.01
C CYS M 138 -21.37 24.15 -33.30
N THR M 139 -21.31 25.48 -33.20
CA THR M 139 -21.15 26.32 -34.36
C THR M 139 -19.69 26.29 -34.71
N ILE M 140 -19.38 26.07 -35.98
CA ILE M 140 -17.99 26.18 -36.42
C ILE M 140 -17.51 27.63 -36.34
N ALA M 141 -16.59 27.89 -35.41
CA ALA M 141 -16.01 29.21 -35.24
C ALA M 141 -14.92 29.45 -36.25
N ASP M 142 -14.22 28.38 -36.61
CA ASP M 142 -13.12 28.50 -37.56
C ASP M 142 -12.65 27.13 -38.02
N LEU M 143 -12.00 27.05 -39.18
CA LEU M 143 -11.40 25.79 -39.61
C LEU M 143 -10.03 25.89 -40.30
N ILE M 144 -9.32 24.77 -40.31
CA ILE M 144 -8.06 24.61 -41.04
C ILE M 144 -8.31 23.69 -42.25
N GLN M 145 -8.03 24.20 -43.45
CA GLN M 145 -8.31 23.48 -44.68
C GLN M 145 -7.33 22.35 -44.95
N GLY M 146 -7.69 21.48 -45.88
CA GLY M 146 -6.82 20.41 -46.36
C GLY M 146 -6.68 19.22 -45.43
N GLN M 147 -7.56 19.12 -44.43
CA GLN M 147 -7.54 18.01 -43.48
C GLN M 147 -8.29 16.79 -44.02
N TYR M 148 -9.52 17.04 -44.50
CA TYR M 148 -10.32 16.03 -45.17
C TYR M 148 -11.08 16.68 -46.33
N PRO M 149 -11.02 16.07 -47.53
CA PRO M 149 -11.72 16.65 -48.69
C PRO M 149 -13.21 16.93 -48.44
N GLU M 150 -13.87 16.09 -47.65
CA GLU M 150 -15.29 16.21 -47.37
C GLU M 150 -15.64 17.46 -46.54
N ILE M 151 -14.71 17.87 -45.67
CA ILE M 151 -14.89 19.04 -44.80
C ILE M 151 -14.66 20.32 -45.58
N ASP M 152 -13.56 20.36 -46.33
CA ASP M 152 -13.25 21.48 -47.22
C ASP M 152 -14.47 21.92 -48.04
N SER M 153 -15.15 20.95 -48.67
CA SER M 153 -16.23 21.27 -49.59
C SER M 153 -17.62 21.42 -48.96
N LYS M 154 -17.92 20.64 -47.92
CA LYS M 154 -19.24 20.69 -47.31
C LYS M 154 -19.38 21.68 -46.15
N LEU M 155 -18.29 21.94 -45.43
CA LEU M 155 -18.37 22.75 -44.21
C LEU M 155 -17.76 24.14 -44.33
N GLN M 156 -18.32 25.07 -43.58
CA GLN M 156 -17.78 26.43 -43.45
C GLN M 156 -18.03 27.00 -42.04
N ARG M 157 -17.35 28.10 -41.75
CA ARG M 157 -17.57 28.90 -40.53
C ARG M 157 -19.05 29.27 -40.42
N GLY M 158 -19.59 29.18 -39.21
CA GLY M 158 -21.01 29.47 -38.99
C GLY M 158 -21.94 28.26 -39.03
N ASP M 159 -21.48 27.12 -39.55
CA ASP M 159 -22.36 25.96 -39.58
C ASP M 159 -22.50 25.44 -38.15
N ILE M 160 -23.66 24.87 -37.85
CA ILE M 160 -23.86 24.26 -36.55
C ILE M 160 -23.93 22.74 -36.68
N ILE M 161 -22.95 22.06 -36.07
CA ILE M 161 -22.95 20.61 -35.97
C ILE M 161 -23.87 20.22 -34.82
N THR M 162 -24.88 19.44 -35.16
CA THR M 162 -26.02 19.20 -34.27
C THR M 162 -25.96 17.81 -33.58
N LYS M 163 -25.17 16.92 -34.17
CA LYS M 163 -25.04 15.55 -33.73
C LYS M 163 -23.74 14.99 -34.34
N PHE M 164 -22.93 14.33 -33.51
CA PHE M 164 -21.69 13.69 -33.96
C PHE M 164 -21.68 12.23 -33.49
N ASN M 165 -21.37 11.32 -34.41
CA ASN M 165 -21.31 9.86 -34.13
C ASN M 165 -22.38 9.34 -33.18
N GLY M 166 -23.64 9.65 -33.48
CA GLY M 166 -24.75 9.18 -32.64
C GLY M 166 -25.16 10.05 -31.46
N ASP M 167 -24.40 11.12 -31.19
CA ASP M 167 -24.65 11.94 -30.00
C ASP M 167 -25.15 13.36 -30.28
N ALA M 168 -26.29 13.73 -29.69
CA ALA M 168 -26.75 15.11 -29.73
C ALA M 168 -25.71 16.00 -29.05
N LEU M 169 -25.41 17.14 -29.68
CA LEU M 169 -24.43 18.08 -29.13
C LEU M 169 -25.00 19.31 -28.42
N GLU M 170 -26.32 19.48 -28.48
CA GLU M 170 -26.95 20.71 -27.98
C GLU M 170 -26.80 20.89 -26.48
N GLY M 171 -26.28 22.05 -26.08
CA GLY M 171 -26.28 22.46 -24.68
C GLY M 171 -25.20 21.82 -23.85
N LEU M 172 -24.15 21.33 -24.49
CA LEU M 172 -23.10 20.60 -23.80
C LEU M 172 -21.94 21.51 -23.49
N PRO M 173 -21.24 21.25 -22.38
CA PRO M 173 -20.01 22.02 -22.14
C PRO M 173 -18.95 21.67 -23.20
N PHE M 174 -18.05 22.61 -23.49
CA PHE M 174 -17.03 22.41 -24.51
C PHE M 174 -16.24 21.11 -24.33
N GLN M 175 -15.88 20.78 -23.09
CA GLN M 175 -15.09 19.58 -22.79
C GLN M 175 -15.76 18.30 -23.27
N VAL M 176 -17.03 18.15 -22.96
CA VAL M 176 -17.75 16.98 -23.42
C VAL M 176 -17.68 16.90 -24.95
N CYS M 177 -17.89 18.02 -25.64
CA CYS M 177 -17.84 18.04 -27.08
C CYS M 177 -16.49 17.59 -27.58
N TYR M 178 -15.43 18.15 -26.99
CA TYR M 178 -14.06 17.83 -27.35
C TYR M 178 -13.85 16.32 -27.27
N ALA M 179 -14.22 15.74 -26.14
CA ALA M 179 -14.06 14.33 -25.91
C ALA M 179 -14.79 13.50 -26.95
N LEU M 180 -15.98 13.94 -27.35
CA LEU M 180 -16.79 13.15 -28.30
C LEU M 180 -16.15 13.16 -29.68
N PHE M 181 -15.61 14.31 -30.07
CA PHE M 181 -14.91 14.40 -31.33
C PHE M 181 -13.62 13.59 -31.30
N LYS M 182 -12.97 13.55 -30.15
CA LYS M 182 -11.69 12.87 -30.03
C LYS M 182 -11.77 11.37 -29.75
N GLY M 183 -12.96 10.88 -29.41
CA GLY M 183 -13.11 9.46 -29.08
C GLY M 183 -13.59 8.63 -30.26
N ALA M 184 -13.48 9.21 -31.45
CA ALA M 184 -14.06 8.62 -32.62
C ALA M 184 -13.04 8.51 -33.73
N ASN M 185 -12.45 7.33 -33.89
CA ASN M 185 -11.48 7.10 -34.96
C ASN M 185 -11.88 5.92 -35.83
N GLY M 186 -12.23 6.22 -37.09
CA GLY M 186 -12.88 5.28 -38.01
C GLY M 186 -14.01 6.03 -38.69
N LYS M 187 -15.19 5.42 -38.80
CA LYS M 187 -16.36 6.09 -39.37
C LYS M 187 -16.71 7.36 -38.59
N VAL M 188 -17.17 8.38 -39.31
CA VAL M 188 -17.54 9.67 -38.72
C VAL M 188 -18.76 10.20 -39.48
N SER M 189 -19.86 10.35 -38.75
CA SER M 189 -21.11 10.89 -39.29
C SER M 189 -21.50 12.14 -38.51
N MET M 190 -21.68 13.27 -39.21
CA MET M 190 -22.08 14.55 -38.60
C MET M 190 -23.37 15.10 -39.17
N GLU M 191 -24.28 15.53 -38.30
CA GLU M 191 -25.50 16.19 -38.74
C GLU M 191 -25.34 17.68 -38.60
N VAL M 192 -25.53 18.39 -39.70
CA VAL M 192 -25.26 19.82 -39.71
C VAL M 192 -26.53 20.61 -40.02
N THR M 193 -26.72 21.72 -39.31
CA THR M 193 -27.73 22.72 -39.64
C THR M 193 -27.01 23.97 -40.13
N ARG M 194 -27.58 24.63 -41.13
CA ARG M 194 -27.04 25.87 -41.68
C ARG M 194 -28.20 26.74 -42.06
N PRO M 195 -28.13 28.05 -41.75
CA PRO M 195 -29.27 28.91 -42.06
C PRO M 195 -29.58 28.94 -43.55
N LYS M 196 -30.86 29.07 -43.88
CA LYS M 196 -31.27 29.28 -45.25
C LYS M 196 -32.38 30.34 -45.33
N PRO M 197 -32.08 31.59 -44.96
CA PRO M 197 -33.14 32.60 -44.88
C PRO M 197 -33.66 33.01 -46.26
N THR M 198 -34.93 33.40 -46.38
CA THR M 198 -35.42 33.92 -47.66
C THR M 198 -34.97 35.37 -47.84
N LEU M 199 -34.60 35.70 -49.08
CA LEU M 199 -34.01 36.97 -49.43
C LEU M 199 -34.91 38.11 -48.96
N ARG M 200 -34.29 39.14 -48.37
CA ARG M 200 -35.01 40.25 -47.78
C ARG M 200 -34.24 41.54 -48.04
N THR M 201 -33.18 41.42 -48.82
CA THR M 201 -32.33 42.54 -49.18
C THR M 201 -32.26 42.66 -50.71
N GLU M 202 -31.67 43.73 -51.21
CA GLU M 202 -31.33 43.85 -52.64
C GLU M 202 -30.10 44.76 -52.78
N ALA M 203 -29.61 44.91 -54.01
CA ALA M 203 -28.53 45.87 -54.27
C ALA M 203 -28.77 46.62 -55.56
N ALA N 1 -5.86 18.81 -31.37
CA ALA N 1 -5.48 19.07 -30.00
C ALA N 1 -5.39 20.58 -29.70
N LEU N 2 -4.41 20.95 -28.90
CA LEU N 2 -4.23 22.33 -28.50
C LEU N 2 -3.25 22.98 -29.46
N ARG N 3 -3.64 24.10 -30.05
CA ARG N 3 -2.74 24.81 -30.96
C ARG N 3 -2.76 26.28 -30.61
N ASN N 4 -1.59 26.77 -30.19
CA ASN N 4 -1.46 27.96 -29.34
C ASN N 4 -2.34 27.80 -28.08
N GLY N 5 -3.38 28.62 -27.93
CA GLY N 5 -4.32 28.44 -26.83
C GLY N 5 -5.69 27.85 -27.17
N GLN N 6 -5.90 27.43 -28.42
CA GLN N 6 -7.21 26.93 -28.85
C GLN N 6 -7.28 25.42 -29.03
N TYR N 7 -8.33 24.82 -28.47
CA TYR N 7 -8.57 23.40 -28.63
C TYR N 7 -9.20 23.15 -29.98
N TRP N 8 -8.53 22.33 -30.78
CA TRP N 8 -8.97 21.95 -32.13
C TRP N 8 -9.33 20.48 -32.14
N VAL N 9 -10.40 20.15 -32.85
CA VAL N 9 -10.80 18.74 -33.04
C VAL N 9 -10.53 18.30 -34.48
N THR O 11 -5.57 -59.39 28.21
CA THR O 11 -6.84 -59.12 27.46
C THR O 11 -8.07 -59.13 28.35
N ALA O 12 -7.89 -59.51 29.62
CA ALA O 12 -8.90 -59.29 30.65
C ALA O 12 -9.36 -57.83 30.59
N GLU O 13 -10.67 -57.60 30.53
CA GLU O 13 -11.19 -56.23 30.53
C GLU O 13 -11.36 -55.74 31.96
N ILE O 14 -10.95 -54.49 32.20
CA ILE O 14 -11.21 -53.82 33.46
C ILE O 14 -12.70 -53.50 33.54
N LYS O 15 -13.30 -53.87 34.66
CA LYS O 15 -14.71 -53.58 34.90
C LYS O 15 -14.89 -52.82 36.22
N PRO O 16 -16.01 -52.07 36.33
CA PRO O 16 -16.35 -51.25 37.49
C PRO O 16 -16.43 -52.02 38.81
N ASN O 17 -15.84 -51.43 39.86
CA ASN O 17 -16.06 -51.83 41.25
C ASN O 17 -15.63 -53.24 41.60
N LYS O 18 -14.64 -53.75 40.88
CA LYS O 18 -14.13 -55.11 41.05
C LYS O 18 -12.60 -55.13 40.93
N LYS O 19 -11.93 -55.78 41.89
CA LYS O 19 -10.47 -55.91 41.86
C LYS O 19 -10.00 -56.81 40.70
N ILE O 20 -9.24 -56.25 39.76
CA ILE O 20 -8.83 -56.99 38.57
C ILE O 20 -7.30 -57.07 38.44
N LEU O 21 -6.83 -58.27 38.12
CA LEU O 21 -5.42 -58.52 37.88
C LEU O 21 -5.16 -58.46 36.38
N ILE O 22 -4.26 -57.56 36.00
CA ILE O 22 -3.87 -57.37 34.60
C ILE O 22 -2.35 -57.32 34.43
N GLU O 23 -1.86 -57.78 33.28
CA GLU O 23 -0.43 -57.74 32.95
C GLU O 23 -0.13 -56.72 31.85
N LEU O 24 0.81 -55.81 32.11
CA LEU O 24 1.21 -54.81 31.11
C LEU O 24 2.51 -55.16 30.41
N LYS O 25 2.48 -55.02 29.09
CA LYS O 25 3.65 -55.18 28.24
C LYS O 25 4.45 -53.86 28.33
N VAL O 26 5.63 -53.92 28.91
CA VAL O 26 6.43 -52.72 29.14
C VAL O 26 7.69 -52.75 28.25
N GLU O 27 8.40 -53.87 28.26
CA GLU O 27 9.55 -54.09 27.39
C GLU O 27 10.53 -52.93 27.42
N LYS O 28 10.90 -52.54 28.65
CA LYS O 28 11.87 -51.46 28.90
C LYS O 28 11.54 -50.12 28.20
N LYS O 29 10.26 -49.82 28.08
CA LYS O 29 9.79 -48.56 27.49
C LYS O 29 8.98 -47.78 28.52
N PRO O 30 8.94 -46.41 28.40
CA PRO O 30 8.26 -45.59 29.42
C PRO O 30 6.78 -45.95 29.58
N MET O 31 6.28 -45.88 30.80
CA MET O 31 4.90 -46.18 31.08
C MET O 31 3.98 -45.04 30.70
N GLY O 32 4.43 -43.82 30.98
CA GLY O 32 3.68 -42.59 30.64
C GLY O 32 2.40 -42.39 31.45
N VAL O 33 2.55 -42.34 32.77
CA VAL O 33 1.44 -42.04 33.66
C VAL O 33 1.89 -41.05 34.70
N ILE O 34 0.96 -40.20 35.14
CA ILE O 34 1.16 -39.44 36.34
C ILE O 34 0.31 -40.14 37.39
N VAL O 35 0.92 -40.43 38.53
CA VAL O 35 0.18 -40.93 39.68
C VAL O 35 0.48 -40.07 40.92
N CYS O 36 -0.49 -40.08 41.84
CA CYS O 36 -0.36 -39.46 43.14
C CYS O 36 -0.42 -40.51 44.24
N GLY O 37 -0.11 -40.11 45.47
CA GLY O 37 -0.07 -41.02 46.61
C GLY O 37 1.28 -41.01 47.29
N GLY O 38 1.27 -41.22 48.61
CA GLY O 38 2.49 -41.22 49.43
C GLY O 38 2.19 -41.00 50.90
N LYS O 39 3.22 -41.04 51.74
CA LYS O 39 3.07 -40.85 53.19
C LYS O 39 2.96 -39.36 53.54
N ASN O 40 3.68 -38.55 52.77
CA ASN O 40 3.82 -37.11 52.94
C ASN O 40 2.99 -36.37 51.87
N ASN O 41 1.94 -37.05 51.40
CA ASN O 41 1.14 -36.64 50.27
C ASN O 41 -0.24 -36.14 50.69
N HIS O 42 -0.93 -35.42 49.81
CA HIS O 42 -2.36 -35.13 50.01
C HIS O 42 -3.24 -36.37 49.78
N VAL O 43 -2.72 -37.36 49.05
CA VAL O 43 -3.41 -38.64 48.91
C VAL O 43 -2.69 -39.74 49.72
N THR O 44 -3.23 -40.03 50.91
CA THR O 44 -2.65 -41.02 51.84
C THR O 44 -3.38 -42.37 51.80
N THR O 45 -4.32 -42.48 50.87
CA THR O 45 -5.37 -43.48 50.93
C THR O 45 -5.28 -44.54 49.81
N GLY O 46 -4.47 -44.25 48.79
CA GLY O 46 -4.22 -45.15 47.67
C GLY O 46 -3.42 -44.52 46.53
N CYS O 47 -2.97 -45.35 45.60
CA CYS O 47 -2.24 -44.90 44.41
C CYS O 47 -3.18 -44.87 43.22
N VAL O 48 -3.34 -43.69 42.62
CA VAL O 48 -4.33 -43.48 41.55
C VAL O 48 -3.75 -42.78 40.32
N ILE O 49 -4.20 -43.19 39.14
CA ILE O 49 -3.76 -42.57 37.88
C ILE O 49 -4.46 -41.24 37.72
N THR O 50 -3.70 -40.19 37.40
CA THR O 50 -4.33 -38.88 37.06
C THR O 50 -3.90 -38.26 35.72
N HIS O 51 -3.09 -38.99 34.94
CA HIS O 51 -2.84 -38.65 33.54
C HIS O 51 -2.24 -39.84 32.80
N VAL O 52 -2.68 -40.03 31.56
CA VAL O 52 -2.11 -41.06 30.68
C VAL O 52 -1.55 -40.41 29.41
N TYR O 53 -0.22 -40.41 29.29
CA TYR O 53 0.44 -39.93 28.08
C TYR O 53 0.19 -40.90 26.93
N PRO O 54 -0.21 -40.38 25.75
CA PRO O 54 -0.51 -41.25 24.60
C PRO O 54 0.68 -42.05 24.06
N GLU O 55 1.89 -41.57 24.33
CA GLU O 55 3.11 -42.21 23.82
C GLU O 55 3.50 -43.44 24.64
N GLY O 56 3.19 -43.42 25.94
CA GLY O 56 3.64 -44.44 26.88
C GLY O 56 3.00 -45.80 26.73
N GLN O 57 3.45 -46.74 27.56
CA GLN O 57 3.02 -48.14 27.45
C GLN O 57 1.62 -48.42 27.98
N VAL O 58 1.26 -47.71 29.05
CA VAL O 58 -0.11 -47.76 29.63
C VAL O 58 -1.14 -47.45 28.54
N ALA O 59 -0.92 -46.32 27.86
CA ALA O 59 -1.69 -45.95 26.65
C ALA O 59 -1.69 -47.06 25.62
N ALA O 60 -0.50 -47.54 25.26
CA ALA O 60 -0.37 -48.65 24.29
C ALA O 60 -1.24 -49.85 24.66
N ASP O 61 -1.29 -50.20 25.95
CA ASP O 61 -2.15 -51.27 26.48
C ASP O 61 -3.65 -50.93 26.46
N LYS O 62 -3.99 -49.64 26.40
CA LYS O 62 -5.37 -49.19 26.12
C LYS O 62 -6.47 -49.51 27.16
N ARG O 63 -6.12 -50.02 28.33
CA ARG O 63 -7.16 -50.44 29.29
C ARG O 63 -7.32 -49.47 30.44
N LEU O 64 -6.21 -49.17 31.11
CA LEU O 64 -6.20 -48.22 32.22
C LEU O 64 -6.69 -46.84 31.79
N LYS O 65 -7.22 -46.08 32.74
CA LYS O 65 -7.55 -44.69 32.48
C LYS O 65 -7.50 -43.87 33.75
N ILE O 66 -7.71 -42.56 33.59
CA ILE O 66 -7.59 -41.64 34.72
C ILE O 66 -8.56 -42.06 35.83
N PHE O 67 -8.03 -42.08 37.06
CA PHE O 67 -8.79 -42.36 38.30
C PHE O 67 -8.80 -43.85 38.64
N ASP O 68 -8.12 -44.67 37.85
CA ASP O 68 -7.93 -46.07 38.19
C ASP O 68 -7.03 -46.19 39.43
N HIS O 69 -7.45 -47.07 40.37
CA HIS O 69 -6.76 -47.32 41.63
C HIS O 69 -5.78 -48.49 41.49
N ILE O 70 -4.49 -48.20 41.57
CA ILE O 70 -3.47 -49.22 41.46
C ILE O 70 -3.21 -49.77 42.87
N CYS O 71 -3.60 -51.02 43.10
CA CYS O 71 -3.58 -51.62 44.43
C CYS O 71 -2.32 -52.43 44.71
N ASP O 72 -1.95 -53.30 43.78
CA ASP O 72 -0.77 -54.16 43.92
C ASP O 72 0.09 -54.10 42.66
N ILE O 73 1.41 -54.04 42.83
CA ILE O 73 2.32 -54.24 41.73
C ILE O 73 3.04 -55.56 41.94
N ASN O 74 2.99 -56.41 40.90
CA ASN O 74 3.36 -57.82 40.99
C ASN O 74 2.69 -58.44 42.21
N GLY O 75 3.45 -59.05 43.10
CA GLY O 75 2.81 -59.51 44.32
C GLY O 75 2.39 -58.48 45.36
N THR O 76 3.13 -57.37 45.45
CA THR O 76 3.15 -56.61 46.69
C THR O 76 2.14 -55.45 46.74
N PRO O 77 1.58 -55.21 47.93
CA PRO O 77 0.64 -54.10 48.02
C PRO O 77 1.32 -52.74 47.84
N ILE O 78 0.66 -51.84 47.13
CA ILE O 78 1.06 -50.46 47.07
C ILE O 78 0.28 -49.70 48.17
N HIS O 79 0.83 -49.74 49.39
CA HIS O 79 0.20 -49.11 50.54
C HIS O 79 0.85 -47.75 50.78
N VAL O 80 0.25 -46.71 50.21
CA VAL O 80 0.87 -45.39 50.17
C VAL O 80 1.15 -44.81 51.55
N GLY O 81 0.31 -45.13 52.53
CA GLY O 81 0.51 -44.73 53.93
C GLY O 81 1.86 -45.01 54.58
N SER O 82 2.65 -45.90 53.99
CA SER O 82 3.97 -46.20 54.54
C SER O 82 5.11 -46.16 53.51
N MET O 83 4.86 -45.54 52.37
CA MET O 83 5.92 -45.22 51.41
C MET O 83 5.87 -43.74 51.02
N THR O 84 7.04 -43.18 50.71
CA THR O 84 7.15 -41.77 50.32
C THR O 84 6.58 -41.56 48.91
N THR O 85 6.18 -40.32 48.61
CA THR O 85 5.65 -39.94 47.31
C THR O 85 6.60 -40.33 46.18
N LEU O 86 7.89 -40.07 46.41
CA LEU O 86 8.99 -40.38 45.48
C LEU O 86 9.01 -41.84 45.06
N LYS O 87 8.87 -42.72 46.05
CA LYS O 87 8.89 -44.15 45.80
C LYS O 87 7.60 -44.63 45.15
N VAL O 88 6.48 -43.98 45.47
CA VAL O 88 5.21 -44.29 44.80
C VAL O 88 5.37 -43.98 43.32
N HIS O 89 5.79 -42.76 43.00
CA HIS O 89 6.01 -42.35 41.61
C HIS O 89 6.94 -43.31 40.84
N GLN O 90 8.00 -43.78 41.50
CA GLN O 90 9.06 -44.60 40.90
C GLN O 90 8.60 -45.96 40.38
N LEU O 91 7.53 -46.49 40.96
CA LEU O 91 6.97 -47.77 40.55
C LEU O 91 6.48 -47.71 39.12
N PHE O 92 6.34 -46.51 38.58
CA PHE O 92 5.82 -46.33 37.22
C PHE O 92 6.84 -45.68 36.29
N HIS O 93 8.07 -45.53 36.76
CA HIS O 93 9.15 -45.01 35.93
C HIS O 93 9.98 -46.20 35.42
N THR O 94 9.74 -46.59 34.16
CA THR O 94 10.44 -47.72 33.57
C THR O 94 11.95 -47.58 33.60
N THR O 95 12.58 -48.54 34.27
CA THR O 95 14.02 -48.75 34.21
C THR O 95 14.29 -50.20 33.72
N TYR O 96 14.11 -51.18 34.60
CA TYR O 96 14.43 -52.58 34.33
C TYR O 96 13.23 -53.42 33.82
N GLU O 97 12.01 -52.92 33.97
CA GLU O 97 10.79 -53.72 33.76
C GLU O 97 10.54 -54.13 32.31
N LYS O 98 10.42 -55.43 32.12
CA LYS O 98 9.98 -55.99 30.85
C LYS O 98 8.45 -56.16 30.90
N ALA O 99 7.95 -56.40 32.12
CA ALA O 99 6.51 -56.49 32.38
C ALA O 99 6.12 -56.05 33.81
N VAL O 100 4.81 -55.91 34.00
CA VAL O 100 4.25 -55.45 35.26
C VAL O 100 2.83 -56.01 35.37
N THR O 101 2.50 -56.62 36.52
CA THR O 101 1.14 -57.14 36.70
C THR O 101 0.52 -56.45 37.90
N LEU O 102 -0.59 -55.78 37.65
CA LEU O 102 -1.19 -54.85 38.61
C LEU O 102 -2.57 -55.30 39.02
N THR O 103 -2.89 -55.09 40.28
CA THR O 103 -4.27 -55.21 40.72
C THR O 103 -4.88 -53.83 40.59
N VAL O 104 -5.90 -53.75 39.76
CA VAL O 104 -6.59 -52.50 39.50
C VAL O 104 -8.00 -52.55 40.10
N PHE O 105 -8.51 -51.36 40.41
CA PHE O 105 -9.88 -51.19 40.87
C PHE O 105 -10.35 -49.88 40.27
N ARG O 106 -11.34 -49.94 39.39
CA ARG O 106 -11.93 -48.73 38.84
C ARG O 106 -13.22 -48.42 39.59
N ALA O 107 -13.21 -47.38 40.42
CA ALA O 107 -14.43 -47.00 41.17
C ALA O 107 -15.47 -46.34 40.28
N ASP O 108 -16.65 -46.92 40.23
CA ASP O 108 -17.79 -46.31 39.53
C ASP O 108 -18.87 -46.08 40.57
N PRO O 109 -19.20 -44.81 40.88
CA PRO O 109 -18.62 -43.56 40.39
C PRO O 109 -17.23 -43.26 40.99
N PRO O 110 -16.45 -42.39 40.32
CA PRO O 110 -15.10 -42.05 40.78
C PRO O 110 -15.08 -41.56 42.23
N GLU O 111 -14.03 -41.90 42.98
CA GLU O 111 -13.85 -41.42 44.34
C GLU O 111 -12.98 -40.18 44.33
N LEU O 112 -13.61 -39.02 44.51
CA LEU O 112 -12.94 -37.75 44.28
C LEU O 112 -13.10 -36.74 45.41
N GLU O 113 -12.15 -35.83 45.47
CA GLU O 113 -12.16 -34.70 46.35
C GLU O 113 -12.00 -33.52 45.42
N LYS O 114 -12.90 -32.55 45.55
CA LYS O 114 -12.83 -31.36 44.72
C LYS O 114 -12.72 -30.17 45.64
N PHE O 115 -11.86 -29.21 45.28
CA PHE O 115 -11.66 -28.04 46.10
C PHE O 115 -11.28 -26.84 45.24
N ASN O 116 -11.22 -25.68 45.87
CA ASN O 116 -10.88 -24.45 45.21
C ASN O 116 -9.57 -23.90 45.73
N VAL O 117 -8.82 -23.28 44.84
CA VAL O 117 -7.63 -22.55 45.22
C VAL O 117 -7.76 -21.13 44.71
N ASP O 118 -7.73 -20.17 45.63
CA ASP O 118 -7.75 -18.76 45.27
C ASP O 118 -6.41 -18.14 45.62
N LEU O 119 -5.98 -17.16 44.81
CA LEU O 119 -4.75 -16.41 45.05
C LEU O 119 -4.74 -15.14 44.23
N MET O 120 -4.01 -14.14 44.73
CA MET O 120 -3.76 -12.90 44.01
C MET O 120 -2.50 -13.02 43.14
N LYS O 121 -2.69 -13.20 41.83
CA LYS O 121 -1.55 -13.42 40.93
C LYS O 121 -0.89 -12.11 40.53
N LYS O 122 0.32 -11.88 41.06
CA LYS O 122 1.09 -10.68 40.75
C LYS O 122 1.73 -10.80 39.36
N ALA O 123 1.98 -9.65 38.73
CA ALA O 123 2.46 -9.60 37.35
C ALA O 123 3.90 -10.12 37.19
N GLY O 124 4.13 -10.93 36.16
CA GLY O 124 5.45 -11.51 35.91
C GLY O 124 5.95 -12.46 36.99
N LYS O 125 5.02 -13.06 37.73
CA LYS O 125 5.33 -14.03 38.77
C LYS O 125 4.45 -15.26 38.55
N GLU O 126 5.03 -16.25 37.89
CA GLU O 126 4.28 -17.40 37.40
C GLU O 126 3.90 -18.36 38.52
N LEU O 127 2.82 -19.10 38.27
CA LEU O 127 2.28 -20.09 39.20
C LEU O 127 3.28 -21.18 39.54
N GLY O 128 4.24 -21.41 38.64
CA GLY O 128 5.25 -22.44 38.83
C GLY O 128 4.77 -23.83 38.47
N LEU O 129 3.82 -23.91 37.54
CA LEU O 129 3.18 -25.17 37.16
C LEU O 129 3.50 -25.61 35.75
N SER O 130 3.79 -26.91 35.62
CA SER O 130 3.84 -27.59 34.34
C SER O 130 2.60 -28.49 34.19
N LEU O 131 1.88 -28.35 33.08
CA LEU O 131 0.56 -28.95 32.91
C LEU O 131 0.42 -29.97 31.78
N SER O 132 -0.33 -31.03 32.05
CA SER O 132 -0.69 -32.01 31.01
C SER O 132 -2.19 -32.02 30.80
N PRO O 133 -2.66 -31.59 29.61
CA PRO O 133 -4.08 -31.59 29.31
C PRO O 133 -4.62 -32.98 28.98
N ASN O 134 -5.83 -33.25 29.49
CA ASN O 134 -6.54 -34.49 29.23
C ASN O 134 -8.04 -34.22 29.20
N GLU O 135 -8.86 -35.25 29.18
CA GLU O 135 -10.30 -35.05 28.99
C GLU O 135 -11.05 -34.59 30.25
N ILE O 136 -10.35 -34.55 31.40
CA ILE O 136 -10.88 -34.01 32.65
C ILE O 136 -10.42 -32.55 32.91
N GLY O 137 -9.16 -32.26 32.61
CA GLY O 137 -8.58 -30.95 32.86
C GLY O 137 -7.08 -30.95 32.61
N CYS O 138 -6.35 -30.11 33.36
CA CYS O 138 -4.90 -30.13 33.33
C CYS O 138 -4.34 -30.79 34.57
N THR O 139 -3.57 -31.86 34.38
CA THR O 139 -2.94 -32.52 35.50
C THR O 139 -1.62 -31.82 35.72
N ILE O 140 -1.37 -31.41 36.96
CA ILE O 140 -0.08 -30.84 37.31
C ILE O 140 0.99 -31.93 37.15
N ALA O 141 1.81 -31.83 36.11
CA ALA O 141 2.91 -32.82 35.93
C ALA O 141 4.13 -32.50 36.81
N ASP O 142 4.26 -31.24 37.19
CA ASP O 142 5.37 -30.79 38.00
C ASP O 142 5.08 -29.42 38.55
N LEU O 143 5.75 -29.05 39.64
CA LEU O 143 5.55 -27.75 40.24
C LEU O 143 6.72 -27.27 41.09
N ILE O 144 7.15 -26.03 40.82
CA ILE O 144 8.23 -25.41 41.58
C ILE O 144 7.66 -24.70 42.81
N GLN O 145 8.01 -25.22 43.98
CA GLN O 145 7.56 -24.65 45.25
C GLN O 145 8.16 -23.28 45.49
N GLY O 146 7.37 -22.41 46.12
CA GLY O 146 7.84 -21.10 46.54
C GLY O 146 7.42 -19.92 45.69
N GLN O 147 6.47 -20.12 44.79
CA GLN O 147 5.95 -19.00 44.01
C GLN O 147 4.82 -18.31 44.78
N TYR O 148 3.83 -19.10 45.18
CA TYR O 148 2.69 -18.63 45.96
C TYR O 148 2.43 -19.62 47.10
N PRO O 149 2.26 -19.10 48.33
CA PRO O 149 2.02 -19.94 49.51
C PRO O 149 0.72 -20.74 49.47
N GLU O 150 -0.28 -20.26 48.72
CA GLU O 150 -1.53 -20.99 48.50
C GLU O 150 -1.26 -22.28 47.75
N ILE O 151 -0.60 -22.15 46.60
CA ILE O 151 -0.22 -23.31 45.80
C ILE O 151 0.65 -24.27 46.61
N ASP O 152 1.63 -23.73 47.33
CA ASP O 152 2.51 -24.53 48.18
C ASP O 152 1.75 -25.41 49.15
N SER O 153 0.69 -24.88 49.76
CA SER O 153 -0.06 -25.66 50.74
C SER O 153 -1.17 -26.51 50.12
N LYS O 154 -1.78 -26.04 49.04
CA LYS O 154 -2.99 -26.69 48.57
C LYS O 154 -2.86 -27.60 47.35
N LEU O 155 -1.68 -27.62 46.71
CA LEU O 155 -1.49 -28.33 45.43
C LEU O 155 -0.27 -29.26 45.35
N GLN O 156 -0.36 -30.26 44.47
CA GLN O 156 0.72 -31.22 44.26
C GLN O 156 0.65 -31.85 42.86
N ARG O 157 1.73 -32.53 42.48
CA ARG O 157 1.82 -33.26 41.23
C ARG O 157 0.66 -34.26 41.21
N GLY O 158 -0.05 -34.30 40.09
CA GLY O 158 -1.15 -35.23 39.93
C GLY O 158 -2.53 -34.72 40.26
N ASP O 159 -2.63 -33.50 40.78
CA ASP O 159 -3.93 -32.87 40.90
C ASP O 159 -4.37 -32.50 39.50
N ILE O 160 -5.69 -32.51 39.26
CA ILE O 160 -6.22 -32.04 37.99
C ILE O 160 -6.93 -30.69 38.15
N ILE O 161 -6.40 -29.67 37.49
CA ILE O 161 -7.08 -28.40 37.46
C ILE O 161 -8.13 -28.49 36.38
N THR O 162 -9.39 -28.35 36.81
CA THR O 162 -10.52 -28.50 35.90
C THR O 162 -11.06 -27.16 35.43
N LYS O 163 -10.73 -26.08 36.15
CA LYS O 163 -11.33 -24.79 35.90
C LYS O 163 -10.38 -23.67 36.28
N PHE O 164 -10.20 -22.70 35.38
CA PHE O 164 -9.35 -21.53 35.64
C PHE O 164 -10.06 -20.22 35.25
N ASN O 165 -10.29 -19.35 36.24
CA ASN O 165 -10.87 -18.02 35.98
C ASN O 165 -12.21 -18.07 35.26
N GLY O 166 -13.04 -19.06 35.59
CA GLY O 166 -14.31 -19.23 34.92
C GLY O 166 -14.30 -20.21 33.75
N ASP O 167 -13.12 -20.52 33.21
CA ASP O 167 -13.02 -21.40 32.04
C ASP O 167 -12.82 -22.88 32.38
N ALA O 168 -13.70 -23.71 31.83
CA ALA O 168 -13.55 -25.16 31.89
C ALA O 168 -12.33 -25.50 31.05
N LEU O 169 -11.52 -26.43 31.57
CA LEU O 169 -10.20 -26.73 31.05
C LEU O 169 -10.11 -28.10 30.40
N GLU O 170 -11.24 -28.78 30.23
CA GLU O 170 -11.20 -30.17 29.76
C GLU O 170 -11.05 -30.22 28.26
N GLY O 171 -10.17 -31.10 27.79
CA GLY O 171 -10.09 -31.44 26.38
C GLY O 171 -9.65 -30.32 25.46
N LEU O 172 -8.94 -29.35 26.03
CA LEU O 172 -8.40 -28.23 25.26
C LEU O 172 -6.97 -28.53 24.80
N PRO O 173 -6.55 -27.96 23.67
CA PRO O 173 -5.10 -28.16 23.40
C PRO O 173 -4.22 -27.47 24.47
N PHE O 174 -2.97 -27.91 24.58
CA PHE O 174 -2.07 -27.26 25.53
C PHE O 174 -1.96 -25.76 25.29
N GLN O 175 -1.79 -25.36 24.04
CA GLN O 175 -1.64 -23.95 23.70
C GLN O 175 -2.79 -23.08 24.26
N VAL O 176 -4.03 -23.57 24.17
CA VAL O 176 -5.17 -22.86 24.73
C VAL O 176 -5.10 -22.71 26.26
N CYS O 177 -4.86 -23.82 26.96
CA CYS O 177 -4.71 -23.82 28.41
C CYS O 177 -3.64 -22.83 28.79
N TYR O 178 -2.52 -22.86 28.08
CA TYR O 178 -1.39 -21.97 28.39
C TYR O 178 -1.79 -20.50 28.30
N ALA O 179 -2.53 -20.13 27.26
CA ALA O 179 -2.96 -18.75 27.10
C ALA O 179 -3.94 -18.30 28.19
N LEU O 180 -4.73 -19.22 28.71
CA LEU O 180 -5.68 -18.87 29.76
C LEU O 180 -4.96 -18.53 31.04
N PHE O 181 -3.92 -19.30 31.38
CA PHE O 181 -3.15 -19.04 32.59
C PHE O 181 -2.33 -17.76 32.46
N LYS O 182 -1.79 -17.50 31.27
CA LYS O 182 -0.91 -16.37 31.09
C LYS O 182 -1.69 -15.07 30.89
N GLY O 183 -3.01 -15.18 30.71
CA GLY O 183 -3.84 -14.01 30.46
C GLY O 183 -4.51 -13.51 31.71
N ALA O 184 -4.28 -14.19 32.83
CA ALA O 184 -4.86 -13.78 34.09
C ALA O 184 -3.86 -13.05 34.95
N ASN O 185 -4.09 -11.76 35.19
CA ASN O 185 -3.40 -11.05 36.27
C ASN O 185 -4.47 -10.37 37.13
N GLY O 186 -4.34 -10.53 38.44
CA GLY O 186 -5.38 -10.12 39.39
C GLY O 186 -5.91 -11.34 40.16
N LYS O 187 -7.19 -11.30 40.50
CA LYS O 187 -7.84 -12.44 41.16
C LYS O 187 -7.81 -13.72 40.30
N VAL O 188 -7.33 -14.80 40.92
CA VAL O 188 -7.26 -16.10 40.28
C VAL O 188 -8.05 -17.11 41.12
N SER O 189 -9.01 -17.78 40.49
CA SER O 189 -9.75 -18.87 41.10
C SER O 189 -9.53 -20.19 40.36
N MET O 190 -9.24 -21.26 41.09
CA MET O 190 -8.99 -22.57 40.48
C MET O 190 -9.87 -23.69 41.03
N GLU O 191 -10.51 -24.43 40.14
CA GLU O 191 -11.24 -25.64 40.55
C GLU O 191 -10.41 -26.88 40.31
N VAL O 192 -10.12 -27.61 41.40
CA VAL O 192 -9.23 -28.76 41.36
C VAL O 192 -9.95 -30.07 41.73
N THR O 193 -9.63 -31.15 41.02
CA THR O 193 -10.11 -32.50 41.34
C THR O 193 -8.92 -33.39 41.68
N ARG O 194 -8.96 -33.99 42.86
CA ARG O 194 -7.94 -34.91 43.33
C ARG O 194 -8.65 -36.19 43.74
N PRO O 195 -8.05 -37.36 43.43
CA PRO O 195 -8.61 -38.63 43.87
C PRO O 195 -8.55 -38.82 45.39
N LYS O 196 -9.57 -39.50 45.90
CA LYS O 196 -9.61 -39.96 47.26
C LYS O 196 -10.14 -41.39 47.23
N PRO O 197 -9.32 -42.38 46.83
CA PRO O 197 -9.83 -43.76 46.76
C PRO O 197 -10.18 -44.26 48.15
N THR O 198 -11.07 -45.25 48.28
CA THR O 198 -11.22 -45.90 49.59
C THR O 198 -10.03 -46.84 49.82
N LEU O 199 -9.65 -47.06 51.08
CA LEU O 199 -8.46 -47.84 51.40
C LEU O 199 -8.64 -49.33 51.08
N ARG O 200 -7.65 -49.89 50.38
CA ARG O 200 -7.71 -51.27 49.86
C ARG O 200 -6.36 -51.99 49.97
N THR O 201 -5.47 -51.48 50.82
CA THR O 201 -4.13 -52.06 51.01
C THR O 201 -3.80 -52.23 52.50
N GLU O 202 -2.64 -52.83 52.80
CA GLU O 202 -2.14 -52.97 54.17
C GLU O 202 -0.60 -53.19 54.23
N ALA O 203 -0.04 -53.23 55.43
CA ALA O 203 1.36 -53.60 55.66
C ALA O 203 1.51 -54.25 57.04
N ALA P 1 6.14 -19.27 30.80
CA ALA P 1 7.35 -18.96 30.03
C ALA P 1 8.03 -20.25 29.58
N LEU P 2 8.86 -20.16 28.55
CA LEU P 2 9.65 -21.29 28.10
C LEU P 2 10.92 -21.35 28.91
N ARG P 3 11.08 -22.41 29.69
CA ARG P 3 12.28 -22.61 30.51
C ARG P 3 12.96 -23.90 30.04
N ASN P 4 14.16 -23.75 29.50
CA ASN P 4 14.77 -24.72 28.57
C ASN P 4 13.80 -25.10 27.42
N GLY P 5 13.18 -26.28 27.46
CA GLY P 5 12.21 -26.67 26.42
C GLY P 5 10.75 -26.82 26.84
N GLN P 6 10.46 -26.52 28.11
CA GLN P 6 9.12 -26.69 28.67
C GLN P 6 8.37 -25.37 28.86
N TYR P 7 7.05 -25.40 28.65
CA TYR P 7 6.22 -24.24 28.97
C TYR P 7 5.75 -24.26 30.41
N TRP P 8 6.12 -23.22 31.14
CA TRP P 8 5.67 -23.06 32.53
C TRP P 8 4.62 -21.99 32.70
N VAL P 9 3.71 -22.25 33.62
CA VAL P 9 2.55 -21.42 33.84
C VAL P 9 2.63 -20.83 35.28
S1 DTT Q . 6.87 -6.79 2.20
C1 DTT Q . 5.08 -6.58 2.41
C2 DTT Q . 4.38 -7.07 1.14
O2 DTT Q . 2.99 -7.04 1.34
C3 DTT Q . 4.80 -8.48 0.68
O3 DTT Q . 5.98 -8.41 -0.08
C4 DTT Q . 5.00 -9.51 1.79
S4 DTT Q . 5.24 -11.19 1.10
S1 DTV R . 2.38 -0.42 -2.65
C1 DTV R . 2.68 -1.35 -1.13
C2 DTV R . 3.53 -0.50 -0.18
O2 DTV R . 4.92 -0.54 -0.51
C3 DTV R . 2.95 0.91 -0.24
O3 DTV R . 3.96 1.90 -0.18
C4 DTV R . 1.94 1.08 0.89
S4 DTV R . 2.17 2.71 1.57
S1 DTT S . 2.72 9.68 -3.28
C1 DTT S . 2.28 8.60 -1.89
C2 DTT S . 0.84 8.77 -1.39
O2 DTT S . -0.09 8.16 -2.29
C3 DTT S . 0.45 10.23 -1.05
O3 DTT S . 1.56 11.04 -0.71
C4 DTT S . -0.32 11.01 -2.10
S4 DTT S . -0.84 12.54 -1.27
S SO4 T . -21.60 -16.07 -1.61
O1 SO4 T . -21.54 -17.54 -1.76
O2 SO4 T . -20.23 -15.61 -1.18
O3 SO4 T . -21.98 -15.53 -2.94
O4 SO4 T . -22.61 -15.67 -0.59
S1 DTT U . -3.29 -2.92 -1.77
C1 DTT U . -3.82 -1.38 -0.99
C2 DTT U . -5.17 -1.62 -0.36
O2 DTT U . -6.23 -1.20 -1.23
C3 DTT U . -5.27 -1.03 1.06
O3 DTT U . -5.91 -1.89 2.00
C4 DTT U . -3.91 -0.58 1.59
S4 DTT U . -4.02 1.21 1.70
S1 DTT V . -5.05 0.96 -11.85
C1 DTT V . -5.73 1.57 -10.29
C2 DTT V . -5.52 0.50 -9.21
O2 DTT V . -6.45 -0.50 -9.49
C3 DTT V . -5.62 0.96 -7.75
O3 DTT V . -4.30 1.27 -7.35
C4 DTT V . -6.51 2.17 -7.46
S4 DTT V . -8.28 1.77 -7.57
S SO4 W . -15.79 41.09 -32.08
O1 SO4 W . -16.63 40.23 -31.23
O2 SO4 W . -14.42 41.21 -31.55
O3 SO4 W . -15.65 40.48 -33.42
O4 SO4 W . -16.48 42.41 -32.16
S SO4 X . -34.38 50.40 -29.29
O1 SO4 X . -35.84 50.29 -29.10
O2 SO4 X . -33.81 49.15 -29.82
O3 SO4 X . -34.09 51.42 -30.31
O4 SO4 X . -33.77 50.74 -27.98
S SO4 Y . 8.22 -43.30 32.48
O1 SO4 Y . 8.05 -44.71 32.90
O2 SO4 Y . 9.47 -43.12 31.71
O3 SO4 Y . 7.05 -42.86 31.67
O4 SO4 Y . 8.31 -42.48 33.69
S SO4 Z . -3.63 -60.08 30.97
O1 SO4 Z . -4.99 -60.60 31.16
O2 SO4 Z . -2.71 -60.88 31.78
O3 SO4 Z . -3.31 -60.12 29.53
O4 SO4 Z . -3.49 -58.69 31.43
#